data_7SAE
#
_entry.id   7SAE
#
_cell.length_a   1.00
_cell.length_b   1.00
_cell.length_c   1.00
_cell.angle_alpha   90.00
_cell.angle_beta   90.00
_cell.angle_gamma   90.00
#
_symmetry.space_group_name_H-M   'P 1'
#
loop_
_entity.id
_entity.type
_entity.pdbx_description
1 polymer 'RNA (2434-MER)'
2 polymer '50S ribosomal protein L2'
3 polymer '50S ribosomal protein L3'
4 polymer '50S ribosomal protein L4'
5 polymer '50S ribosomal protein L13'
6 polymer '50S ribosomal protein L14'
7 polymer '50S ribosomal protein L15'
8 polymer '50S ribosomal protein L17'
9 polymer '50S ribosomal protein L19'
10 polymer '50S ribosomal protein L20'
11 polymer '50S ribosomal protein L21'
12 polymer '50S ribosomal protein L22'
13 polymer '50S ribosomal protein L23'
14 polymer '50S ribosomal protein L24'
15 polymer '50S ribosomal protein L27'
16 polymer '50S ribosomal protein L30'
17 polymer '50S ribosomal protein L32'
18 polymer '50S ribosomal protein L29'
19 polymer '50S ribosomal protein L34'
#
loop_
_entity_poly.entity_id
_entity_poly.type
_entity_poly.pdbx_seq_one_letter_code
_entity_poly.pdbx_strand_id
1 'polyribonucleotide'
;GGUUAAGUUAGAAAGGGCGCACGGUGGAUGCCUUGGCACUAGGAGCCGAUGAAGGACGGGACGAACACCGAUAUGCUUCG
GGGAGCUGUAAGCAAGCUUUGAUCCGGAGAUUUCCGAAUGGGGAAACCCACCACUCGUAAUGGAGUGGUAUCCAUAUCUG
AAUUCAUAGGAUAUGAGAAGGCAGACCCGGGGAACUGAAACAUCUAAGUACCCGGAGGAAGAGAAAGCAAAUGCGAUUCC
CUGAGUAGCGGCGAGCGAAACGGGAUCAGCCCAAACCAAGAGGCUUGCCUCUUGGGGUUGUAGGACACUCUGUACGGAGU
UACAAAGGAACGAGGUAGAUGAAGAGGUCUGGAAAGGCCCGCCAUAGGAGGUAACAGCCCUGUAGUCAAAACUUCGUUCU
CUCCUGAGUGGAUCCUGAGUACGGCGGAACACGUGAAAUUCCGUCGGAAUCCGGGAGGACCAUCUCCCAAGGCUAAAUAC
UCCCUAGUGACCGAUAGUGAACCAGUACCGUGAGGGAAAGGUGAAAAGCACCCCGGAAGGGGAGUGAAAGAGAUCCUGAA
ACCGUGUGCCUACAAGUAGUCAGAGCCCGUUAACGGGUGAUGGCGUGCCUUUUGUAGAAUGAACCGGCGAGUUACGAUCU
CGUGCAAGGUUAAGCAGAAGAUGCGGAGCCGCAGCGAAAGCGAGUCUGAAUAGGGCGCAUGAGUACGUGGUCGUAGACCC
GAAACCAGGUGAUCUACCCAUGUCCAGGGUGAAGUUCAGGUAACACUGAAUGGAGGCCCGAACCCACGCACGUUGAAAAG
UGCGGGGAUGAGGUGUGGGUAGGGGUGAAAUGCCAAUCGAACCUGGAGAUAGCUGGUUCUCUCCGAAAUAGCUUUAGGGC
UAGCCUCAAGGUAAGAGUCUUGGAGGUAGAGCACUGAUUGGACUAGGGGCCCCUACCGGGUUACCGAAUUCAGUCAAACU
CCGAAUGCCAAUGACUUAUCCUUGGGAGUCAGACUGCGAGUGAUAAGAUCCGUAGUCGAAAGGGAAACAGCCCAGACCGC
CAGCUAAGGUCCCAAAGUAUACGUUAAGUGGAAAAGGAUGUGGAGUUGCUUAGACAACCAGGAUGUUGGCUUAGAAGCAG
CCACCAUUUAAAGAGUGCGUAAUAGCUCACUGGUCGAGUGACUCUGCGCCGAAAAUGUACCGGGGCUAAACGUAUCACCG
AAGCUGCGGACUGUUCUUCGAACAGUGGUAGGAGAGCGUUCUAAGGGCUGUGAAGCCAGACCGGAAGGACUGGUGGAGCG
CUUAGAAGUGAGAAUGCCGGUAUGAGUAGCGAAAGAGGGGUGAGAAUCCCCUCCACCGAAUGCCUAAGGUUUCCUGAGGA
AGGCUCGUCCGCUCAGGGUUAGUCGGGACCUAAGCCGAGGCCGAAAGGCGUAGGCGAUGGACAACAGGUUGAUAUUCCUG
UACCACCUCCUCACCAUUUGAGCAAUGGGGGGACGCAGGAGGAUAGGGUAAGCGCGGUAUUGGAUAUCCGCGUCCAAGCA
GUUAGGCUGGGAAAUAGGCAAAUCCGUUUCCCAUAAGCCUGAGCUGUGAUGGCGAGCGAAAUAUAGUAGCGAAGUUCCUG
AUUCCACACUGCCAAGAAAAGCCUCUAGCGAGGUGAGAGGUGCCCGUACCGCAAACCGACACAGGUAGGCGAGGAGAGAA
UCCUAAGGUGAUCGAGAGAACUCUCGUUAAGGAACUCGGCAAAAUGACCCCGUAACUUCGGGAGAAGGGGUGCUCUGUUA
GGGUGCAAGCCCGAGAGAGCCGCAGUGAAUAGGCCCAGGCGACUGUUUAGCAAAAACACAGGUCUCUGCGAAGCCGUAAG
GCGAAGUAUAGGGGCUGACGCCUGCCCGGUGCUGGAAGGUUAAGAGGAGCGCUUAGCGUAAGCGAAGGUGCGAAUUGAAG
CCCCAGUAAACGGCGGCCGUAACUAUAACGGUCCUAAGGUAGCGAAAUUCCUUGUCGGGUAAGUUCCGACCCGCACGAAA
GGCGCAACGAUCUGGGCACUGUCUCAACGAGAGACUCGGUGAAAUUAUAGUACCUGUGAAGAUGCAGGUUACCCGCGACA
GGACGGAAAGACCCCGUGGAGCUUUACUGCAGCCUGAUAUUGAAUGUUGGUACAGCUUGUACAGGAUAGGUAGGAGCCUU
GGAAACCGGAGCGCCAGCUUCGGUGGAGGCAUCGGUGGGAUACUACCCUGGCUGUAUUGACCUUCUAACCCGCCGCCCUU
AUCGGGCGGGGAGACAGUGUCAGGUGGGCAGUUUGACUGGGGCGGUCGCCUCCUAAAAGGUAACGGAGGCGCCCAAAGGU
UCCCUCAGAAUGGUUGGAAAUCAUUCGCAGAGUGUAAAGGCACAAGGGAGCUUGACUGCGAGACCUACAAGUCGAGCAGG
GACGAAAGUCGGGCUUAGUGAUCCGGUGGUUCCGCAUGGAAGGGCCAUCGCUCAACGGAUAAAAGCUACCCCGGGGAUAA
CAGGCUUAUCUCCCCCAAGAGUCCACAUCGACGGGGAGGUUUGGCACCUCGAUGUCGGCUCAUCGCAUCCUGGGGCUGUA
GUCGGUCCCAAGGGUUGGGCUGUUCGCCCAUUAAAGCGGUACGCGAGCUGGGUUCAGAACGUCGUGAGACAGUUCGGUCC
CUAUCCGUCGCGGGCGCAGGAAAUUUGAGAGGAGCUGUCCUUAGUACGAGAGGACCGGGAUGGACGCACCGCUGGUGUAC
CAGUUGUUCUGCCAAGGGCAUCGCUGGGUAGCUAUGUGCGGACGGGAUAAGUGCUGAAAGCAUCUAAGCAUGAAGCCCCC
CUCAAGAUGAGAUUUCCCAUUCCGCAAGGAAGUAAGAUCCCUGAAAGAUGAUCAGGUUGAUAGGUCUGAGGUGGAAGUGU
GGCGACACAUGGAGCUGACAGAUACUAAUCGAUCGAGGACUUAACCAU
;
A
2 'polypeptide(L)'
;MAIKKYKPTSNGRRGMTTSDFAEITTDKPEKSLLAPLHKKGGRNNQGKLTVRHQGGGHKRQYRVIDFKRDKDGIPGRVAT
VEYDPNRSANIALINYADGEKRYILAPKGIQVGTEIMSGPEADIKVGNALPLINIPVGTVVHNIELKPGKGGQLVRSAGT
SAQVLGKEGKYVLVRLNSGEVRMILSACRASIGQVGNEQHELINIGKAGRSRWKGIRPTVRGSVMNPNDHPHGGGEGRAP
IGRKSPMSPWGKPTLGFKTRKKKNKSDKFIVRRRKNK
;
C
3 'polypeptide(L)'
;MTKGILGRKIGMTQVFAENGDLIPVTVIEAAPNVVLQKKTAENDGYEAIQLGFDDKREKLSNKPEKGHVAKAETAPKRFV
KELRGVEMDAYEVGQEVKVEIFSAGEIVDVTGVSKGKGFQGAIKRHGQSRGPMSHGSRYHRRPGSMGPVDPNRVFKGKLL
PGRMGGEQITVQNLEIVKVDAERNLLLIKGNVPGAKKSLITVKSAVKSK
;
D
4 'polypeptide(L)'
;MPKVALYNQNGSTAGDIELNASVFGIEPNESVVFDAILMQRASLRQGTHKVKNRSEVRGGGRKPWRQKGTGRARQGSIRS
PQWRGGGVVFGPTPRSYSYKLPKKVRRLAIKSVLSSKVIDNNIIVLEDLTLDTAKTKEMAAILKGLSVEKKALIVTADAN
EAVALSARNIPGVTVVEANGINVLDVVNHEKLLITKAAVEKVEEVLA
;
E
5 'polypeptide(L)'
;MRTTPMANASTIERKWLVVDAAGKTLGRLSSEVAAILRGKHKPTYTPHVDTGDHVIIINAEKIELTGKKLTDKIYYRHTQ
HPGGLKSRTALEMRTNYPEKMLELAIKGMLPKGSLGRQMFKKLNVYRGSEHPHEAQKPEVYELRG
;
J
6 'polypeptide(L)'
;MIQQETRLKVADNSGAREVLTIKVLGGSGRKTANIGDVIVCTVKQATPGGVVKKGEVVKAVIVRTKSGARRSDGSYISFD
ENACVIIRDDKSPRGTRIFGPVARELRENNFMKIVSLAPEVI
;
K
7 'polypeptide(L)'
;MKLHELKPSEGSRKTRNRVGRGIGSGNGKTAGKGHKGQNARSGGGVRPGFEGGQMPLFQRLPKRGFTNINRKEYAVVNLD
KLNGFAEGTEVTPELLLETGVISKLNAGVKILGNGKLEKKLTVKANKFSASAKEAVEAAGGTAEVI
;
L
8 'polypeptide(L)'
;MSYRKLGRTSAQRKAMLRDLTTDLIINERIETTETRAKELRSVVEKMITLGKRGDLHARRQAAAYIRNEVANEENNQDAL
QKLFSDIATRYEERQGGYTRIMKLGPRRGDGAPMAIIELV
;
N
9 'polypeptide(L)'
;MQKLIEDITKEQLRTDLPAFRPGDTLRVHVKVVEGNRERIQIFEGVVIKRRGGGISETFTVRKISYGVGVERTFPVHTPK
IAKIEVVRYGKVRRAKLYYLRELRGKAARIKEIRR
;
P
10 'polypeptide(L)'
;MPRVKGGTVTRKRRKKVLKLAKGYFGSKHTLYKVANQQVMKSGNYAFRDRRQKKRDFRKLWITRINAAARMNGLSYSRLM
HGLKLSGIEVNRKMLADLAVNDLTAFNQLADAAKAQLNK
;
Q
11 'polypeptide(L)'
;MYAIIKTGGKQIKVEEGQTVYIEKLAAEAGETVTFEDVLFVGGDNVKVGNPTVEGATVTAKVEKQGRAKKITVHRYKPKK
NVAKKQGHRQPYTKVTIEKINA
;
R
12 'polypeptide(L)'
;MQAKAVARTVRIAPRKARLVMDLIRGKQVGEAVSILNLTPRAASPIIEKVLKSAIANAEHNYEMDANNLVISQAFVDEGP
TLKRFRPRAMGRASQINKRTSHITIVVSEKKEG
;
S
13 'polypeptide(L)'
;MKDPRDVLKRPVITERSADLMTEKKYTFEVDVRANKTEVKDAVESIFGVKVDKVNIMNYKGKSKRVGRYTGMTSRRRKAI
VKLTADSKEIEIFEA
;
T
14 'polypeptide(L)'
;MHVKKGDKVMVISGKDKGKQGTILAAFPKKDRVLVEGVNMVKKHSKPTQANPQGGISNQEAPIHVSNVMPLDPKTGEVTR
VGYKVEDGKKVRVAKKSGQVLDK
;
U
15 'polypeptide(L)'
;MLRLDLQFFASKKGVGSTKNGRDSEAKRLGAKRADGQFVTGGSILYRQRGTKIYPGENVGRGGDDTLFAKIDGTVKFERF
GRDRKKVSVYPVAQ
;
V
16 'polypeptide(L)' MAKLEITLKRSVIGRPEDQRVTVRTLGLKKTNQTVVHEDNAAIRGMINKVSHLVSVKEQ Z
17 'polypeptide(L)' MAVPFRRTSKMKKRLRRTHFKLNVPGMTECPSCGEMKLSHRVCKACGSYNGKDINVKSN b
18 'polypeptide(L)' MKANEIRDLTTAEIEQKVKSLKEELFNLRFQLATGQLENTARIREVRKAIARMKTVIREREIAANK Y
19 'polypeptide(L)' MKRTFQPNNRKRSKVHGFRSRMSSKNGRLVLARRRRKGRKVLSA d
#
loop_
_chem_comp.id
_chem_comp.type
_chem_comp.name
_chem_comp.formula
A RNA linking ADENOSINE-5'-MONOPHOSPHATE 'C10 H14 N5 O7 P'
C RNA linking CYTIDINE-5'-MONOPHOSPHATE 'C9 H14 N3 O8 P'
G RNA linking GUANOSINE-5'-MONOPHOSPHATE 'C10 H14 N5 O8 P'
U RNA linking URIDINE-5'-MONOPHOSPHATE 'C9 H13 N2 O9 P'
#
# COMPACT_ATOMS: atom_id res chain seq x y z
N ALA B 2 -80.20 21.42 -11.64
CA ALA B 2 -79.98 20.66 -12.87
C ALA B 2 -78.56 20.14 -12.89
N ILE B 3 -78.21 19.43 -13.97
CA ILE B 3 -76.86 18.90 -14.11
C ILE B 3 -76.26 19.40 -15.42
N LYS B 4 -75.24 20.24 -15.31
CA LYS B 4 -74.51 20.71 -16.48
C LYS B 4 -73.54 19.63 -16.95
N LYS B 5 -73.58 19.33 -18.25
CA LYS B 5 -72.70 18.35 -18.87
C LYS B 5 -71.64 19.06 -19.70
N TYR B 6 -70.44 18.49 -19.72
CA TYR B 6 -69.31 19.09 -20.41
C TYR B 6 -69.06 18.38 -21.73
N LYS B 7 -68.75 19.16 -22.76
CA LYS B 7 -68.39 18.57 -24.04
C LYS B 7 -66.98 17.99 -23.97
N PRO B 8 -66.72 16.87 -24.63
CA PRO B 8 -65.41 16.22 -24.50
C PRO B 8 -64.31 16.90 -25.30
N THR B 9 -63.88 18.09 -24.89
CA THR B 9 -62.80 18.80 -25.56
C THR B 9 -61.43 18.36 -25.11
N SER B 10 -61.36 17.41 -24.18
CA SER B 10 -60.11 16.87 -23.68
C SER B 10 -60.38 15.44 -23.23
N ASN B 11 -59.41 14.84 -22.55
CA ASN B 11 -59.59 13.49 -22.03
C ASN B 11 -59.85 13.44 -20.54
N GLY B 12 -59.63 14.54 -19.83
CA GLY B 12 -59.96 14.61 -18.43
C GLY B 12 -61.21 15.42 -18.24
N ARG B 13 -61.96 15.56 -19.33
CA ARG B 13 -63.15 16.39 -19.37
C ARG B 13 -64.29 15.59 -20.00
N ARG B 14 -64.05 14.33 -20.35
CA ARG B 14 -64.91 13.50 -21.19
C ARG B 14 -66.28 13.22 -20.59
N GLY B 15 -66.32 12.52 -19.45
CA GLY B 15 -67.57 12.21 -18.79
C GLY B 15 -67.91 13.11 -17.62
N MET B 16 -67.21 14.23 -17.48
CA MET B 16 -67.36 15.09 -16.31
C MET B 16 -68.67 15.87 -16.36
N THR B 17 -69.42 15.82 -15.26
CA THR B 17 -70.63 16.62 -15.10
C THR B 17 -70.51 17.41 -13.81
N THR B 18 -71.24 18.51 -13.71
CA THR B 18 -71.25 19.29 -12.49
C THR B 18 -72.65 19.83 -12.25
N SER B 19 -72.85 20.43 -11.09
CA SER B 19 -74.10 21.13 -10.87
C SER B 19 -74.03 22.51 -11.49
N ASP B 20 -75.19 23.12 -11.70
CA ASP B 20 -75.24 24.44 -12.30
C ASP B 20 -75.49 25.56 -11.30
N PHE B 21 -75.79 25.20 -10.05
CA PHE B 21 -76.07 26.13 -8.94
C PHE B 21 -77.19 27.10 -9.30
N ALA B 22 -78.36 26.52 -9.58
CA ALA B 22 -79.50 27.35 -9.97
C ALA B 22 -80.17 27.99 -8.77
N GLU B 23 -80.23 27.28 -7.65
CA GLU B 23 -80.94 27.79 -6.47
C GLU B 23 -80.13 28.83 -5.73
N ILE B 24 -78.83 28.94 -6.03
CA ILE B 24 -77.97 29.90 -5.36
C ILE B 24 -78.29 31.30 -5.86
N THR B 25 -78.49 32.22 -4.92
CA THR B 25 -78.85 33.59 -5.26
C THR B 25 -77.68 34.56 -5.19
N THR B 26 -76.93 34.56 -4.10
CA THR B 26 -75.83 35.49 -3.91
C THR B 26 -74.50 34.73 -3.85
N ASP B 27 -73.41 35.50 -3.84
CA ASP B 27 -72.07 34.94 -3.87
C ASP B 27 -71.17 35.52 -2.77
N LYS B 28 -71.76 36.09 -1.73
CA LYS B 28 -71.02 36.70 -0.64
C LYS B 28 -71.74 36.34 0.66
N PRO B 29 -71.05 35.79 1.64
CA PRO B 29 -71.70 35.42 2.90
C PRO B 29 -71.80 36.60 3.86
N GLU B 30 -72.44 36.34 4.99
CA GLU B 30 -72.51 37.31 6.07
C GLU B 30 -71.24 37.27 6.88
N LYS B 31 -70.69 38.45 7.17
CA LYS B 31 -69.43 38.56 7.89
C LYS B 31 -69.55 38.19 9.36
N SER B 32 -70.70 38.45 9.98
CA SER B 32 -70.87 38.23 11.41
C SER B 32 -71.20 36.79 11.78
N LEU B 33 -71.26 35.88 10.82
CA LEU B 33 -71.68 34.51 11.07
C LEU B 33 -70.67 33.49 10.57
N LEU B 34 -69.40 33.87 10.52
CA LEU B 34 -68.36 32.95 10.06
C LEU B 34 -67.43 32.62 11.23
N ALA B 35 -66.61 31.59 11.01
CA ALA B 35 -65.62 31.18 12.00
C ALA B 35 -64.47 30.54 11.26
N PRO B 36 -63.25 30.59 11.81
CA PRO B 36 -62.13 29.91 11.17
C PRO B 36 -62.22 28.40 11.34
N LEU B 37 -61.59 27.70 10.40
CA LEU B 37 -61.67 26.24 10.35
C LEU B 37 -60.44 25.74 9.61
N HIS B 38 -59.51 25.13 10.33
CA HIS B 38 -58.27 24.68 9.73
C HIS B 38 -58.27 23.16 9.57
N LYS B 39 -57.45 22.69 8.64
CA LYS B 39 -57.43 21.27 8.28
C LYS B 39 -56.59 20.47 9.26
N LYS B 40 -57.05 19.27 9.58
CA LYS B 40 -56.29 18.43 10.51
C LYS B 40 -55.34 17.49 9.78
N GLY B 41 -55.73 16.98 8.63
CA GLY B 41 -54.94 16.02 7.92
C GLY B 41 -55.15 14.59 8.35
N GLY B 42 -56.24 14.31 9.08
CA GLY B 42 -56.46 12.99 9.62
C GLY B 42 -55.55 12.63 10.77
N ARG B 43 -55.01 13.62 11.47
CA ARG B 43 -54.01 13.42 12.49
C ARG B 43 -54.61 13.62 13.87
N ASN B 44 -53.97 13.00 14.86
CA ASN B 44 -54.47 12.95 16.22
C ASN B 44 -53.93 14.13 17.03
N ASN B 45 -54.22 14.17 18.32
CA ASN B 45 -53.58 15.11 19.23
C ASN B 45 -52.20 14.65 19.65
N GLN B 46 -51.84 13.41 19.34
CA GLN B 46 -50.47 12.92 19.46
C GLN B 46 -49.68 13.15 18.19
N GLY B 47 -50.30 13.66 17.14
CA GLY B 47 -49.63 13.93 15.89
C GLY B 47 -49.55 12.77 14.94
N LYS B 48 -50.18 11.64 15.25
CA LYS B 48 -50.07 10.44 14.44
C LYS B 48 -51.26 10.32 13.49
N LEU B 49 -51.02 9.69 12.36
CA LEU B 49 -52.06 9.44 11.38
C LEU B 49 -52.97 8.33 11.87
N THR B 50 -54.23 8.66 12.12
CA THR B 50 -55.21 7.70 12.60
C THR B 50 -56.32 7.42 11.60
N VAL B 51 -56.57 8.33 10.66
CA VAL B 51 -57.56 8.11 9.61
C VAL B 51 -56.88 8.33 8.27
N ARG B 52 -56.85 7.30 7.43
CA ARG B 52 -56.13 7.43 6.18
C ARG B 52 -57.02 8.06 5.12
N HIS B 53 -56.39 8.35 3.97
CA HIS B 53 -57.02 8.85 2.74
C HIS B 53 -57.69 10.21 2.95
N GLN B 54 -57.11 11.05 3.81
CA GLN B 54 -57.67 12.37 4.09
C GLN B 54 -56.52 13.37 4.21
N GLY B 55 -56.61 14.46 3.47
CA GLY B 55 -55.67 15.55 3.63
C GLY B 55 -55.42 16.43 2.42
N GLY B 56 -55.39 17.74 2.65
CA GLY B 56 -54.95 18.70 1.66
C GLY B 56 -55.93 19.11 0.59
N GLY B 57 -57.03 19.75 0.97
CA GLY B 57 -58.01 20.17 0.00
C GLY B 57 -57.95 21.64 -0.36
N HIS B 58 -59.03 22.36 -0.09
CA HIS B 58 -59.11 23.79 -0.31
C HIS B 58 -59.41 24.45 1.02
N LYS B 59 -58.86 25.63 1.25
CA LYS B 59 -59.18 26.41 2.43
C LYS B 59 -60.65 26.82 2.44
N ARG B 60 -61.30 26.65 3.57
CA ARG B 60 -62.72 26.95 3.68
C ARG B 60 -63.04 27.48 5.07
N GLN B 61 -64.07 28.30 5.16
CA GLN B 61 -64.50 28.89 6.41
C GLN B 61 -65.56 28.01 7.06
N TYR B 62 -66.16 28.46 8.15
CA TYR B 62 -67.23 27.70 8.78
C TYR B 62 -68.40 28.64 8.99
N ARG B 63 -69.55 28.26 8.45
CA ARG B 63 -70.79 29.00 8.65
C ARG B 63 -71.52 28.39 9.83
N VAL B 64 -71.81 29.19 10.84
CA VAL B 64 -72.48 28.67 12.03
C VAL B 64 -73.98 28.51 11.73
N ILE B 65 -74.45 27.28 11.76
CA ILE B 65 -75.82 26.92 11.42
C ILE B 65 -76.62 26.83 12.71
N ASP B 66 -77.89 27.19 12.63
CA ASP B 66 -78.80 27.15 13.77
C ASP B 66 -79.58 25.85 13.70
N PHE B 67 -79.21 24.89 14.54
CA PHE B 67 -79.85 23.59 14.57
C PHE B 67 -80.94 23.47 15.63
N LYS B 68 -81.07 24.44 16.53
CA LYS B 68 -82.01 24.33 17.63
C LYS B 68 -83.36 24.95 17.34
N ARG B 69 -83.40 25.97 16.46
CA ARG B 69 -84.63 26.59 15.94
C ARG B 69 -85.48 27.20 17.06
N ASP B 70 -84.81 27.76 18.07
CA ASP B 70 -85.48 28.26 19.27
C ASP B 70 -85.69 29.77 19.20
N LYS B 71 -86.61 30.19 18.34
CA LYS B 71 -87.02 31.59 18.28
C LYS B 71 -88.54 31.67 18.18
N ASP B 72 -89.22 30.99 19.10
CA ASP B 72 -90.66 30.77 19.02
C ASP B 72 -91.44 32.08 19.06
N GLY B 73 -92.45 32.17 18.20
CA GLY B 73 -93.29 33.36 18.14
C GLY B 73 -92.85 34.36 17.10
N ILE B 74 -91.55 34.62 17.02
CA ILE B 74 -91.01 35.67 16.16
C ILE B 74 -91.01 35.19 14.71
N PRO B 75 -91.66 35.91 13.79
CA PRO B 75 -91.66 35.48 12.39
C PRO B 75 -90.40 35.85 11.63
N GLY B 76 -89.79 34.87 10.96
CA GLY B 76 -88.64 35.13 10.13
C GLY B 76 -89.00 35.31 8.67
N ARG B 77 -87.99 35.56 7.86
CA ARG B 77 -88.18 35.81 6.44
C ARG B 77 -86.90 35.45 5.70
N VAL B 78 -87.02 34.63 4.66
CA VAL B 78 -85.84 34.16 3.93
C VAL B 78 -85.27 35.29 3.10
N ALA B 79 -83.96 35.48 3.18
CA ALA B 79 -83.27 36.54 2.46
C ALA B 79 -82.47 36.03 1.27
N THR B 80 -81.55 35.09 1.51
CA THR B 80 -80.73 34.52 0.45
C THR B 80 -80.60 33.02 0.65
N VAL B 81 -80.43 32.32 -0.47
CA VAL B 81 -80.05 30.91 -0.49
C VAL B 81 -78.66 30.85 -1.10
N GLU B 82 -77.72 30.17 -0.42
CA GLU B 82 -76.34 30.23 -0.85
C GLU B 82 -75.60 28.95 -0.54
N TYR B 83 -74.34 28.95 -0.93
CA TYR B 83 -73.45 27.81 -0.97
C TYR B 83 -72.80 27.59 0.39
N ASP B 84 -72.52 26.33 0.69
CA ASP B 84 -71.80 26.00 1.91
C ASP B 84 -70.80 24.89 1.59
N PRO B 85 -69.49 25.14 1.75
CA PRO B 85 -68.50 24.11 1.43
C PRO B 85 -68.45 22.97 2.43
N ASN B 86 -68.89 23.18 3.67
CA ASN B 86 -68.79 22.18 4.72
C ASN B 86 -69.90 21.14 4.66
N ARG B 87 -70.83 21.25 3.72
CA ARG B 87 -72.02 20.42 3.71
C ARG B 87 -72.34 19.88 2.33
N SER B 88 -73.53 19.32 2.21
CA SER B 88 -74.07 18.90 0.93
C SER B 88 -75.26 19.73 0.51
N ALA B 89 -76.06 20.20 1.46
CA ALA B 89 -77.21 21.05 1.19
C ALA B 89 -76.78 22.52 1.17
N ASN B 90 -77.63 23.35 0.61
CA ASN B 90 -77.43 24.80 0.63
C ASN B 90 -77.93 25.34 1.95
N ILE B 91 -77.72 26.63 2.19
CA ILE B 91 -78.19 27.24 3.42
C ILE B 91 -79.00 28.48 3.09
N ALA B 92 -79.84 28.88 4.04
CA ALA B 92 -80.72 30.02 3.87
C ALA B 92 -80.49 30.99 5.01
N LEU B 93 -80.39 32.27 4.67
CA LEU B 93 -80.19 33.32 5.66
C LEU B 93 -81.55 33.86 6.08
N ILE B 94 -81.94 33.59 7.30
CA ILE B 94 -83.21 34.03 7.83
C ILE B 94 -83.02 35.37 8.53
N ASN B 95 -83.88 36.32 8.19
CA ASN B 95 -83.84 37.68 8.71
C ASN B 95 -85.06 37.89 9.59
N TYR B 96 -84.87 37.90 10.89
CA TYR B 96 -85.98 37.94 11.82
C TYR B 96 -86.53 39.35 11.96
N ALA B 97 -87.56 39.50 12.79
CA ALA B 97 -88.28 40.77 12.85
C ALA B 97 -87.70 41.72 13.89
N ASP B 98 -87.00 41.20 14.90
CA ASP B 98 -86.41 42.07 15.90
C ASP B 98 -84.99 42.50 15.55
N GLY B 99 -84.41 41.93 14.50
CA GLY B 99 -83.10 42.35 14.02
C GLY B 99 -82.08 41.24 13.93
N GLU B 100 -82.34 40.07 14.49
CA GLU B 100 -81.37 38.99 14.47
C GLU B 100 -81.29 38.35 13.10
N LYS B 101 -80.19 37.65 12.85
CA LYS B 101 -79.98 36.96 11.59
C LYS B 101 -79.46 35.56 11.88
N ARG B 102 -79.97 34.56 11.14
CA ARG B 102 -79.61 33.17 11.40
C ARG B 102 -79.34 32.45 10.09
N TYR B 103 -78.72 31.29 10.19
CA TYR B 103 -78.53 30.36 9.09
C TYR B 103 -79.30 29.08 9.37
N ILE B 104 -80.13 28.66 8.42
CA ILE B 104 -80.83 27.39 8.52
C ILE B 104 -80.49 26.55 7.31
N LEU B 105 -80.79 25.26 7.40
CA LEU B 105 -80.77 24.40 6.23
C LEU B 105 -81.89 24.80 5.28
N ALA B 106 -81.67 24.62 3.99
CA ALA B 106 -82.65 25.02 2.99
C ALA B 106 -83.40 23.79 2.49
N PRO B 107 -84.69 23.64 2.78
CA PRO B 107 -85.47 22.59 2.14
C PRO B 107 -85.77 22.96 0.69
N LYS B 108 -86.25 21.97 -0.05
CA LYS B 108 -86.56 22.20 -1.46
C LYS B 108 -87.85 22.98 -1.58
N GLY B 109 -87.82 24.06 -2.35
CA GLY B 109 -89.04 24.79 -2.65
C GLY B 109 -89.11 26.19 -2.08
N ILE B 110 -88.40 26.47 -0.99
CA ILE B 110 -88.53 27.76 -0.32
C ILE B 110 -87.89 28.86 -1.16
N GLN B 111 -88.58 29.99 -1.28
CA GLN B 111 -88.08 31.08 -2.08
C GLN B 111 -87.78 32.29 -1.20
N VAL B 112 -87.29 33.34 -1.82
CA VAL B 112 -86.97 34.58 -1.12
C VAL B 112 -88.28 35.29 -0.77
N GLY B 113 -88.52 35.51 0.51
CA GLY B 113 -89.70 36.19 1.00
C GLY B 113 -90.64 35.31 1.79
N THR B 114 -90.36 34.00 1.83
CA THR B 114 -91.20 33.07 2.56
C THR B 114 -91.10 33.31 4.06
N GLU B 115 -92.25 33.40 4.72
CA GLU B 115 -92.23 33.58 6.16
C GLU B 115 -91.86 32.27 6.86
N ILE B 116 -91.32 32.41 8.06
CA ILE B 116 -90.78 31.29 8.83
C ILE B 116 -91.16 31.49 10.29
N MET B 117 -91.75 30.48 10.91
CA MET B 117 -92.08 30.56 12.32
C MET B 117 -91.85 29.21 12.98
N SER B 118 -91.45 29.25 14.25
CA SER B 118 -91.22 28.07 15.06
C SER B 118 -92.16 28.08 16.26
N GLY B 119 -91.97 27.12 17.15
CA GLY B 119 -92.78 27.02 18.34
C GLY B 119 -93.72 25.84 18.31
N PRO B 120 -94.49 25.65 19.38
CA PRO B 120 -95.48 24.57 19.40
C PRO B 120 -96.73 24.95 18.62
N GLU B 121 -96.99 26.24 18.47
CA GLU B 121 -98.09 26.72 17.65
C GLU B 121 -97.51 27.44 16.43
N ALA B 122 -97.50 26.70 15.31
CA ALA B 122 -97.08 27.26 14.03
C ALA B 122 -97.83 26.59 12.90
N ASP B 123 -97.52 26.94 11.67
CA ASP B 123 -98.13 26.29 10.52
C ASP B 123 -97.39 24.98 10.24
N ILE B 124 -97.95 24.16 9.35
CA ILE B 124 -97.37 22.86 9.04
C ILE B 124 -96.99 22.89 7.56
N LYS B 125 -96.52 24.04 7.09
CA LYS B 125 -95.99 24.16 5.74
C LYS B 125 -94.49 23.95 5.76
N VAL B 126 -93.87 24.07 4.58
CA VAL B 126 -92.46 23.76 4.45
C VAL B 126 -91.62 24.90 5.02
N GLY B 127 -90.75 24.56 5.97
CA GLY B 127 -89.83 25.52 6.53
C GLY B 127 -89.95 25.66 8.03
N ASN B 128 -91.15 25.46 8.56
CA ASN B 128 -91.41 25.67 9.97
C ASN B 128 -90.83 24.52 10.79
N ALA B 129 -90.71 24.77 12.09
CA ALA B 129 -90.16 23.78 13.02
C ALA B 129 -91.16 23.57 14.14
N LEU B 130 -91.55 22.33 14.34
CA LEU B 130 -92.54 21.97 15.35
C LEU B 130 -91.94 20.90 16.25
N PRO B 131 -92.43 20.74 17.48
CA PRO B 131 -92.06 19.56 18.26
C PRO B 131 -92.81 18.33 17.78
N LEU B 132 -92.45 17.15 18.28
CA LEU B 132 -92.97 15.90 17.75
C LEU B 132 -94.25 15.44 18.42
N ILE B 133 -95.06 16.35 18.94
CA ILE B 133 -96.35 16.01 19.52
C ILE B 133 -97.42 16.82 18.79
N ASN B 134 -96.98 17.84 18.04
CA ASN B 134 -97.89 18.69 17.29
C ASN B 134 -97.77 18.46 15.79
N ILE B 135 -97.00 17.47 15.38
CA ILE B 135 -96.83 17.12 13.96
C ILE B 135 -97.81 16.00 13.63
N PRO B 136 -98.62 16.12 12.59
CA PRO B 136 -99.56 15.05 12.24
C PRO B 136 -98.83 13.84 11.68
N VAL B 137 -99.50 12.69 11.78
CA VAL B 137 -98.92 11.44 11.30
C VAL B 137 -98.93 11.42 9.78
N GLY B 138 -97.75 11.23 9.19
CA GLY B 138 -97.66 11.03 7.76
C GLY B 138 -96.78 12.03 7.04
N THR B 139 -96.53 13.18 7.65
CA THR B 139 -95.80 14.25 6.97
C THR B 139 -94.32 13.91 6.88
N VAL B 140 -93.73 14.29 5.76
CA VAL B 140 -92.29 14.15 5.55
C VAL B 140 -91.58 15.24 6.34
N VAL B 141 -90.55 14.84 7.09
CA VAL B 141 -89.93 15.72 8.07
C VAL B 141 -88.42 15.48 8.03
N HIS B 142 -87.66 16.46 8.50
CA HIS B 142 -86.21 16.37 8.52
C HIS B 142 -85.68 17.09 9.75
N ASN B 143 -84.38 16.93 9.98
CA ASN B 143 -83.61 17.57 11.06
C ASN B 143 -84.17 17.22 12.43
N ILE B 144 -84.10 15.93 12.74
CA ILE B 144 -84.69 15.37 13.95
C ILE B 144 -83.68 15.44 15.09
N GLU B 145 -84.17 15.71 16.30
CA GLU B 145 -83.35 15.69 17.50
C GLU B 145 -83.36 14.30 18.13
N LEU B 146 -82.55 14.13 19.17
CA LEU B 146 -82.59 12.91 19.96
C LEU B 146 -82.81 13.23 21.43
N LYS B 147 -82.16 14.28 21.91
CA LYS B 147 -82.32 14.77 23.28
C LYS B 147 -83.01 16.12 23.24
N PRO B 148 -83.88 16.42 24.21
CA PRO B 148 -84.60 17.69 24.18
C PRO B 148 -83.73 18.92 24.39
N GLY B 149 -83.69 19.80 23.39
CA GLY B 149 -82.96 21.04 23.48
C GLY B 149 -81.51 20.97 23.05
N LYS B 150 -81.09 19.87 22.45
CA LYS B 150 -79.69 19.71 22.04
C LYS B 150 -79.43 20.14 20.61
N GLY B 151 -80.36 19.90 19.70
CA GLY B 151 -80.14 20.22 18.31
C GLY B 151 -80.36 19.01 17.42
N GLY B 152 -80.64 19.28 16.14
CA GLY B 152 -80.92 18.19 15.22
C GLY B 152 -79.67 17.41 14.88
N GLN B 153 -79.81 16.08 14.91
CA GLN B 153 -78.69 15.20 14.61
C GLN B 153 -79.01 14.29 13.43
N LEU B 154 -80.21 13.69 13.44
CA LEU B 154 -80.63 12.84 12.34
C LEU B 154 -81.09 13.70 11.17
N VAL B 155 -81.75 13.06 10.20
CA VAL B 155 -81.54 13.24 8.76
C VAL B 155 -81.30 14.69 8.32
N ARG B 156 -80.12 14.93 7.74
CA ARG B 156 -79.59 16.27 7.63
C ARG B 156 -78.86 16.53 6.32
N SER B 157 -78.69 15.50 5.48
CA SER B 157 -77.87 15.63 4.30
C SER B 157 -78.73 16.12 3.14
N ALA B 158 -78.21 16.08 1.92
CA ALA B 158 -78.91 16.64 0.77
C ALA B 158 -79.85 15.61 0.18
N GLY B 159 -81.14 15.93 0.18
CA GLY B 159 -82.13 15.05 -0.41
C GLY B 159 -82.63 13.94 0.48
N THR B 160 -82.42 14.04 1.78
CA THR B 160 -82.84 13.00 2.73
C THR B 160 -84.13 13.41 3.41
N SER B 161 -84.84 12.41 3.94
CA SER B 161 -86.20 12.61 4.39
C SER B 161 -86.62 11.46 5.31
N ALA B 162 -87.46 11.77 6.29
CA ALA B 162 -88.04 10.79 7.19
C ALA B 162 -89.56 10.89 7.14
N GLN B 163 -90.23 10.07 7.95
CA GLN B 163 -91.68 9.98 7.93
C GLN B 163 -92.19 9.58 9.30
N VAL B 164 -93.26 10.22 9.73
CA VAL B 164 -93.85 9.96 11.04
C VAL B 164 -94.88 8.84 10.88
N LEU B 165 -94.61 7.70 11.51
CA LEU B 165 -95.46 6.52 11.35
C LEU B 165 -96.53 6.43 12.43
N GLY B 166 -96.14 6.52 13.69
CA GLY B 166 -97.09 6.47 14.77
C GLY B 166 -96.94 7.61 15.75
N LYS B 167 -97.89 7.70 16.67
CA LYS B 167 -97.90 8.74 17.69
C LYS B 167 -98.27 8.10 19.03
N GLU B 168 -97.51 7.09 19.44
CA GLU B 168 -97.64 6.57 20.79
C GLU B 168 -97.16 7.62 21.78
N GLY B 169 -97.82 7.68 22.94
CA GLY B 169 -97.52 8.67 23.97
C GLY B 169 -96.13 8.56 24.54
N LYS B 170 -95.41 9.69 24.54
CA LYS B 170 -94.07 9.95 25.07
C LYS B 170 -92.96 9.32 24.22
N TYR B 171 -93.31 8.48 23.25
CA TYR B 171 -92.34 7.70 22.48
C TYR B 171 -92.72 7.65 21.01
N VAL B 172 -92.91 8.82 20.39
CA VAL B 172 -93.37 8.94 19.02
C VAL B 172 -92.39 8.27 18.07
N LEU B 173 -92.86 7.28 17.32
CA LEU B 173 -91.95 6.49 16.50
C LEU B 173 -91.91 7.01 15.06
N VAL B 174 -90.71 7.16 14.54
CA VAL B 174 -90.51 7.60 13.17
C VAL B 174 -89.73 6.53 12.43
N ARG B 175 -89.69 6.69 11.12
CA ARG B 175 -88.97 5.81 10.21
C ARG B 175 -87.86 6.62 9.59
N LEU B 176 -86.62 6.30 9.94
CA LEU B 176 -85.48 7.07 9.44
C LEU B 176 -85.22 6.76 7.98
N ASN B 177 -84.31 7.52 7.39
CA ASN B 177 -83.81 7.22 6.06
C ASN B 177 -83.11 5.87 6.07
N SER B 178 -83.28 5.14 4.97
CA SER B 178 -82.74 3.79 4.78
C SER B 178 -83.19 2.80 5.85
N GLY B 179 -84.47 2.53 5.92
CA GLY B 179 -84.93 1.41 6.72
C GLY B 179 -85.45 1.84 8.09
N GLU B 180 -84.56 1.76 9.10
CA GLU B 180 -84.81 1.68 10.54
C GLU B 180 -85.98 2.49 11.09
N VAL B 181 -86.84 1.84 11.88
CA VAL B 181 -87.94 2.49 12.56
C VAL B 181 -87.58 2.55 14.03
N ARG B 182 -87.41 3.75 14.57
CA ARG B 182 -87.03 3.86 15.98
C ARG B 182 -88.00 4.76 16.72
N MET B 183 -87.77 4.98 18.01
CA MET B 183 -88.65 5.76 18.89
C MET B 183 -87.92 7.04 19.30
N ILE B 184 -88.47 8.20 18.90
CA ILE B 184 -87.95 9.46 19.39
C ILE B 184 -88.91 9.94 20.47
N LEU B 185 -88.46 10.87 21.32
CA LEU B 185 -89.31 11.44 22.35
C LEU B 185 -90.35 12.38 21.73
N SER B 186 -91.24 12.89 22.57
CA SER B 186 -92.27 13.80 22.12
C SER B 186 -91.88 15.26 22.30
N ALA B 187 -90.85 15.55 23.09
CA ALA B 187 -90.39 16.91 23.30
C ALA B 187 -89.38 17.38 22.26
N CYS B 188 -88.77 16.45 21.52
CA CYS B 188 -87.81 16.80 20.50
C CYS B 188 -88.50 17.47 19.32
N ARG B 189 -87.75 18.31 18.61
CA ARG B 189 -88.28 19.10 17.51
C ARG B 189 -87.77 18.55 16.18
N ALA B 190 -88.47 18.93 15.11
CA ALA B 190 -88.10 18.51 13.77
C ALA B 190 -88.70 19.47 12.76
N SER B 191 -88.00 19.66 11.64
CA SER B 191 -88.37 20.68 10.67
C SER B 191 -89.10 20.07 9.48
N ILE B 192 -90.14 20.75 9.02
CA ILE B 192 -91.07 20.18 8.04
C ILE B 192 -90.50 20.30 6.64
N GLY B 193 -90.33 19.17 5.98
CA GLY B 193 -89.95 19.13 4.58
C GLY B 193 -88.77 18.20 4.33
N GLN B 194 -88.51 17.99 3.04
CA GLN B 194 -87.34 17.25 2.59
C GLN B 194 -86.23 18.24 2.25
N VAL B 195 -85.00 17.90 2.61
CA VAL B 195 -83.88 18.79 2.40
C VAL B 195 -83.59 18.92 0.91
N GLY B 196 -83.28 20.13 0.46
CA GLY B 196 -83.10 20.41 -0.94
C GLY B 196 -81.79 19.90 -1.48
N ASN B 197 -81.43 20.41 -2.67
CA ASN B 197 -80.23 20.06 -3.42
C ASN B 197 -80.17 18.55 -3.68
N GLU B 198 -81.26 18.02 -4.23
CA GLU B 198 -81.47 16.58 -4.29
C GLU B 198 -80.79 15.92 -5.48
N GLN B 199 -80.31 16.69 -6.47
CA GLN B 199 -79.65 16.14 -7.63
C GLN B 199 -78.17 15.91 -7.40
N HIS B 200 -77.71 16.06 -6.16
CA HIS B 200 -76.30 15.96 -5.76
C HIS B 200 -75.69 14.59 -6.02
N GLU B 201 -76.48 13.52 -6.02
CA GLU B 201 -75.96 12.18 -6.19
C GLU B 201 -75.58 11.84 -7.62
N LEU B 202 -75.90 12.70 -8.58
CA LEU B 202 -75.71 12.41 -10.00
C LEU B 202 -74.43 13.04 -10.55
N ILE B 203 -73.53 13.48 -9.69
CA ILE B 203 -72.36 14.23 -10.13
C ILE B 203 -71.24 13.25 -10.47
N ASN B 204 -70.62 13.45 -11.63
CA ASN B 204 -69.46 12.70 -12.07
C ASN B 204 -68.23 13.55 -11.82
N ILE B 205 -67.27 13.02 -11.06
CA ILE B 205 -66.10 13.81 -10.66
C ILE B 205 -65.18 14.04 -11.85
N GLY B 206 -65.12 13.08 -12.77
CA GLY B 206 -64.51 13.37 -14.04
C GLY B 206 -63.03 13.06 -14.17
N LYS B 207 -62.22 13.48 -13.20
CA LYS B 207 -60.78 13.27 -13.28
C LYS B 207 -60.21 13.10 -11.87
N ALA B 208 -58.95 12.67 -11.83
CA ALA B 208 -58.32 12.35 -10.55
C ALA B 208 -58.00 13.59 -9.73
N GLY B 209 -57.73 14.71 -10.41
CA GLY B 209 -57.37 15.92 -9.69
C GLY B 209 -58.53 16.60 -9.02
N ARG B 210 -59.75 16.39 -9.50
CA ARG B 210 -60.91 16.97 -8.85
C ARG B 210 -61.20 16.31 -7.51
N SER B 211 -60.89 15.04 -7.35
CA SER B 211 -61.02 14.38 -6.07
C SER B 211 -59.97 14.82 -5.07
N ARG B 212 -58.89 15.45 -5.52
CA ARG B 212 -57.89 16.02 -4.63
C ARG B 212 -58.29 17.41 -4.15
N TRP B 213 -59.16 18.10 -4.89
CA TRP B 213 -59.62 19.42 -4.46
C TRP B 213 -60.53 19.32 -3.26
N LYS B 214 -61.17 18.19 -3.08
CA LYS B 214 -62.01 17.96 -1.92
C LYS B 214 -61.26 17.35 -0.75
N GLY B 215 -59.98 17.02 -0.93
CA GLY B 215 -59.16 16.51 0.15
C GLY B 215 -59.24 15.02 0.33
N ILE B 216 -58.98 14.25 -0.73
CA ILE B 216 -59.03 12.80 -0.68
C ILE B 216 -57.74 12.26 -1.29
N ARG B 217 -56.91 11.63 -0.48
CA ARG B 217 -55.64 11.07 -0.92
C ARG B 217 -55.86 9.68 -1.53
N PRO B 218 -54.92 9.20 -2.36
CA PRO B 218 -55.14 7.90 -3.01
C PRO B 218 -55.05 6.72 -2.05
N THR B 219 -55.74 5.65 -2.42
CA THR B 219 -55.85 4.44 -1.60
C THR B 219 -55.06 3.32 -2.27
N VAL B 220 -54.18 2.68 -1.51
CA VAL B 220 -53.40 1.56 -2.04
C VAL B 220 -54.08 0.25 -1.67
N ARG B 221 -54.16 -0.66 -2.62
CA ARG B 221 -54.83 -1.93 -2.40
C ARG B 221 -53.99 -2.82 -1.50
N GLY B 222 -54.68 -3.59 -0.65
CA GLY B 222 -53.97 -4.49 0.25
C GLY B 222 -53.40 -5.70 -0.46
N SER B 223 -53.87 -5.97 -1.68
CA SER B 223 -53.33 -7.10 -2.45
C SER B 223 -51.90 -6.85 -2.86
N VAL B 224 -51.60 -5.66 -3.39
CA VAL B 224 -50.22 -5.32 -3.74
C VAL B 224 -49.58 -4.63 -2.55
N MET B 225 -49.10 -5.43 -1.60
CA MET B 225 -48.39 -4.91 -0.42
C MET B 225 -47.24 -5.87 -0.13
N ASN B 226 -46.63 -5.73 1.04
CA ASN B 226 -45.60 -6.61 1.55
C ASN B 226 -46.13 -7.32 2.79
N PRO B 227 -45.55 -8.48 3.17
CA PRO B 227 -46.06 -9.19 4.36
C PRO B 227 -45.81 -8.50 5.69
N ASN B 228 -45.01 -7.43 5.73
CA ASN B 228 -44.84 -6.68 6.97
C ASN B 228 -46.11 -5.91 7.34
N ASP B 229 -46.84 -5.41 6.34
CA ASP B 229 -48.01 -4.60 6.60
C ASP B 229 -49.30 -5.38 6.40
N HIS B 230 -49.52 -5.89 5.19
CA HIS B 230 -50.80 -6.52 4.92
C HIS B 230 -50.57 -7.99 4.56
N PRO B 231 -51.34 -8.92 5.14
CA PRO B 231 -51.06 -10.35 4.91
C PRO B 231 -51.41 -10.84 3.52
N HIS B 232 -52.25 -10.11 2.78
CA HIS B 232 -52.50 -10.47 1.38
C HIS B 232 -51.28 -10.19 0.52
N GLY B 233 -50.55 -9.11 0.83
CA GLY B 233 -49.43 -8.67 0.03
C GLY B 233 -48.23 -9.61 0.05
N GLY B 234 -47.73 -9.94 -1.13
CA GLY B 234 -46.62 -10.87 -1.25
C GLY B 234 -46.94 -12.04 -2.16
N GLY B 235 -46.00 -12.39 -3.04
CA GLY B 235 -46.21 -13.48 -3.98
C GLY B 235 -46.32 -13.01 -5.42
N LYS B 244 -60.58 -18.78 1.60
CA LYS B 244 -60.29 -17.45 1.08
C LYS B 244 -61.25 -16.43 1.66
N SER B 245 -60.79 -15.71 2.68
CA SER B 245 -61.60 -14.72 3.36
C SER B 245 -60.99 -13.34 3.18
N PRO B 246 -61.74 -12.37 2.66
CA PRO B 246 -61.27 -10.99 2.67
C PRO B 246 -61.28 -10.43 4.08
N MET B 247 -60.35 -9.52 4.34
CA MET B 247 -60.14 -9.01 5.70
C MET B 247 -59.46 -7.65 5.63
N SER B 248 -59.23 -7.08 6.81
CA SER B 248 -58.78 -5.73 7.10
C SER B 248 -57.27 -5.70 7.30
N PRO B 249 -56.63 -4.52 7.19
CA PRO B 249 -55.19 -4.42 7.52
C PRO B 249 -54.85 -4.76 8.96
N TRP B 250 -55.78 -4.56 9.91
CA TRP B 250 -55.54 -4.86 11.31
C TRP B 250 -56.23 -6.14 11.76
N GLY B 251 -56.58 -7.01 10.81
CA GLY B 251 -57.16 -8.30 11.13
C GLY B 251 -58.61 -8.25 11.60
N LYS B 252 -59.51 -7.76 10.73
CA LYS B 252 -60.93 -7.74 11.03
C LYS B 252 -61.61 -8.43 9.84
N PRO B 253 -62.52 -9.37 10.08
CA PRO B 253 -63.37 -9.84 8.99
C PRO B 253 -64.30 -8.75 8.50
N THR B 254 -64.61 -8.76 7.20
CA THR B 254 -65.33 -7.65 6.62
C THR B 254 -66.71 -8.00 6.06
N LEU B 255 -66.85 -9.14 5.39
CA LEU B 255 -68.13 -9.44 4.74
C LEU B 255 -69.02 -10.32 5.59
N GLY B 256 -69.82 -9.71 6.46
CA GLY B 256 -70.81 -10.46 7.22
C GLY B 256 -70.64 -10.42 8.72
N PHE B 257 -69.78 -9.53 9.20
CA PHE B 257 -69.52 -9.38 10.62
C PHE B 257 -70.19 -8.12 11.14
N LYS B 258 -71.13 -8.29 12.07
CA LYS B 258 -71.95 -7.19 12.58
C LYS B 258 -71.18 -6.52 13.70
N THR B 259 -70.44 -5.46 13.35
CA THR B 259 -69.67 -4.69 14.31
C THR B 259 -70.59 -3.76 15.10
N ARG B 260 -71.29 -4.30 16.08
CA ARG B 260 -72.17 -3.50 16.93
C ARG B 260 -72.22 -4.17 18.30
N LYS B 261 -72.35 -3.35 19.34
CA LYS B 261 -72.30 -3.87 20.70
C LYS B 261 -73.57 -4.63 21.06
N LYS B 262 -73.41 -5.70 21.85
CA LYS B 262 -74.53 -6.54 22.26
C LYS B 262 -75.40 -5.83 23.29
N LYS B 263 -74.83 -5.54 24.47
CA LYS B 263 -75.57 -4.91 25.56
C LYS B 263 -75.36 -3.40 25.51
N ASN B 264 -75.82 -2.80 24.41
CA ASN B 264 -75.73 -1.35 24.26
C ASN B 264 -77.01 -0.72 24.79
N LYS B 265 -76.89 0.56 25.20
CA LYS B 265 -77.96 1.22 25.93
C LYS B 265 -79.18 1.49 25.05
N SER B 266 -78.96 1.96 23.83
CA SER B 266 -80.06 2.25 22.91
C SER B 266 -80.35 1.05 22.02
N ASP B 267 -80.53 -0.12 22.63
CA ASP B 267 -81.01 -1.32 21.95
C ASP B 267 -82.46 -1.60 22.28
N LYS B 268 -83.07 -0.76 23.11
CA LYS B 268 -84.46 -0.85 23.51
C LYS B 268 -85.37 0.00 22.64
N PHE B 269 -84.86 1.11 22.10
CA PHE B 269 -85.67 2.09 21.40
C PHE B 269 -85.95 1.73 19.94
N ILE B 270 -85.20 0.80 19.36
CA ILE B 270 -85.39 0.48 17.95
C ILE B 270 -86.50 -0.57 17.81
N VAL B 271 -87.50 -0.24 17.00
CA VAL B 271 -88.57 -1.19 16.68
C VAL B 271 -88.10 -2.20 15.65
N ARG B 272 -87.62 -1.72 14.52
CA ARG B 272 -87.13 -2.56 13.45
C ARG B 272 -85.70 -2.17 13.11
N ARG B 273 -84.96 -3.10 12.51
CA ARG B 273 -83.61 -2.85 12.05
C ARG B 273 -83.64 -2.62 10.55
N ARG B 274 -82.55 -2.06 10.04
CA ARG B 274 -82.51 -1.70 8.64
C ARG B 274 -82.25 -2.93 7.77
N LYS B 275 -82.85 -2.92 6.57
CA LYS B 275 -82.59 -3.90 5.53
C LYS B 275 -82.59 -3.19 4.19
N ASN B 276 -82.02 -3.85 3.19
CA ASN B 276 -81.94 -3.26 1.85
C ASN B 276 -82.45 -4.22 0.78
N THR C 2 26.08 -7.86 -68.18
CA THR C 2 25.63 -7.00 -67.10
C THR C 2 26.35 -5.65 -67.18
N LYS C 3 25.61 -4.58 -66.95
CA LYS C 3 26.16 -3.24 -66.92
C LYS C 3 25.32 -2.43 -65.94
N GLY C 4 25.78 -1.22 -65.63
CA GLY C 4 25.02 -0.39 -64.72
C GLY C 4 25.67 0.96 -64.55
N ILE C 5 24.88 1.88 -64.00
CA ILE C 5 25.31 3.23 -63.68
C ILE C 5 24.65 3.66 -62.37
N LEU C 6 25.21 4.71 -61.79
CA LEU C 6 24.60 5.41 -60.67
C LEU C 6 24.09 6.76 -61.18
N GLY C 7 22.94 7.18 -60.67
CA GLY C 7 22.30 8.39 -61.12
C GLY C 7 21.72 9.18 -59.97
N ARG C 8 20.71 9.98 -60.29
CA ARG C 8 20.07 10.85 -59.31
C ARG C 8 18.64 11.07 -59.75
N LYS C 9 17.69 10.84 -58.86
CA LYS C 9 16.28 10.99 -59.21
C LYS C 9 15.92 12.47 -59.26
N ILE C 10 15.30 12.88 -60.36
CA ILE C 10 14.97 14.29 -60.57
C ILE C 10 13.47 14.53 -60.38
N GLY C 11 12.64 13.80 -61.12
CA GLY C 11 11.21 14.00 -61.02
C GLY C 11 10.39 13.03 -61.84
N MET C 12 9.20 13.43 -62.26
CA MET C 12 8.30 12.58 -63.04
C MET C 12 7.50 13.45 -63.99
N THR C 13 7.37 12.99 -65.23
CA THR C 13 6.50 13.61 -66.23
C THR C 13 5.88 12.60 -67.18
N GLN C 14 5.41 13.07 -68.32
CA GLN C 14 4.73 12.25 -69.30
C GLN C 14 5.43 12.36 -70.64
N VAL C 15 5.28 11.32 -71.45
CA VAL C 15 5.81 11.30 -72.81
C VAL C 15 4.74 10.73 -73.73
N PHE C 16 4.48 11.39 -74.85
CA PHE C 16 3.56 10.86 -75.85
C PHE C 16 4.30 9.87 -76.74
N ALA C 17 3.80 8.64 -76.81
CA ALA C 17 4.40 7.62 -77.65
C ALA C 17 4.11 7.89 -79.12
N GLU C 18 4.77 7.13 -79.99
CA GLU C 18 4.68 7.41 -81.41
C GLU C 18 3.39 6.89 -82.01
N ASN C 19 2.70 5.98 -81.34
CA ASN C 19 1.37 5.57 -81.76
C ASN C 19 0.26 6.37 -81.07
N GLY C 20 0.62 7.35 -80.25
CA GLY C 20 -0.36 8.23 -79.65
C GLY C 20 -0.56 8.01 -78.17
N ASP C 21 -0.03 6.92 -77.63
CA ASP C 21 -0.23 6.61 -76.22
C ASP C 21 0.59 7.54 -75.33
N LEU C 22 0.20 7.62 -74.07
CA LEU C 22 0.79 8.55 -73.13
C LEU C 22 1.33 7.76 -71.94
N ILE C 23 2.62 7.88 -71.69
CA ILE C 23 3.27 7.03 -70.69
C ILE C 23 3.92 7.86 -69.59
N PRO C 24 3.85 7.42 -68.34
CA PRO C 24 4.58 8.11 -67.27
C PRO C 24 6.05 7.78 -67.31
N VAL C 25 6.86 8.74 -66.89
CA VAL C 25 8.31 8.73 -67.12
C VAL C 25 9.00 9.31 -65.89
N THR C 26 10.00 8.60 -65.40
CA THR C 26 10.89 9.11 -64.36
C THR C 26 12.21 9.53 -64.99
N VAL C 27 12.71 10.68 -64.57
CA VAL C 27 13.89 11.30 -65.16
C VAL C 27 15.08 11.08 -64.24
N ILE C 28 16.18 10.55 -64.78
CA ILE C 28 17.36 10.21 -64.00
C ILE C 28 18.57 10.89 -64.62
N GLU C 29 19.32 11.64 -63.82
CA GLU C 29 20.47 12.41 -64.29
C GLU C 29 21.74 11.62 -63.99
N ALA C 30 22.55 11.38 -65.02
CA ALA C 30 23.58 10.35 -64.97
C ALA C 30 24.97 10.86 -64.60
N ALA C 31 25.48 11.89 -65.30
CA ALA C 31 26.73 12.61 -64.97
C ALA C 31 27.96 11.72 -64.84
N PRO C 32 28.61 11.33 -65.99
CA PRO C 32 29.41 10.08 -66.10
C PRO C 32 30.27 9.59 -64.95
N ASN C 33 30.16 8.29 -64.68
CA ASN C 33 30.84 7.63 -63.58
C ASN C 33 32.29 7.34 -63.96
N VAL C 34 33.08 6.95 -62.96
CA VAL C 34 34.51 6.69 -63.12
C VAL C 34 34.83 5.39 -62.39
N VAL C 35 35.51 4.48 -63.08
CA VAL C 35 35.92 3.22 -62.46
C VAL C 35 37.09 3.52 -61.52
N LEU C 36 36.91 3.25 -60.23
CA LEU C 36 37.90 3.62 -59.23
C LEU C 36 38.79 2.48 -58.80
N GLN C 37 38.33 1.23 -58.90
CA GLN C 37 39.08 0.08 -58.41
C GLN C 37 38.50 -1.18 -59.03
N LYS C 38 39.38 -2.17 -59.23
CA LYS C 38 38.99 -3.49 -59.69
C LYS C 38 39.33 -4.50 -58.61
N LYS C 39 38.36 -5.33 -58.24
CA LYS C 39 38.56 -6.37 -57.26
C LYS C 39 38.60 -7.72 -57.96
N THR C 40 39.71 -8.44 -57.79
CA THR C 40 39.97 -9.68 -58.51
C THR C 40 40.00 -10.86 -57.56
N ALA C 41 39.78 -12.05 -58.12
CA ALA C 41 39.57 -13.25 -57.29
C ALA C 41 40.85 -13.75 -56.65
N GLU C 42 42.01 -13.39 -57.19
CA GLU C 42 43.25 -13.86 -56.60
C GLU C 42 43.63 -13.09 -55.34
N ASN C 43 43.21 -11.83 -55.23
CA ASN C 43 43.60 -10.95 -54.14
C ASN C 43 42.50 -10.72 -53.12
N ASP C 44 41.24 -10.68 -53.57
CA ASP C 44 40.12 -10.41 -52.67
C ASP C 44 39.22 -11.63 -52.50
N GLY C 45 38.89 -12.31 -53.58
CA GLY C 45 38.08 -13.50 -53.46
C GLY C 45 36.91 -13.51 -54.41
N TYR C 46 36.53 -12.34 -54.89
CA TYR C 46 35.43 -12.18 -55.83
C TYR C 46 35.83 -11.15 -56.86
N GLU C 47 35.01 -10.99 -57.90
CA GLU C 47 35.32 -10.10 -59.01
C GLU C 47 34.28 -9.00 -59.09
N ALA C 48 34.74 -7.75 -59.04
CA ALA C 48 33.83 -6.62 -59.05
C ALA C 48 34.56 -5.39 -59.53
N ILE C 49 33.80 -4.38 -59.91
CA ILE C 49 34.35 -3.05 -60.20
C ILE C 49 33.72 -2.07 -59.24
N GLN C 50 34.40 -0.96 -58.99
CA GLN C 50 33.94 0.04 -58.05
C GLN C 50 33.73 1.36 -58.77
N LEU C 51 32.48 1.78 -58.90
CA LEU C 51 32.14 3.01 -59.59
C LEU C 51 31.99 4.16 -58.61
N GLY C 52 32.25 5.37 -59.11
CA GLY C 52 32.11 6.57 -58.32
C GLY C 52 31.33 7.62 -59.08
N PHE C 53 30.73 8.54 -58.34
CA PHE C 53 29.76 9.45 -58.93
C PHE C 53 29.69 10.74 -58.13
N ASP C 54 29.52 11.85 -58.87
CA ASP C 54 29.18 13.19 -58.38
C ASP C 54 30.23 13.81 -57.46
N ASP C 55 31.37 14.21 -58.02
CA ASP C 55 32.49 14.79 -57.27
C ASP C 55 32.08 16.01 -56.46
N LYS C 56 32.76 16.21 -55.34
CA LYS C 56 32.42 17.22 -54.36
C LYS C 56 33.59 18.17 -54.17
N ARG C 57 33.38 19.16 -53.30
CA ARG C 57 34.37 20.20 -53.08
C ARG C 57 35.58 19.67 -52.34
N GLU C 58 36.66 20.46 -52.34
CA GLU C 58 37.89 20.03 -51.72
C GLU C 58 37.81 20.05 -50.20
N LYS C 59 36.97 20.89 -49.64
CA LYS C 59 36.85 20.98 -48.20
C LYS C 59 36.04 19.83 -47.63
N LEU C 60 35.17 19.23 -48.43
CA LEU C 60 34.32 18.15 -47.96
C LEU C 60 34.94 16.78 -48.20
N SER C 61 36.26 16.66 -48.15
CA SER C 61 36.91 15.37 -48.39
C SER C 61 38.19 15.35 -47.61
N ASN C 62 38.43 14.25 -46.90
CA ASN C 62 39.61 14.12 -46.06
C ASN C 62 40.75 13.52 -46.86
N LYS C 63 41.88 13.27 -46.19
CA LYS C 63 43.04 12.71 -46.88
C LYS C 63 42.91 11.23 -47.26
N PRO C 64 42.29 10.33 -46.45
CA PRO C 64 42.11 8.95 -46.93
C PRO C 64 41.34 8.78 -48.22
N GLU C 65 40.32 9.59 -48.50
CA GLU C 65 39.61 9.43 -49.75
C GLU C 65 40.13 10.35 -50.83
N LYS C 66 41.06 11.24 -50.51
CA LYS C 66 41.86 11.93 -51.52
C LYS C 66 42.98 11.06 -52.04
N GLY C 67 43.52 10.15 -51.23
CA GLY C 67 44.54 9.25 -51.71
C GLY C 67 43.99 8.04 -52.42
N HIS C 68 42.72 7.72 -52.20
CA HIS C 68 42.13 6.54 -52.81
C HIS C 68 41.81 6.74 -54.27
N VAL C 69 41.41 7.96 -54.66
CA VAL C 69 41.07 8.27 -56.04
C VAL C 69 42.27 8.73 -56.84
N ALA C 70 43.47 8.67 -56.27
CA ALA C 70 44.64 9.18 -56.98
C ALA C 70 45.09 8.22 -58.07
N LYS C 71 44.68 6.95 -57.98
CA LYS C 71 45.04 5.98 -59.01
C LYS C 71 44.29 6.25 -60.30
N ALA C 72 43.06 6.74 -60.24
CA ALA C 72 42.27 7.03 -61.41
C ALA C 72 42.40 8.48 -61.88
N GLU C 73 43.19 9.30 -61.18
CA GLU C 73 43.41 10.73 -61.43
C GLU C 73 42.11 11.52 -61.55
N THR C 74 41.31 11.55 -60.49
CA THR C 74 40.01 12.22 -60.53
C THR C 74 39.88 13.01 -59.22
N ALA C 75 38.86 13.91 -59.13
CA ALA C 75 38.32 14.62 -57.98
C ALA C 75 37.56 13.64 -57.10
N PRO C 76 37.50 13.86 -55.78
CA PRO C 76 36.89 12.85 -54.90
C PRO C 76 35.38 12.76 -55.06
N LYS C 77 34.88 11.55 -55.23
CA LYS C 77 33.48 11.31 -55.51
C LYS C 77 32.65 11.29 -54.23
N ARG C 78 31.37 11.58 -54.40
CA ARG C 78 30.45 11.52 -53.27
C ARG C 78 29.83 10.16 -53.09
N PHE C 79 29.47 9.48 -54.18
CA PHE C 79 28.86 8.17 -54.08
C PHE C 79 29.80 7.13 -54.67
N VAL C 80 30.02 6.05 -53.93
CA VAL C 80 30.93 4.99 -54.33
C VAL C 80 30.22 3.66 -54.12
N LYS C 81 30.05 2.89 -55.19
CA LYS C 81 29.35 1.62 -55.09
C LYS C 81 30.11 0.56 -55.89
N GLU C 82 29.63 -0.67 -55.82
CA GLU C 82 30.27 -1.79 -56.49
C GLU C 82 29.30 -2.50 -57.41
N LEU C 83 29.76 -2.77 -58.63
CA LEU C 83 29.05 -3.62 -59.57
C LEU C 83 29.71 -4.99 -59.57
N ARG C 84 28.91 -6.02 -59.37
CA ARG C 84 29.38 -7.40 -59.28
C ARG C 84 28.69 -8.23 -60.34
N GLY C 85 29.46 -9.09 -61.00
CA GLY C 85 28.90 -9.92 -62.05
C GLY C 85 29.08 -9.31 -63.42
N VAL C 86 30.18 -8.59 -63.60
CA VAL C 86 30.41 -7.79 -64.78
C VAL C 86 31.58 -8.39 -65.55
N GLU C 87 31.66 -8.08 -66.85
CA GLU C 87 32.73 -8.60 -67.68
C GLU C 87 33.99 -7.80 -67.39
N MET C 88 34.93 -8.40 -66.67
CA MET C 88 36.04 -7.66 -66.07
C MET C 88 37.10 -7.21 -67.07
N ASP C 89 37.05 -7.72 -68.29
CA ASP C 89 38.09 -7.38 -69.26
C ASP C 89 37.80 -6.06 -69.94
N ALA C 90 36.54 -5.62 -69.93
CA ALA C 90 36.12 -4.42 -70.64
C ALA C 90 36.25 -3.15 -69.81
N TYR C 91 36.98 -3.20 -68.70
CA TYR C 91 37.13 -2.04 -67.83
C TYR C 91 38.58 -1.90 -67.43
N GLU C 92 39.01 -0.65 -67.23
CA GLU C 92 40.31 -0.39 -66.63
C GLU C 92 40.14 0.75 -65.65
N VAL C 93 41.07 0.87 -64.71
CA VAL C 93 40.96 1.87 -63.65
C VAL C 93 41.20 3.25 -64.22
N GLY C 94 40.15 4.04 -64.34
CA GLY C 94 40.26 5.39 -64.85
C GLY C 94 39.28 5.71 -65.94
N GLN C 95 38.67 4.68 -66.54
CA GLN C 95 37.79 4.92 -67.66
C GLN C 95 36.42 5.37 -67.17
N GLU C 96 35.63 5.92 -68.10
CA GLU C 96 34.35 6.53 -67.77
C GLU C 96 33.21 5.71 -68.34
N VAL C 97 32.22 5.43 -67.49
CA VAL C 97 31.00 4.76 -67.90
C VAL C 97 29.94 5.82 -68.13
N LYS C 98 29.59 6.05 -69.38
CA LYS C 98 28.62 7.07 -69.72
C LYS C 98 27.24 6.45 -69.96
N VAL C 99 26.26 7.32 -70.19
CA VAL C 99 24.86 6.90 -70.13
C VAL C 99 24.42 6.16 -71.38
N GLU C 100 25.16 6.25 -72.48
CA GLU C 100 24.77 5.63 -73.73
C GLU C 100 25.18 4.17 -73.85
N ILE C 101 25.45 3.51 -72.73
CA ILE C 101 25.60 2.06 -72.74
C ILE C 101 24.24 1.39 -72.77
N PHE C 102 23.18 2.13 -72.50
CA PHE C 102 21.81 1.66 -72.66
C PHE C 102 21.22 2.21 -73.94
N SER C 103 20.10 1.62 -74.35
CA SER C 103 19.43 2.04 -75.57
C SER C 103 17.92 2.00 -75.35
N ALA C 104 17.18 2.62 -76.27
CA ALA C 104 15.74 2.68 -76.13
C ALA C 104 15.11 1.33 -76.42
N GLY C 105 14.28 0.86 -75.51
CA GLY C 105 13.65 -0.44 -75.58
C GLY C 105 14.27 -1.45 -74.64
N GLU C 106 15.42 -1.13 -74.05
CA GLU C 106 16.10 -2.06 -73.17
C GLU C 106 15.39 -2.17 -71.83
N ILE C 107 15.33 -3.39 -71.31
CA ILE C 107 14.70 -3.66 -70.02
C ILE C 107 15.77 -3.63 -68.94
N VAL C 108 15.59 -2.79 -67.93
CA VAL C 108 16.55 -2.62 -66.85
C VAL C 108 15.90 -2.88 -65.50
N ASP C 109 16.70 -2.68 -64.45
CA ASP C 109 16.39 -3.08 -63.09
C ASP C 109 16.91 -1.98 -62.17
N VAL C 110 16.03 -1.36 -61.41
CA VAL C 110 16.32 -0.12 -60.70
C VAL C 110 16.30 -0.38 -59.19
N THR C 111 17.25 0.19 -58.48
CA THR C 111 17.40 -0.01 -57.05
C THR C 111 17.57 1.32 -56.36
N GLY C 112 16.82 1.54 -55.27
CA GLY C 112 16.94 2.75 -54.49
C GLY C 112 16.51 2.48 -53.07
N VAL C 113 16.62 3.49 -52.23
CA VAL C 113 16.21 3.42 -50.83
C VAL C 113 14.97 4.29 -50.65
N SER C 114 13.93 3.71 -50.08
CA SER C 114 12.60 4.29 -50.14
C SER C 114 12.44 5.44 -49.16
N LYS C 115 11.29 6.11 -49.25
CA LYS C 115 11.01 7.29 -48.46
C LYS C 115 10.64 6.93 -47.04
N GLY C 116 11.20 7.65 -46.08
CA GLY C 116 10.94 7.36 -44.68
C GLY C 116 9.56 7.82 -44.25
N LYS C 117 8.99 7.10 -43.30
CA LYS C 117 7.65 7.37 -42.83
C LYS C 117 7.54 7.58 -41.32
N GLY C 118 8.58 7.34 -40.55
CA GLY C 118 8.53 7.56 -39.13
C GLY C 118 7.95 6.37 -38.40
N PHE C 119 7.61 6.61 -37.13
CA PHE C 119 6.97 5.62 -36.29
C PHE C 119 5.55 5.35 -36.78
N GLN C 120 5.33 4.23 -37.45
CA GLN C 120 4.00 3.87 -37.86
C GLN C 120 3.49 2.67 -37.09
N GLY C 121 2.17 2.48 -37.13
CA GLY C 121 1.51 1.44 -36.37
C GLY C 121 0.93 0.36 -37.23
N ALA C 122 0.61 -0.79 -36.63
CA ALA C 122 0.29 -2.02 -37.36
C ALA C 122 -0.96 -1.92 -38.22
N ILE C 123 -1.82 -0.93 -37.94
CA ILE C 123 -2.93 -0.62 -38.84
C ILE C 123 -2.38 -0.08 -40.15
N LYS C 124 -1.42 0.84 -40.07
CA LYS C 124 -0.82 1.46 -41.25
C LYS C 124 0.46 0.77 -41.70
N ARG C 125 1.23 0.19 -40.77
CA ARG C 125 2.47 -0.49 -41.10
C ARG C 125 2.23 -1.89 -41.64
N HIS C 126 1.28 -2.62 -41.08
CA HIS C 126 1.04 -4.00 -41.47
C HIS C 126 -0.32 -4.22 -42.11
N GLY C 127 -1.12 -3.17 -42.27
CA GLY C 127 -2.38 -3.25 -42.99
C GLY C 127 -3.45 -4.05 -42.29
N GLN C 128 -3.73 -3.72 -41.03
CA GLN C 128 -4.74 -4.42 -40.25
C GLN C 128 -5.81 -3.46 -39.75
N GLY C 157 8.25 -13.52 -33.12
CA GLY C 157 8.03 -12.53 -34.15
C GLY C 157 6.58 -12.25 -34.47
N LYS C 158 6.11 -11.07 -34.08
CA LYS C 158 4.74 -10.64 -34.33
C LYS C 158 4.80 -9.26 -34.99
N LEU C 159 3.76 -8.95 -35.77
CA LEU C 159 3.66 -7.68 -36.49
C LEU C 159 3.27 -6.59 -35.51
N LEU C 160 4.19 -5.67 -35.24
CA LEU C 160 4.05 -4.64 -34.23
C LEU C 160 4.46 -3.30 -34.81
N PRO C 161 4.04 -2.20 -34.18
CA PRO C 161 4.48 -0.88 -34.65
C PRO C 161 5.97 -0.64 -34.52
N GLY C 162 6.45 0.33 -35.28
CA GLY C 162 7.87 0.65 -35.30
C GLY C 162 8.16 1.59 -36.45
N ARG C 163 9.43 1.84 -36.67
CA ARG C 163 9.83 2.78 -37.72
C ARG C 163 9.66 2.15 -39.08
N MET C 164 9.02 2.88 -39.99
CA MET C 164 8.64 2.39 -41.30
C MET C 164 9.44 3.14 -42.36
N GLY C 165 9.63 2.49 -43.51
CA GLY C 165 10.33 3.11 -44.62
C GLY C 165 11.82 3.26 -44.42
N GLY C 166 12.52 3.69 -45.46
CA GLY C 166 13.94 3.92 -45.35
C GLY C 166 14.79 2.70 -45.58
N GLU C 167 14.38 1.82 -46.49
CA GLU C 167 15.05 0.55 -46.71
C GLU C 167 15.18 0.31 -48.20
N GLN C 168 16.11 -0.57 -48.56
CA GLN C 168 16.46 -0.78 -49.96
C GLN C 168 15.42 -1.62 -50.67
N ILE C 169 14.93 -1.12 -51.81
CA ILE C 169 13.87 -1.76 -52.59
C ILE C 169 14.40 -1.90 -54.02
N THR C 170 14.07 -3.02 -54.67
CA THR C 170 14.42 -3.27 -56.06
C THR C 170 13.14 -3.46 -56.87
N VAL C 171 13.01 -2.71 -57.96
CA VAL C 171 11.88 -2.82 -58.88
C VAL C 171 12.42 -3.35 -60.20
N GLN C 172 11.81 -4.42 -60.70
CA GLN C 172 12.36 -5.17 -61.82
C GLN C 172 11.53 -4.99 -63.08
N ASN C 173 12.19 -5.19 -64.21
CA ASN C 173 11.62 -5.24 -65.56
C ASN C 173 10.99 -3.91 -65.97
N LEU C 174 11.79 -2.85 -65.95
CA LEU C 174 11.31 -1.53 -66.37
C LEU C 174 12.01 -1.14 -67.65
N GLU C 175 11.25 -0.73 -68.66
CA GLU C 175 11.89 -0.44 -69.93
C GLU C 175 12.31 1.02 -70.02
N ILE C 176 13.21 1.30 -70.95
CA ILE C 176 13.77 2.62 -71.18
C ILE C 176 13.11 3.19 -72.43
N VAL C 177 12.68 4.46 -72.37
CA VAL C 177 12.01 5.07 -73.50
C VAL C 177 12.87 6.08 -74.26
N LYS C 178 13.89 6.67 -73.63
CA LYS C 178 14.69 7.68 -74.29
C LYS C 178 16.01 7.85 -73.56
N VAL C 179 17.05 8.10 -74.34
CA VAL C 179 18.38 8.39 -73.82
C VAL C 179 18.84 9.70 -74.43
N ASP C 180 19.15 10.68 -73.59
CA ASP C 180 19.65 11.98 -74.03
C ASP C 180 21.12 12.06 -73.64
N ALA C 181 22.00 11.88 -74.63
CA ALA C 181 23.40 11.61 -74.34
C ALA C 181 24.14 12.84 -73.88
N GLU C 182 23.89 13.99 -74.49
CA GLU C 182 24.64 15.19 -74.14
C GLU C 182 24.13 15.86 -72.87
N ARG C 183 22.94 15.50 -72.40
CA ARG C 183 22.41 16.02 -71.15
C ARG C 183 22.54 15.03 -70.01
N ASN C 184 23.01 13.80 -70.30
CA ASN C 184 23.17 12.71 -69.33
C ASN C 184 21.85 12.36 -68.65
N LEU C 185 20.84 12.07 -69.46
CA LEU C 185 19.50 11.80 -68.96
C LEU C 185 19.01 10.43 -69.40
N LEU C 186 18.34 9.75 -68.49
CA LEU C 186 17.61 8.53 -68.77
C LEU C 186 16.14 8.77 -68.46
N LEU C 187 15.27 8.23 -69.29
CA LEU C 187 13.83 8.29 -69.04
C LEU C 187 13.32 6.87 -68.87
N ILE C 188 13.01 6.50 -67.65
CA ILE C 188 12.52 5.16 -67.33
C ILE C 188 11.00 5.22 -67.33
N LYS C 189 10.34 4.14 -67.74
CA LYS C 189 8.88 4.11 -67.73
C LYS C 189 8.38 3.55 -66.41
N GLY C 190 7.63 4.34 -65.67
CA GLY C 190 7.15 3.96 -64.36
C GLY C 190 7.76 4.82 -63.27
N ASN C 191 7.68 4.31 -62.05
CA ASN C 191 8.18 5.04 -60.90
C ASN C 191 9.18 4.18 -60.12
N VAL C 192 10.15 4.86 -59.52
CA VAL C 192 11.27 4.21 -58.84
C VAL C 192 11.21 4.63 -57.38
N PRO C 193 11.80 3.84 -56.47
CA PRO C 193 11.75 4.22 -55.06
C PRO C 193 12.66 5.38 -54.73
N GLY C 194 12.27 6.14 -53.71
CA GLY C 194 13.13 7.18 -53.18
C GLY C 194 12.57 8.58 -53.27
N ALA C 195 13.16 9.48 -52.50
CA ALA C 195 12.84 10.90 -52.61
C ALA C 195 13.63 11.51 -53.75
N LYS C 196 13.35 12.78 -54.04
CA LYS C 196 14.12 13.49 -55.04
C LYS C 196 15.52 13.81 -54.49
N LYS C 197 16.46 14.02 -55.43
CA LYS C 197 17.88 14.21 -55.15
C LYS C 197 18.48 13.04 -54.36
N SER C 198 18.11 11.82 -54.74
CA SER C 198 18.59 10.63 -54.06
C SER C 198 19.30 9.71 -55.04
N LEU C 199 20.13 8.82 -54.49
CA LEU C 199 20.90 7.90 -55.32
C LEU C 199 20.02 6.81 -55.89
N ILE C 200 20.26 6.48 -57.16
CA ILE C 200 19.52 5.46 -57.89
C ILE C 200 20.53 4.61 -58.65
N THR C 201 20.49 3.30 -58.47
CA THR C 201 21.34 2.38 -59.21
C THR C 201 20.51 1.76 -60.33
N VAL C 202 20.94 1.96 -61.56
CA VAL C 202 20.26 1.38 -62.71
C VAL C 202 21.18 0.34 -63.30
N LYS C 203 20.80 -0.93 -63.21
CA LYS C 203 21.60 -1.98 -63.81
C LYS C 203 20.75 -2.76 -64.79
N SER C 204 21.39 -3.68 -65.50
CA SER C 204 20.68 -4.44 -66.51
C SER C 204 19.78 -5.47 -65.85
N ALA C 205 18.89 -6.05 -66.65
CA ALA C 205 17.91 -6.97 -66.11
C ALA C 205 18.56 -8.31 -65.78
N VAL C 206 18.31 -8.79 -64.57
CA VAL C 206 18.75 -10.13 -64.15
C VAL C 206 17.83 -11.21 -64.70
N LYS C 207 16.78 -10.83 -65.42
CA LYS C 207 15.78 -11.71 -66.03
C LYS C 207 15.11 -12.57 -64.97
N SER C 208 14.34 -11.91 -64.11
CA SER C 208 13.62 -12.61 -63.06
C SER C 208 12.28 -12.00 -62.73
N PRO D 2 25.85 -25.92 78.63
CA PRO D 2 27.31 -25.82 78.73
C PRO D 2 27.77 -24.84 79.79
N LYS D 3 29.08 -24.57 79.83
CA LYS D 3 29.71 -23.81 80.91
C LYS D 3 30.44 -22.64 80.28
N VAL D 4 29.83 -21.45 80.34
CA VAL D 4 30.41 -20.25 79.76
C VAL D 4 30.77 -19.28 80.88
N ALA D 5 31.66 -18.35 80.56
CA ALA D 5 32.12 -17.39 81.55
C ALA D 5 31.04 -16.34 81.83
N LEU D 6 31.28 -15.55 82.87
CA LEU D 6 30.37 -14.48 83.27
C LEU D 6 31.18 -13.21 83.39
N TYR D 7 30.61 -12.08 82.99
CA TYR D 7 31.32 -10.82 82.95
C TYR D 7 30.62 -9.78 83.81
N ASN D 8 31.34 -8.70 84.10
CA ASN D 8 30.91 -7.69 85.07
C ASN D 8 30.93 -6.28 84.49
N GLN D 9 30.49 -6.15 83.23
CA GLN D 9 30.14 -4.86 82.59
C GLN D 9 31.37 -3.98 82.30
N ASN D 10 32.56 -4.40 82.72
CA ASN D 10 33.75 -3.62 82.43
C ASN D 10 34.87 -4.53 81.92
N GLY D 11 34.50 -5.66 81.33
CA GLY D 11 35.45 -6.58 80.75
C GLY D 11 35.88 -7.70 81.66
N SER D 12 35.91 -7.42 82.97
CA SER D 12 36.47 -8.36 83.94
C SER D 12 35.55 -9.56 84.13
N THR D 13 36.15 -10.75 84.17
CA THR D 13 35.41 -11.99 84.35
C THR D 13 35.07 -12.16 85.83
N ALA D 14 33.78 -12.27 86.12
CA ALA D 14 33.29 -12.36 87.49
C ALA D 14 32.51 -13.65 87.65
N GLY D 15 33.21 -14.73 87.99
CA GLY D 15 32.55 -15.99 88.29
C GLY D 15 32.33 -16.84 87.05
N ASP D 16 31.24 -17.61 87.09
CA ASP D 16 30.88 -18.52 86.01
C ASP D 16 29.41 -18.89 86.13
N ILE D 17 28.83 -19.34 85.00
CA ILE D 17 27.42 -19.71 84.94
C ILE D 17 27.28 -20.95 84.06
N GLU D 18 26.33 -21.80 84.41
CA GLU D 18 26.06 -23.03 83.67
C GLU D 18 24.69 -22.90 83.02
N LEU D 19 24.66 -23.04 81.70
CA LEU D 19 23.42 -22.90 80.94
C LEU D 19 22.70 -24.23 80.83
N ASN D 20 21.38 -24.17 80.68
CA ASN D 20 20.58 -25.39 80.58
C ASN D 20 20.81 -26.05 79.22
N ALA D 21 21.31 -27.28 79.25
CA ALA D 21 21.75 -27.95 78.04
C ALA D 21 20.59 -28.50 77.20
N SER D 22 19.36 -28.42 77.68
CA SER D 22 18.23 -28.80 76.86
C SER D 22 17.82 -27.70 75.89
N VAL D 23 18.27 -26.47 76.12
CA VAL D 23 17.99 -25.35 75.24
C VAL D 23 19.25 -24.86 74.54
N PHE D 24 20.34 -24.68 75.29
CA PHE D 24 21.60 -24.17 74.75
C PHE D 24 22.59 -25.28 74.44
N GLY D 25 22.12 -26.50 74.28
CA GLY D 25 23.04 -27.60 74.11
C GLY D 25 22.61 -28.70 73.18
N ILE D 26 21.78 -28.40 72.19
CA ILE D 26 21.26 -29.45 71.32
C ILE D 26 22.01 -29.44 70.00
N GLU D 27 21.76 -30.44 69.17
CA GLU D 27 22.38 -30.54 67.86
C GLU D 27 21.59 -29.67 66.89
N PRO D 28 22.20 -28.67 66.25
CA PRO D 28 21.44 -27.74 65.41
C PRO D 28 20.87 -28.35 64.14
N ASN D 29 19.55 -28.41 64.07
CA ASN D 29 18.82 -28.91 62.92
C ASN D 29 18.78 -27.79 61.89
N GLU D 30 19.75 -27.77 60.99
CA GLU D 30 19.87 -26.65 60.06
C GLU D 30 19.06 -26.83 58.79
N SER D 31 18.03 -27.66 58.80
CA SER D 31 17.03 -27.65 57.76
C SER D 31 15.71 -27.08 58.25
N VAL D 32 15.57 -26.90 59.55
CA VAL D 32 14.48 -26.16 60.15
C VAL D 32 14.76 -24.67 60.17
N VAL D 33 16.01 -24.27 60.43
CA VAL D 33 16.43 -22.88 60.41
C VAL D 33 16.26 -22.22 59.04
N PHE D 34 16.43 -22.95 57.96
CA PHE D 34 16.15 -22.43 56.64
C PHE D 34 14.67 -22.12 56.44
N ASP D 35 13.78 -23.01 56.84
CA ASP D 35 12.35 -22.77 56.71
C ASP D 35 11.83 -21.67 57.61
N ALA D 36 12.37 -21.54 58.82
CA ALA D 36 11.99 -20.44 59.69
C ALA D 36 12.41 -19.08 59.15
N ILE D 37 13.61 -18.99 58.57
CA ILE D 37 14.08 -17.75 57.98
C ILE D 37 13.26 -17.40 56.74
N LEU D 38 12.96 -18.38 55.90
CA LEU D 38 12.13 -18.13 54.72
C LEU D 38 10.69 -17.82 55.07
N MET D 39 10.19 -18.26 56.22
CA MET D 39 8.85 -17.86 56.63
C MET D 39 8.85 -16.44 57.18
N GLN D 40 9.82 -16.11 58.02
CA GLN D 40 9.86 -14.80 58.64
C GLN D 40 10.14 -13.70 57.63
N ARG D 41 10.99 -13.95 56.64
CA ARG D 41 11.24 -12.96 55.62
C ARG D 41 10.04 -12.77 54.70
N ALA D 42 9.19 -13.77 54.56
CA ALA D 42 8.02 -13.66 53.72
C ALA D 42 6.83 -13.06 54.44
N SER D 43 6.83 -13.06 55.76
CA SER D 43 5.77 -12.41 56.52
C SER D 43 5.95 -10.90 56.63
N LEU D 44 7.07 -10.36 56.18
CA LEU D 44 7.37 -8.95 56.33
C LEU D 44 6.98 -8.12 55.11
N ARG D 45 6.57 -8.74 54.02
CA ARG D 45 6.34 -8.01 52.80
C ARG D 45 4.85 -7.77 52.62
N GLN D 46 4.49 -6.55 52.22
CA GLN D 46 3.13 -6.21 51.86
C GLN D 46 2.95 -6.33 50.35
N GLY D 47 1.88 -6.97 49.94
CA GLY D 47 1.63 -7.16 48.53
C GLY D 47 0.72 -6.10 47.95
N THR D 48 1.21 -4.87 47.84
CA THR D 48 0.40 -3.74 47.37
C THR D 48 0.71 -3.37 45.93
N HIS D 49 0.89 -4.36 45.08
CA HIS D 49 0.94 -4.22 43.64
C HIS D 49 -0.42 -4.52 43.03
N LYS D 50 -0.66 -3.97 41.84
CA LYS D 50 -1.96 -4.04 41.19
C LYS D 50 -1.78 -3.56 39.75
N VAL D 51 -2.58 -4.11 38.83
CA VAL D 51 -2.50 -3.71 37.43
C VAL D 51 -3.91 -3.75 36.85
N LYS D 52 -4.12 -3.07 35.73
CA LYS D 52 -5.44 -2.95 35.14
C LYS D 52 -5.62 -3.92 33.99
N ASN D 53 -6.57 -4.83 34.11
CA ASN D 53 -6.79 -5.82 33.06
C ASN D 53 -7.74 -5.22 32.01
N ARG D 54 -8.23 -6.08 31.11
CA ARG D 54 -8.88 -5.65 29.88
C ARG D 54 -10.20 -4.93 30.11
N SER D 55 -10.85 -5.13 31.25
CA SER D 55 -12.14 -4.53 31.52
C SER D 55 -12.07 -3.38 32.52
N GLU D 56 -10.88 -2.99 32.97
CA GLU D 56 -10.74 -1.84 33.84
C GLU D 56 -10.14 -0.63 33.17
N VAL D 57 -9.58 -0.77 31.97
CA VAL D 57 -9.01 0.36 31.26
C VAL D 57 -10.14 1.26 30.76
N ARG D 58 -9.90 2.56 30.79
CA ARG D 58 -10.94 3.55 30.52
C ARG D 58 -11.28 3.58 29.04
N GLY D 59 -12.54 3.29 28.73
CA GLY D 59 -13.01 3.39 27.36
C GLY D 59 -13.08 2.06 26.66
N GLY D 60 -13.07 2.08 25.34
CA GLY D 60 -13.00 0.88 24.54
C GLY D 60 -14.18 -0.05 24.66
N GLY D 61 -15.36 0.41 24.27
CA GLY D 61 -16.54 -0.40 24.42
C GLY D 61 -17.15 -0.84 23.11
N ARG D 62 -16.77 -0.20 22.02
CA ARG D 62 -17.36 -0.49 20.73
C ARG D 62 -16.31 -1.00 19.75
N LYS D 63 -16.79 -1.53 18.64
CA LYS D 63 -15.99 -2.09 17.56
C LYS D 63 -15.18 -0.99 16.91
N PRO D 64 -13.85 -1.15 16.80
CA PRO D 64 -12.93 0.00 16.68
C PRO D 64 -13.13 0.92 15.49
N TRP D 65 -13.06 0.39 14.27
CA TRP D 65 -13.27 1.19 13.08
C TRP D 65 -14.25 0.47 12.16
N ARG D 66 -15.54 0.61 12.49
CA ARG D 66 -16.70 0.14 11.70
C ARG D 66 -16.72 -1.38 11.47
N GLN D 67 -15.88 -2.13 12.19
CA GLN D 67 -15.69 -3.58 12.04
C GLN D 67 -15.42 -3.96 10.58
N LYS D 68 -14.29 -3.50 10.07
CA LYS D 68 -13.90 -3.73 8.69
C LYS D 68 -12.69 -4.65 8.64
N GLY D 69 -12.89 -5.88 8.17
CA GLY D 69 -11.77 -6.73 7.82
C GLY D 69 -11.44 -6.65 6.34
N THR D 70 -11.10 -5.46 5.87
CA THR D 70 -10.90 -5.22 4.44
C THR D 70 -9.47 -5.51 4.00
N GLY D 71 -8.50 -4.78 4.53
CA GLY D 71 -7.11 -5.06 4.27
C GLY D 71 -6.35 -5.22 5.57
N ARG D 72 -7.08 -5.12 6.68
CA ARG D 72 -6.51 -5.15 8.02
C ARG D 72 -7.16 -6.29 8.81
N ALA D 73 -6.59 -6.55 9.98
CA ALA D 73 -7.05 -7.65 10.81
C ALA D 73 -8.30 -7.27 11.59
N ARG D 74 -9.07 -8.29 11.95
CA ARG D 74 -10.34 -8.09 12.65
C ARG D 74 -10.08 -7.83 14.14
N GLN D 75 -10.43 -6.63 14.59
CA GLN D 75 -10.25 -6.22 15.97
C GLN D 75 -11.60 -5.93 16.59
N GLY D 76 -11.67 -5.98 17.91
CA GLY D 76 -12.95 -5.86 18.58
C GLY D 76 -12.98 -4.78 19.63
N SER D 77 -11.81 -4.28 20.01
CA SER D 77 -11.71 -3.24 21.02
C SER D 77 -10.38 -2.54 20.82
N ILE D 78 -10.30 -1.31 21.29
CA ILE D 78 -9.04 -0.59 21.30
C ILE D 78 -8.29 -0.77 22.60
N ARG D 79 -8.80 -1.63 23.49
CA ARG D 79 -8.15 -1.93 24.75
C ARG D 79 -7.85 -3.42 24.87
N SER D 80 -7.68 -4.09 23.74
CA SER D 80 -7.20 -5.45 23.69
C SER D 80 -5.75 -5.51 24.16
N PRO D 81 -5.27 -6.66 24.62
CA PRO D 81 -3.91 -6.72 25.16
C PRO D 81 -2.79 -6.47 24.17
N GLN D 82 -3.03 -6.66 22.87
CA GLN D 82 -1.98 -6.41 21.89
C GLN D 82 -2.00 -5.00 21.35
N TRP D 83 -2.98 -4.18 21.71
CA TRP D 83 -2.98 -2.77 21.34
C TRP D 83 -2.02 -2.00 22.23
N ARG D 84 -1.95 -0.70 22.01
CA ARG D 84 -1.01 0.13 22.74
C ARG D 84 -1.63 0.82 23.95
N GLY D 85 -2.93 1.08 23.91
CA GLY D 85 -3.55 1.83 24.98
C GLY D 85 -3.62 1.08 26.29
N GLY D 86 -3.69 -0.23 26.22
CA GLY D 86 -3.53 -1.01 27.43
C GLY D 86 -4.37 -2.26 27.40
N GLY D 87 -4.43 -2.89 28.56
CA GLY D 87 -4.96 -4.21 28.75
C GLY D 87 -3.81 -5.14 29.09
N VAL D 88 -3.59 -5.38 30.38
CA VAL D 88 -2.53 -6.27 30.81
C VAL D 88 -3.13 -7.65 31.04
N VAL D 89 -2.43 -8.70 30.61
CA VAL D 89 -3.05 -10.00 30.52
C VAL D 89 -3.18 -10.65 31.89
N PHE D 90 -2.06 -10.93 32.57
CA PHE D 90 -2.16 -11.53 33.90
C PHE D 90 -1.61 -10.60 34.97
N GLY D 91 -0.34 -10.23 34.91
CA GLY D 91 0.23 -9.23 35.79
C GLY D 91 0.16 -9.55 37.28
N PRO D 92 0.42 -8.57 38.12
CA PRO D 92 0.24 -8.77 39.56
C PRO D 92 -1.15 -8.39 40.07
N THR D 93 -1.45 -8.91 41.25
CA THR D 93 -2.68 -8.73 42.00
C THR D 93 -2.30 -8.56 43.46
N PRO D 94 -3.09 -7.81 44.24
CA PRO D 94 -2.75 -7.66 45.66
C PRO D 94 -3.08 -8.92 46.45
N ARG D 95 -2.10 -9.42 47.19
CA ARG D 95 -2.25 -10.66 47.94
C ARG D 95 -1.26 -10.68 49.08
N SER D 96 -1.37 -11.70 49.93
CA SER D 96 -0.53 -11.87 51.10
C SER D 96 0.40 -13.06 50.91
N TYR D 97 1.48 -13.07 51.68
CA TYR D 97 2.55 -14.01 51.47
C TYR D 97 2.91 -14.84 52.69
N SER D 98 2.18 -14.70 53.79
CA SER D 98 2.57 -15.35 55.03
C SER D 98 1.92 -16.72 55.16
N TYR D 99 2.61 -17.61 55.86
CA TYR D 99 2.07 -18.92 56.22
C TYR D 99 2.53 -19.24 57.64
N LYS D 100 2.27 -20.46 58.08
CA LYS D 100 2.43 -20.84 59.48
C LYS D 100 3.17 -22.16 59.60
N LEU D 101 4.17 -22.21 60.43
CA LEU D 101 4.82 -23.46 60.76
C LEU D 101 4.16 -24.10 61.96
N PRO D 102 4.28 -25.41 62.14
CA PRO D 102 3.79 -26.03 63.37
C PRO D 102 4.56 -25.56 64.58
N LYS D 103 3.94 -25.69 65.75
CA LYS D 103 4.43 -25.03 66.95
C LYS D 103 5.69 -25.67 67.51
N LYS D 104 5.96 -26.94 67.21
CA LYS D 104 7.19 -27.56 67.67
C LYS D 104 8.38 -27.17 66.82
N VAL D 105 8.18 -26.99 65.51
CA VAL D 105 9.18 -26.43 64.63
C VAL D 105 9.56 -25.01 65.03
N ARG D 106 8.60 -24.20 65.49
CA ARG D 106 8.84 -22.85 65.97
C ARG D 106 9.76 -22.80 67.18
N ARG D 107 9.82 -23.86 67.99
CA ARG D 107 10.72 -23.91 69.13
C ARG D 107 12.04 -24.56 68.80
N LEU D 108 12.02 -25.57 67.93
CA LEU D 108 13.26 -26.17 67.49
C LEU D 108 14.14 -25.18 66.72
N ALA D 109 13.52 -24.28 65.96
CA ALA D 109 14.27 -23.26 65.25
C ALA D 109 14.94 -22.23 66.17
N ILE D 110 14.34 -21.89 67.30
CA ILE D 110 15.00 -20.99 68.25
C ILE D 110 16.02 -21.72 69.09
N LYS D 111 15.81 -22.99 69.40
CA LYS D 111 16.83 -23.72 70.13
C LYS D 111 18.08 -23.96 69.29
N SER D 112 17.93 -24.15 67.98
CA SER D 112 19.09 -24.40 67.11
C SER D 112 19.99 -23.16 67.01
N VAL D 113 19.40 -21.99 66.76
CA VAL D 113 20.22 -20.79 66.60
C VAL D 113 20.74 -20.25 67.92
N LEU D 114 20.20 -20.70 69.04
CA LEU D 114 20.75 -20.32 70.34
C LEU D 114 21.85 -21.26 70.78
N SER D 115 21.73 -22.55 70.47
CA SER D 115 22.80 -23.48 70.76
C SER D 115 23.92 -23.43 69.74
N SER D 116 23.71 -22.77 68.61
CA SER D 116 24.77 -22.58 67.62
C SER D 116 25.61 -21.34 67.90
N LYS D 117 25.33 -20.59 68.96
CA LYS D 117 26.19 -19.49 69.37
C LYS D 117 27.16 -19.88 70.47
N VAL D 118 26.79 -20.82 71.33
CA VAL D 118 27.72 -21.30 72.35
C VAL D 118 28.80 -22.19 71.76
N ILE D 119 28.58 -22.75 70.57
CA ILE D 119 29.64 -23.47 69.86
C ILE D 119 30.67 -22.51 69.30
N ASP D 120 30.24 -21.42 68.68
CA ASP D 120 31.12 -20.50 67.97
C ASP D 120 31.73 -19.44 68.89
N ASN D 121 31.49 -19.54 70.20
CA ASN D 121 31.99 -18.62 71.23
C ASN D 121 31.57 -17.18 70.97
N ASN D 122 30.30 -17.01 70.58
CA ASN D 122 29.74 -15.70 70.28
C ASN D 122 28.66 -15.30 71.27
N ILE D 123 28.70 -15.83 72.48
CA ILE D 123 27.73 -15.49 73.52
C ILE D 123 28.48 -14.86 74.68
N ILE D 124 27.91 -13.80 75.24
CA ILE D 124 28.53 -13.03 76.32
C ILE D 124 27.45 -12.82 77.38
N VAL D 125 27.47 -13.64 78.42
CA VAL D 125 26.50 -13.49 79.50
C VAL D 125 27.00 -12.40 80.45
N LEU D 126 26.22 -11.33 80.56
CA LEU D 126 26.54 -10.22 81.43
C LEU D 126 25.88 -10.45 82.79
N GLU D 127 26.17 -9.56 83.74
CA GLU D 127 25.66 -9.72 85.09
C GLU D 127 24.42 -8.88 85.37
N ASP D 128 24.52 -7.56 85.27
CA ASP D 128 23.38 -6.70 85.51
C ASP D 128 23.05 -5.77 84.34
N LEU D 129 24.05 -5.09 83.78
CA LEU D 129 23.90 -4.07 82.72
C LEU D 129 22.92 -2.97 83.13
N THR D 130 23.36 -2.18 84.10
CA THR D 130 22.62 -1.02 84.56
C THR D 130 23.31 0.26 84.11
N LEU D 131 22.52 1.18 83.57
CA LEU D 131 22.97 2.54 83.29
C LEU D 131 22.09 3.48 84.08
N ASP D 132 22.57 4.71 84.26
CA ASP D 132 21.82 5.73 84.99
C ASP D 132 21.69 7.02 84.18
N THR D 133 22.75 7.39 83.46
CA THR D 133 22.77 8.67 82.77
C THR D 133 22.03 8.65 81.45
N ALA D 134 21.92 7.48 80.81
CA ALA D 134 21.35 7.29 79.47
C ALA D 134 22.05 8.18 78.45
N LYS D 135 23.35 7.96 78.29
CA LYS D 135 24.17 8.59 77.28
C LYS D 135 24.61 7.55 76.26
N THR D 136 24.85 8.00 75.03
CA THR D 136 25.42 7.14 74.01
C THR D 136 26.93 7.14 74.05
N LYS D 137 27.54 8.11 74.72
CA LYS D 137 28.98 8.16 74.86
C LYS D 137 29.54 7.05 75.72
N GLU D 138 28.82 6.63 76.76
CA GLU D 138 29.32 5.62 77.66
C GLU D 138 28.82 4.22 77.34
N MET D 139 27.76 4.07 76.56
CA MET D 139 27.38 2.77 76.07
C MET D 139 28.32 2.28 74.98
N ALA D 140 28.94 3.18 74.22
CA ALA D 140 29.93 2.79 73.24
C ALA D 140 31.29 2.52 73.84
N ALA D 141 31.47 2.78 75.14
CA ALA D 141 32.68 2.37 75.84
C ALA D 141 32.51 1.05 76.57
N ILE D 142 31.27 0.73 76.97
CA ILE D 142 30.96 -0.60 77.47
C ILE D 142 31.19 -1.64 76.38
N LEU D 143 30.74 -1.35 75.16
CA LEU D 143 30.94 -2.29 74.05
C LEU D 143 32.39 -2.33 73.60
N LYS D 144 33.17 -1.30 73.89
CA LYS D 144 34.60 -1.36 73.64
C LYS D 144 35.33 -2.16 74.70
N GLY D 145 34.85 -2.14 75.95
CA GLY D 145 35.47 -2.95 76.98
C GLY D 145 35.22 -4.43 76.84
N LEU D 146 34.12 -4.82 76.20
CA LEU D 146 33.79 -6.22 75.96
C LEU D 146 34.21 -6.67 74.57
N SER D 147 34.87 -5.79 73.81
CA SER D 147 35.43 -6.05 72.49
C SER D 147 34.37 -6.50 71.49
N VAL D 148 33.40 -5.61 71.28
CA VAL D 148 32.37 -5.82 70.27
C VAL D 148 32.59 -4.81 69.15
N GLU D 149 33.30 -5.22 68.10
CA GLU D 149 33.64 -4.36 66.99
C GLU D 149 32.70 -4.48 65.80
N LYS D 150 31.58 -5.19 65.96
CA LYS D 150 30.65 -5.41 64.87
C LYS D 150 29.23 -5.33 65.38
N LYS D 151 28.27 -5.87 64.61
CA LYS D 151 26.89 -5.98 65.02
C LYS D 151 26.75 -6.74 66.33
N ALA D 152 25.79 -6.32 67.14
CA ALA D 152 25.54 -6.97 68.42
C ALA D 152 24.04 -7.13 68.64
N LEU D 153 23.66 -7.73 69.76
CA LEU D 153 22.25 -7.89 70.09
C LEU D 153 22.15 -7.96 71.61
N ILE D 154 21.47 -6.99 72.20
CA ILE D 154 21.38 -6.88 73.65
C ILE D 154 19.99 -7.31 74.09
N VAL D 155 19.92 -8.32 74.93
CA VAL D 155 18.66 -8.85 75.44
C VAL D 155 18.60 -8.60 76.93
N THR D 156 17.58 -7.85 77.36
CA THR D 156 17.37 -7.55 78.76
C THR D 156 16.17 -8.33 79.28
N ALA D 157 15.99 -8.27 80.60
CA ALA D 157 14.93 -9.03 81.26
C ALA D 157 13.54 -8.55 80.83
N ASP D 158 13.20 -7.31 81.21
CA ASP D 158 11.94 -6.73 80.78
C ASP D 158 11.97 -5.20 80.71
N ALA D 159 12.23 -4.67 79.52
CA ALA D 159 12.05 -3.27 79.15
C ALA D 159 12.81 -2.27 80.01
N ASN D 160 14.14 -2.32 79.98
CA ASN D 160 14.98 -1.31 80.62
C ASN D 160 15.01 -0.08 79.72
N GLU D 161 14.81 1.09 80.33
CA GLU D 161 14.59 2.33 79.60
C GLU D 161 15.87 3.10 79.33
N ALA D 162 16.80 3.13 80.27
CA ALA D 162 18.05 3.85 80.10
C ALA D 162 18.98 3.17 79.11
N VAL D 163 18.92 1.85 78.99
CA VAL D 163 19.80 1.14 78.06
C VAL D 163 19.14 0.98 76.69
N ALA D 164 17.86 1.30 76.57
CA ALA D 164 17.19 1.31 75.28
C ALA D 164 17.16 2.69 74.66
N LEU D 165 17.05 3.74 75.47
CA LEU D 165 17.22 5.10 74.94
C LEU D 165 18.64 5.32 74.47
N SER D 166 19.61 4.93 75.28
CA SER D 166 20.97 4.83 74.80
C SER D 166 21.09 3.62 73.87
N ALA D 167 22.18 3.59 73.09
CA ALA D 167 22.47 2.55 72.09
C ALA D 167 21.37 2.41 71.05
N ARG D 168 20.64 3.50 70.83
CA ARG D 168 19.65 3.58 69.77
C ARG D 168 20.23 4.19 68.50
N ASN D 169 21.28 4.97 68.63
CA ASN D 169 21.90 5.65 67.50
C ASN D 169 23.09 4.89 66.93
N ILE D 170 23.64 3.93 67.68
CA ILE D 170 24.80 3.18 67.20
C ILE D 170 24.35 2.25 66.08
N PRO D 171 25.00 2.25 64.92
CA PRO D 171 24.40 1.60 63.74
C PRO D 171 24.45 0.09 63.75
N GLY D 172 25.26 -0.54 64.58
CA GLY D 172 25.27 -1.99 64.63
C GLY D 172 24.27 -2.58 65.61
N VAL D 173 24.17 -1.97 66.78
CA VAL D 173 23.50 -2.52 67.96
C VAL D 173 21.99 -2.52 67.79
N THR D 174 21.33 -3.55 68.33
CA THR D 174 19.87 -3.61 68.40
C THR D 174 19.51 -4.15 69.76
N VAL D 175 18.67 -3.43 70.49
CA VAL D 175 18.24 -3.83 71.83
C VAL D 175 16.84 -4.42 71.73
N VAL D 176 16.60 -5.52 72.44
CA VAL D 176 15.32 -6.21 72.40
C VAL D 176 15.07 -6.79 73.78
N GLU D 177 13.82 -7.17 74.03
CA GLU D 177 13.40 -7.70 75.32
C GLU D 177 13.43 -9.23 75.27
N ALA D 178 13.26 -9.87 76.44
CA ALA D 178 13.54 -11.30 76.55
C ALA D 178 12.51 -12.15 75.85
N ASN D 179 11.28 -11.66 75.70
CA ASN D 179 10.28 -12.36 74.92
C ASN D 179 10.13 -11.75 73.53
N GLY D 180 11.20 -11.16 73.02
CA GLY D 180 11.17 -10.56 71.70
C GLY D 180 12.25 -11.10 70.81
N ILE D 181 12.91 -12.18 71.22
CA ILE D 181 13.92 -12.79 70.38
C ILE D 181 13.24 -13.67 69.34
N ASN D 182 13.87 -13.77 68.19
CA ASN D 182 13.38 -14.53 67.05
C ASN D 182 14.56 -14.95 66.20
N VAL D 183 14.26 -15.70 65.14
CA VAL D 183 15.30 -16.38 64.37
C VAL D 183 16.09 -15.39 63.53
N LEU D 184 15.40 -14.61 62.70
CA LEU D 184 16.02 -13.67 61.77
C LEU D 184 16.74 -12.53 62.45
N ASP D 185 16.56 -12.35 63.75
CA ASP D 185 17.25 -11.33 64.49
C ASP D 185 18.42 -11.87 65.28
N VAL D 186 18.38 -13.14 65.69
CA VAL D 186 19.53 -13.77 66.34
C VAL D 186 20.59 -14.20 65.34
N VAL D 187 20.18 -14.74 64.18
CA VAL D 187 21.13 -15.11 63.12
C VAL D 187 21.86 -13.91 62.53
N ASN D 188 21.23 -12.73 62.51
CA ASN D 188 21.71 -11.58 61.76
C ASN D 188 22.72 -10.73 62.53
N HIS D 189 23.06 -11.09 63.77
CA HIS D 189 23.66 -10.07 64.60
C HIS D 189 25.00 -10.47 65.20
N GLU D 190 25.46 -11.69 64.93
CA GLU D 190 26.86 -12.11 65.06
C GLU D 190 27.41 -12.22 66.49
N LYS D 191 26.72 -11.65 67.48
CA LYS D 191 27.22 -11.66 68.85
C LYS D 191 26.10 -11.28 69.82
N LEU D 192 25.72 -12.21 70.69
CA LEU D 192 24.58 -12.05 71.58
C LEU D 192 25.05 -11.63 72.98
N LEU D 193 24.44 -10.57 73.50
CA LEU D 193 24.70 -10.10 74.86
C LEU D 193 23.42 -10.26 75.67
N ILE D 194 23.38 -11.27 76.52
CA ILE D 194 22.26 -11.51 77.40
C ILE D 194 22.69 -11.23 78.83
N THR D 195 21.74 -11.00 79.71
CA THR D 195 22.03 -10.72 81.10
C THR D 195 21.76 -11.96 81.93
N LYS D 196 22.07 -11.85 83.22
CA LYS D 196 21.89 -12.98 84.13
C LYS D 196 20.42 -13.28 84.36
N ALA D 197 19.59 -12.26 84.47
CA ALA D 197 18.16 -12.47 84.68
C ALA D 197 17.41 -12.81 83.41
N ALA D 198 18.07 -12.78 82.25
CA ALA D 198 17.39 -13.08 81.00
C ALA D 198 17.46 -14.55 80.62
N VAL D 199 18.52 -15.26 81.05
CA VAL D 199 18.59 -16.69 80.76
C VAL D 199 17.62 -17.46 81.65
N GLU D 200 17.26 -16.89 82.80
CA GLU D 200 16.22 -17.50 83.61
C GLU D 200 14.86 -17.27 82.99
N LYS D 201 14.69 -16.17 82.26
CA LYS D 201 13.39 -15.91 81.63
C LYS D 201 13.24 -16.68 80.33
N VAL D 202 14.34 -16.91 79.61
CA VAL D 202 14.28 -17.70 78.38
C VAL D 202 14.10 -19.17 78.66
N GLU D 203 14.84 -19.74 79.62
CA GLU D 203 14.80 -21.17 79.91
C GLU D 203 13.48 -21.64 80.49
N GLU D 204 12.67 -20.75 81.07
CA GLU D 204 11.37 -21.19 81.57
C GLU D 204 10.35 -21.33 80.46
N VAL D 205 10.46 -20.52 79.41
CA VAL D 205 9.52 -20.63 78.30
C VAL D 205 9.87 -21.79 77.38
N LEU D 206 11.15 -22.02 77.13
CA LEU D 206 11.57 -23.05 76.19
C LEU D 206 11.90 -24.36 76.90
N THR E 4 49.86 -32.78 1.12
CA THR E 4 48.65 -32.30 0.45
C THR E 4 48.87 -32.29 -1.07
N PRO E 5 47.81 -32.57 -1.84
CA PRO E 5 47.94 -32.58 -3.29
C PRO E 5 48.31 -31.22 -3.84
N MET E 6 49.03 -31.27 -4.94
CA MET E 6 49.46 -30.10 -5.67
C MET E 6 48.45 -29.82 -6.77
N ALA E 7 47.98 -28.60 -6.81
CA ALA E 7 47.23 -28.11 -7.96
C ALA E 7 48.15 -27.25 -8.79
N ASN E 8 47.89 -27.21 -10.09
CA ASN E 8 48.71 -26.41 -10.99
C ASN E 8 47.95 -25.19 -11.46
N ALA E 9 48.66 -24.08 -11.63
CA ALA E 9 48.05 -22.81 -11.98
C ALA E 9 49.15 -21.92 -12.52
N SER E 10 49.06 -21.55 -13.81
CA SER E 10 50.09 -20.79 -14.55
C SER E 10 51.46 -21.48 -14.46
N THR E 11 51.44 -22.81 -14.49
CA THR E 11 52.66 -23.59 -14.69
C THR E 11 52.41 -24.72 -15.68
N ILE E 12 51.33 -24.67 -16.44
CA ILE E 12 50.95 -25.69 -17.40
C ILE E 12 51.74 -25.47 -18.67
N GLU E 13 52.01 -26.55 -19.39
CA GLU E 13 52.80 -26.53 -20.62
C GLU E 13 52.04 -27.30 -21.70
N ARG E 14 51.41 -26.60 -22.62
CA ARG E 14 50.69 -27.27 -23.69
C ARG E 14 51.64 -27.73 -24.78
N LYS E 15 51.14 -28.64 -25.61
CA LYS E 15 51.88 -29.09 -26.78
C LYS E 15 50.89 -29.52 -27.85
N TRP E 16 51.34 -29.54 -29.09
CA TRP E 16 50.45 -29.72 -30.23
C TRP E 16 50.57 -31.12 -30.78
N LEU E 17 49.44 -31.70 -31.19
CA LEU E 17 49.37 -33.07 -31.68
C LEU E 17 48.55 -33.10 -32.95
N VAL E 18 48.94 -33.96 -33.89
CA VAL E 18 48.23 -34.14 -35.15
C VAL E 18 47.60 -35.52 -35.14
N VAL E 19 46.31 -35.59 -35.47
CA VAL E 19 45.55 -36.83 -35.44
C VAL E 19 44.91 -37.00 -36.82
N ASP E 20 45.29 -38.05 -37.52
CA ASP E 20 44.72 -38.31 -38.83
C ASP E 20 43.38 -39.03 -38.68
N ALA E 21 42.37 -38.55 -39.38
CA ALA E 21 41.04 -39.13 -39.35
C ALA E 21 40.75 -39.95 -40.61
N ALA E 22 41.76 -40.66 -41.10
CA ALA E 22 41.71 -41.30 -42.40
C ALA E 22 40.70 -42.43 -42.52
N GLY E 23 40.75 -43.39 -41.60
CA GLY E 23 39.83 -44.50 -41.68
C GLY E 23 39.11 -44.83 -40.39
N LYS E 24 38.73 -43.82 -39.62
CA LYS E 24 38.22 -44.04 -38.28
C LYS E 24 36.71 -43.89 -38.24
N THR E 25 36.14 -44.34 -37.13
CA THR E 25 34.72 -44.18 -36.87
C THR E 25 34.52 -42.81 -36.24
N LEU E 26 33.34 -42.21 -36.47
CA LEU E 26 33.07 -40.84 -36.01
C LEU E 26 33.08 -40.74 -34.50
N GLY E 27 32.58 -41.75 -33.81
CA GLY E 27 32.49 -41.68 -32.36
C GLY E 27 33.63 -42.29 -31.61
N ARG E 28 34.39 -43.18 -32.24
CA ARG E 28 35.55 -43.78 -31.60
C ARG E 28 36.83 -43.00 -31.85
N LEU E 29 36.71 -41.82 -32.43
CA LEU E 29 37.77 -40.83 -32.51
C LEU E 29 37.51 -39.66 -31.59
N SER E 30 36.26 -39.22 -31.55
CA SER E 30 35.80 -38.10 -30.75
C SER E 30 35.99 -38.31 -29.27
N SER E 31 35.89 -39.54 -28.78
CA SER E 31 36.07 -39.82 -27.36
C SER E 31 37.52 -39.64 -26.91
N GLU E 32 38.47 -40.16 -27.70
CA GLU E 32 39.89 -39.94 -27.41
C GLU E 32 40.26 -38.49 -27.52
N VAL E 33 39.71 -37.78 -28.50
CA VAL E 33 40.03 -36.36 -28.65
C VAL E 33 39.45 -35.55 -27.49
N ALA E 34 38.20 -35.85 -27.10
CA ALA E 34 37.59 -35.13 -26.00
C ALA E 34 38.17 -35.50 -24.64
N ALA E 35 38.89 -36.60 -24.55
CA ALA E 35 39.66 -36.88 -23.35
C ALA E 35 41.05 -36.26 -23.39
N ILE E 36 41.60 -36.02 -24.58
CA ILE E 36 42.88 -35.31 -24.68
C ILE E 36 42.72 -33.83 -24.38
N LEU E 37 41.67 -33.20 -24.92
CA LEU E 37 41.44 -31.77 -24.72
C LEU E 37 41.18 -31.43 -23.26
N ARG E 38 40.57 -32.34 -22.53
CA ARG E 38 40.25 -32.08 -21.13
C ARG E 38 41.46 -32.29 -20.25
N GLY E 39 42.38 -33.15 -20.65
CA GLY E 39 43.65 -33.29 -19.99
C GLY E 39 43.81 -34.49 -19.11
N LYS E 40 43.07 -35.57 -19.36
CA LYS E 40 43.04 -36.72 -18.48
C LYS E 40 44.26 -37.61 -18.62
N HIS E 41 45.12 -37.37 -19.60
CA HIS E 41 46.27 -38.22 -19.85
C HIS E 41 47.52 -37.72 -19.15
N LYS E 42 47.39 -36.84 -18.18
CA LYS E 42 48.52 -36.24 -17.50
C LYS E 42 48.42 -36.49 -16.01
N PRO E 43 49.55 -36.77 -15.34
CA PRO E 43 49.52 -36.93 -13.89
C PRO E 43 49.36 -35.64 -13.11
N THR E 44 49.30 -34.48 -13.76
CA THR E 44 49.07 -33.21 -13.09
C THR E 44 47.68 -32.68 -13.32
N TYR E 45 46.72 -33.56 -13.60
CA TYR E 45 45.35 -33.17 -13.89
C TYR E 45 44.70 -32.55 -12.67
N THR E 46 44.14 -31.36 -12.84
CA THR E 46 43.41 -30.64 -11.81
C THR E 46 42.09 -30.23 -12.42
N PRO E 47 40.96 -30.47 -11.75
CA PRO E 47 39.66 -30.39 -12.44
C PRO E 47 39.18 -28.98 -12.76
N HIS E 48 39.92 -27.93 -12.43
CA HIS E 48 39.40 -26.58 -12.64
C HIS E 48 40.37 -25.64 -13.34
N VAL E 49 41.40 -26.12 -14.02
CA VAL E 49 42.38 -25.22 -14.63
C VAL E 49 42.77 -25.56 -16.05
N ASP E 50 42.11 -26.53 -16.71
CA ASP E 50 42.28 -26.81 -18.15
C ASP E 50 43.73 -27.19 -18.52
N THR E 51 44.09 -28.41 -18.15
CA THR E 51 45.44 -28.93 -18.32
C THR E 51 45.68 -29.57 -19.69
N GLY E 52 44.74 -29.43 -20.62
CA GLY E 52 44.76 -30.19 -21.85
C GLY E 52 45.80 -29.76 -22.86
N ASP E 53 45.68 -30.27 -24.09
CA ASP E 53 46.61 -29.99 -25.17
C ASP E 53 45.86 -29.56 -26.41
N HIS E 54 46.60 -29.10 -27.41
CA HIS E 54 46.04 -28.65 -28.69
C HIS E 54 46.02 -29.79 -29.69
N VAL E 55 44.91 -29.90 -30.42
CA VAL E 55 44.69 -31.02 -31.33
C VAL E 55 44.37 -30.47 -32.71
N ILE E 56 45.07 -30.97 -33.73
CA ILE E 56 44.78 -30.70 -35.12
C ILE E 56 44.31 -32.00 -35.76
N ILE E 57 43.20 -31.94 -36.47
CA ILE E 57 42.61 -33.12 -37.12
C ILE E 57 42.63 -32.87 -38.62
N ILE E 58 43.48 -33.61 -39.33
CA ILE E 58 43.55 -33.53 -40.78
C ILE E 58 42.72 -34.65 -41.37
N ASN E 59 42.38 -34.54 -42.65
CA ASN E 59 41.56 -35.50 -43.40
C ASN E 59 40.19 -35.70 -42.74
N ALA E 60 39.44 -34.62 -42.64
CA ALA E 60 38.15 -34.69 -41.97
C ALA E 60 37.06 -35.28 -42.85
N GLU E 61 37.22 -35.21 -44.17
CA GLU E 61 36.20 -35.69 -45.09
C GLU E 61 36.29 -37.19 -45.33
N LYS E 62 37.30 -37.86 -44.77
CA LYS E 62 37.52 -39.28 -44.98
C LYS E 62 37.01 -40.13 -43.82
N ILE E 63 36.25 -39.54 -42.90
CA ILE E 63 35.64 -40.30 -41.81
C ILE E 63 34.59 -41.24 -42.39
N GLU E 64 34.27 -42.30 -41.67
CA GLU E 64 33.21 -43.20 -42.10
C GLU E 64 32.33 -43.60 -40.92
N LEU E 65 31.06 -43.85 -41.21
CA LEU E 65 30.09 -44.36 -40.25
C LEU E 65 29.69 -45.76 -40.69
N THR E 66 29.44 -46.63 -39.72
CA THR E 66 29.09 -48.02 -40.02
C THR E 66 27.58 -48.18 -40.08
N GLY E 67 27.14 -49.10 -40.91
CA GLY E 67 25.73 -49.38 -41.06
C GLY E 67 25.04 -48.45 -42.04
N LYS E 68 23.77 -48.18 -41.81
CA LYS E 68 23.00 -47.29 -42.67
C LYS E 68 23.04 -45.84 -42.21
N LYS E 69 24.05 -45.46 -41.42
CA LYS E 69 24.03 -44.15 -40.76
C LYS E 69 24.32 -43.01 -41.72
N LEU E 70 24.77 -43.32 -42.94
CA LEU E 70 25.05 -42.25 -43.90
C LEU E 70 23.76 -41.59 -44.39
N THR E 71 22.64 -42.30 -44.32
CA THR E 71 21.38 -41.77 -44.81
C THR E 71 20.37 -41.44 -43.72
N ASP E 72 20.22 -42.27 -42.70
CA ASP E 72 19.10 -42.06 -41.77
C ASP E 72 19.50 -41.30 -40.51
N LYS E 73 20.79 -41.11 -40.27
CA LYS E 73 21.19 -40.19 -39.22
C LYS E 73 20.94 -38.76 -39.68
N ILE E 74 20.10 -38.05 -38.94
CA ILE E 74 19.57 -36.76 -39.35
C ILE E 74 20.09 -35.69 -38.40
N TYR E 75 20.65 -34.62 -38.96
CA TYR E 75 21.11 -33.48 -38.18
C TYR E 75 20.02 -32.43 -38.18
N TYR E 76 19.46 -32.16 -37.02
CA TYR E 76 18.39 -31.18 -36.88
C TYR E 76 18.95 -29.83 -36.44
N ARG E 77 18.16 -28.79 -36.68
CA ARG E 77 18.60 -27.43 -36.39
C ARG E 77 17.36 -26.58 -36.18
N HIS E 78 17.22 -26.02 -34.98
CA HIS E 78 16.04 -25.22 -34.66
C HIS E 78 16.47 -23.79 -34.33
N THR E 79 15.63 -22.83 -34.69
CA THR E 79 15.78 -21.46 -34.24
C THR E 79 14.86 -21.27 -33.04
N GLN E 80 15.10 -20.23 -32.25
CA GLN E 80 14.28 -19.96 -31.08
C GLN E 80 12.97 -19.35 -31.57
N HIS E 81 11.94 -20.20 -31.65
CA HIS E 81 10.59 -19.84 -32.07
C HIS E 81 10.42 -19.12 -33.41
N PRO E 82 10.72 -19.79 -34.55
CA PRO E 82 10.19 -19.27 -35.82
C PRO E 82 8.95 -20.00 -36.30
N GLY E 83 8.59 -21.10 -35.66
CA GLY E 83 7.58 -21.99 -36.19
C GLY E 83 8.13 -22.94 -37.24
N GLY E 84 9.24 -23.60 -36.95
CA GLY E 84 9.81 -24.55 -37.89
C GLY E 84 11.24 -24.90 -37.55
N LEU E 85 11.70 -26.00 -38.14
CA LEU E 85 13.04 -26.53 -37.94
C LEU E 85 13.61 -26.97 -39.29
N LYS E 86 14.91 -27.23 -39.31
CA LYS E 86 15.62 -27.59 -40.52
C LYS E 86 16.36 -28.91 -40.31
N SER E 87 16.62 -29.60 -41.43
CA SER E 87 17.04 -30.99 -41.43
C SER E 87 18.10 -31.25 -42.49
N ARG E 88 19.19 -31.92 -42.10
CA ARG E 88 20.25 -32.30 -43.02
C ARG E 88 20.54 -33.78 -42.90
N THR E 89 20.94 -34.40 -44.01
CA THR E 89 21.26 -35.80 -44.07
C THR E 89 22.75 -35.99 -43.80
N ALA E 90 23.11 -37.13 -43.22
CA ALA E 90 24.52 -37.36 -42.84
C ALA E 90 25.42 -37.57 -44.05
N LEU E 91 24.86 -37.90 -45.21
CA LEU E 91 25.69 -37.98 -46.40
C LEU E 91 25.92 -36.61 -47.01
N GLU E 92 24.89 -35.77 -47.03
CA GLU E 92 25.03 -34.40 -47.50
C GLU E 92 25.74 -33.50 -46.49
N MET E 93 25.91 -33.98 -45.27
CA MET E 93 26.74 -33.31 -44.28
C MET E 93 28.21 -33.70 -44.41
N ARG E 94 28.52 -34.89 -44.91
CA ARG E 94 29.90 -35.32 -44.99
C ARG E 94 30.65 -34.72 -46.17
N THR E 95 29.98 -34.45 -47.29
CA THR E 95 30.63 -33.90 -48.47
C THR E 95 30.57 -32.39 -48.56
N ASN E 96 29.70 -31.73 -47.81
CA ASN E 96 29.57 -30.28 -47.85
C ASN E 96 30.08 -29.59 -46.61
N TYR E 97 29.82 -30.14 -45.42
CA TYR E 97 30.32 -29.58 -44.17
C TYR E 97 31.01 -30.67 -43.36
N PRO E 98 32.18 -31.15 -43.78
CA PRO E 98 32.82 -32.24 -43.04
C PRO E 98 33.47 -31.77 -41.75
N GLU E 99 33.87 -30.51 -41.67
CA GLU E 99 34.51 -29.98 -40.48
C GLU E 99 33.50 -29.57 -39.41
N LYS E 100 32.22 -29.60 -39.73
CA LYS E 100 31.18 -29.31 -38.76
C LYS E 100 30.65 -30.54 -38.06
N MET E 101 30.62 -31.68 -38.74
CA MET E 101 30.18 -32.91 -38.11
C MET E 101 31.22 -33.49 -37.16
N LEU E 102 32.48 -33.10 -37.29
CA LEU E 102 33.47 -33.47 -36.28
C LEU E 102 33.53 -32.50 -35.12
N GLU E 103 32.95 -31.32 -35.25
CA GLU E 103 32.87 -30.42 -34.11
C GLU E 103 31.59 -30.59 -33.32
N LEU E 104 30.48 -30.91 -33.99
CA LEU E 104 29.25 -31.25 -33.29
C LEU E 104 29.39 -32.51 -32.46
N ALA E 105 30.21 -33.46 -32.91
CA ALA E 105 30.40 -34.69 -32.16
C ALA E 105 31.23 -34.44 -30.90
N ILE E 106 32.35 -33.74 -31.03
CA ILE E 106 33.24 -33.49 -29.91
C ILE E 106 32.65 -32.49 -28.92
N LYS E 107 31.81 -31.56 -29.39
CA LYS E 107 31.21 -30.59 -28.49
C LYS E 107 30.22 -31.21 -27.51
N GLY E 108 29.63 -32.34 -27.86
CA GLY E 108 28.75 -33.05 -26.95
C GLY E 108 29.43 -33.94 -25.97
N MET E 109 30.74 -34.16 -26.10
CA MET E 109 31.50 -35.01 -25.21
C MET E 109 32.39 -34.20 -24.27
N LEU E 110 32.30 -32.90 -24.32
CA LEU E 110 33.01 -32.00 -23.45
C LEU E 110 32.05 -31.50 -22.37
N PRO E 111 32.56 -31.08 -21.20
CA PRO E 111 31.65 -30.58 -20.16
C PRO E 111 31.03 -29.26 -20.54
N LYS E 112 29.93 -28.93 -19.87
CA LYS E 112 29.21 -27.70 -20.15
C LYS E 112 29.55 -26.67 -19.08
N GLY E 113 29.79 -25.45 -19.50
CA GLY E 113 30.21 -24.40 -18.61
C GLY E 113 31.29 -23.57 -19.27
N SER E 114 31.98 -22.79 -18.45
CA SER E 114 32.97 -21.86 -18.99
C SER E 114 34.24 -22.59 -19.42
N LEU E 115 34.67 -23.60 -18.66
CA LEU E 115 35.83 -24.37 -19.08
C LEU E 115 35.55 -25.22 -20.30
N GLY E 116 34.38 -25.82 -20.39
CA GLY E 116 34.08 -26.64 -21.54
C GLY E 116 33.89 -25.86 -22.81
N ARG E 117 33.64 -24.56 -22.71
CA ARG E 117 33.65 -23.67 -23.85
C ARG E 117 35.01 -23.05 -24.09
N GLN E 118 35.87 -23.03 -23.08
CA GLN E 118 37.21 -22.51 -23.23
C GLN E 118 38.17 -23.60 -23.70
N MET E 119 37.95 -24.84 -23.31
CA MET E 119 38.81 -25.94 -23.75
C MET E 119 38.38 -26.51 -25.08
N PHE E 120 37.25 -26.09 -25.62
CA PHE E 120 36.88 -26.38 -27.01
C PHE E 120 37.68 -25.55 -28.00
N LYS E 121 38.25 -24.43 -27.55
CA LYS E 121 38.99 -23.54 -28.43
C LYS E 121 40.36 -24.07 -28.82
N LYS E 122 40.73 -25.27 -28.41
CA LYS E 122 42.01 -25.86 -28.74
C LYS E 122 41.92 -26.92 -29.82
N LEU E 123 40.78 -27.04 -30.47
CA LEU E 123 40.56 -28.02 -31.52
C LEU E 123 40.55 -27.32 -32.88
N ASN E 124 41.31 -27.87 -33.84
CA ASN E 124 41.35 -27.32 -35.20
C ASN E 124 41.13 -28.44 -36.19
N VAL E 125 40.05 -28.36 -36.95
CA VAL E 125 39.64 -29.42 -37.89
C VAL E 125 39.80 -28.89 -39.31
N TYR E 126 40.48 -29.66 -40.16
CA TYR E 126 40.70 -29.29 -41.55
C TYR E 126 40.32 -30.43 -42.47
N ARG E 127 39.77 -30.09 -43.63
CA ARG E 127 39.56 -31.07 -44.71
C ARG E 127 40.83 -31.04 -45.54
N GLY E 128 41.30 -32.21 -45.93
CA GLY E 128 42.53 -32.26 -46.68
C GLY E 128 43.69 -32.69 -45.80
N SER E 129 44.92 -32.44 -46.25
CA SER E 129 46.05 -33.00 -45.54
C SER E 129 47.12 -31.96 -45.24
N GLU E 130 46.78 -30.69 -45.33
CA GLU E 130 47.70 -29.62 -44.97
C GLU E 130 47.07 -28.73 -43.91
N HIS E 131 47.86 -28.36 -42.92
CA HIS E 131 47.43 -27.44 -41.89
C HIS E 131 48.38 -26.25 -41.83
N PRO E 132 47.89 -25.06 -41.48
CA PRO E 132 48.74 -23.87 -41.47
C PRO E 132 49.66 -23.74 -40.27
N HIS E 133 49.69 -24.68 -39.34
CA HIS E 133 50.46 -24.52 -38.10
C HIS E 133 51.76 -25.30 -38.22
N GLU E 134 52.78 -24.68 -38.80
CA GLU E 134 54.11 -25.26 -38.79
C GLU E 134 55.02 -24.60 -37.78
N ALA E 135 54.73 -23.37 -37.37
CA ALA E 135 55.58 -22.69 -36.41
C ALA E 135 55.43 -23.25 -35.01
N GLN E 136 54.33 -23.93 -34.74
CA GLN E 136 54.06 -24.49 -33.43
C GLN E 136 54.71 -25.85 -33.22
N LYS E 137 55.23 -26.45 -34.30
CA LYS E 137 55.97 -27.70 -34.36
C LYS E 137 55.17 -28.86 -33.77
N PRO E 138 54.10 -29.31 -34.42
CA PRO E 138 53.27 -30.35 -33.80
C PRO E 138 53.86 -31.74 -33.97
N GLU E 139 53.50 -32.61 -33.04
CA GLU E 139 53.91 -34.01 -33.04
C GLU E 139 52.82 -34.85 -33.66
N VAL E 140 53.04 -36.16 -33.69
CA VAL E 140 52.06 -37.10 -34.22
C VAL E 140 51.59 -37.98 -33.08
N TYR E 141 50.27 -38.11 -32.94
CA TYR E 141 49.65 -38.92 -31.90
C TYR E 141 48.85 -40.03 -32.55
N GLU E 142 49.00 -41.23 -32.01
CA GLU E 142 48.27 -42.40 -32.50
C GLU E 142 47.26 -42.85 -31.46
N LEU E 143 46.07 -43.23 -31.93
CA LEU E 143 44.92 -43.46 -31.05
C LEU E 143 45.08 -44.73 -30.23
N ARG E 144 44.11 -44.94 -29.34
CA ARG E 144 44.02 -46.05 -28.39
C ARG E 144 45.28 -46.15 -27.54
N GLY E 145 45.60 -45.03 -26.88
CA GLY E 145 46.74 -44.97 -25.99
C GLY E 145 47.88 -44.11 -26.49
N MET F 1 -18.30 2.13 -60.43
CA MET F 1 -18.10 1.06 -59.47
C MET F 1 -19.42 0.53 -58.96
N ILE F 2 -19.93 -0.51 -59.62
CA ILE F 2 -21.17 -1.15 -59.20
C ILE F 2 -20.87 -2.17 -58.12
N GLN F 3 -21.80 -2.32 -57.18
CA GLN F 3 -21.58 -3.07 -55.96
C GLN F 3 -22.90 -3.78 -55.63
N GLN F 4 -22.92 -4.55 -54.55
CA GLN F 4 -24.16 -5.12 -54.05
C GLN F 4 -25.07 -4.01 -53.51
N GLU F 5 -26.38 -4.20 -53.70
CA GLU F 5 -27.43 -3.20 -53.45
C GLU F 5 -27.20 -1.91 -54.20
N THR F 6 -26.88 -2.00 -55.48
CA THR F 6 -26.75 -0.81 -56.32
C THR F 6 -27.90 -0.84 -57.32
N ARG F 7 -28.80 0.13 -57.20
CA ARG F 7 -29.93 0.20 -58.10
C ARG F 7 -29.52 0.84 -59.41
N LEU F 8 -29.58 0.08 -60.49
CA LEU F 8 -29.28 0.67 -61.79
C LEU F 8 -30.59 1.11 -62.44
N LYS F 9 -30.55 1.46 -63.73
CA LYS F 9 -31.78 1.72 -64.46
C LYS F 9 -31.65 1.13 -65.85
N VAL F 10 -32.67 0.39 -66.28
CA VAL F 10 -32.62 -0.41 -67.50
C VAL F 10 -32.82 0.49 -68.72
N ALA F 11 -31.95 0.35 -69.71
CA ALA F 11 -31.85 1.30 -70.81
C ALA F 11 -32.36 0.76 -72.14
N ASP F 12 -33.19 -0.28 -72.13
CA ASP F 12 -33.75 -0.77 -73.39
C ASP F 12 -35.20 -1.17 -73.16
N ASN F 13 -35.99 -1.17 -74.25
CA ASN F 13 -37.43 -1.37 -74.16
C ASN F 13 -37.73 -2.86 -74.02
N SER F 14 -37.52 -3.37 -72.82
CA SER F 14 -37.79 -4.79 -72.56
C SER F 14 -38.80 -5.02 -71.45
N GLY F 15 -39.33 -3.97 -70.82
CA GLY F 15 -40.31 -4.14 -69.77
C GLY F 15 -39.83 -3.71 -68.40
N ALA F 16 -38.60 -4.05 -68.04
CA ALA F 16 -38.07 -3.66 -66.75
C ALA F 16 -37.61 -2.21 -66.77
N ARG F 17 -37.59 -1.59 -65.59
CA ARG F 17 -37.19 -0.19 -65.50
C ARG F 17 -36.16 0.09 -64.41
N GLU F 18 -36.11 -0.68 -63.32
CA GLU F 18 -35.08 -0.51 -62.31
C GLU F 18 -34.73 -1.88 -61.77
N VAL F 19 -33.44 -2.11 -61.53
CA VAL F 19 -32.97 -3.43 -61.17
C VAL F 19 -31.95 -3.29 -60.04
N LEU F 20 -31.84 -4.32 -59.21
CA LEU F 20 -31.00 -4.30 -58.01
C LEU F 20 -29.99 -5.42 -58.08
N THR F 21 -28.72 -5.08 -57.89
CA THR F 21 -27.62 -6.02 -58.04
C THR F 21 -27.50 -6.93 -56.83
N ILE F 22 -27.33 -8.23 -57.07
CA ILE F 22 -27.08 -9.16 -55.97
C ILE F 22 -25.77 -9.91 -56.10
N LYS F 23 -25.13 -9.90 -57.26
CA LYS F 23 -23.92 -10.71 -57.47
C LYS F 23 -23.14 -10.14 -58.63
N VAL F 24 -21.83 -10.03 -58.45
CA VAL F 24 -20.91 -9.59 -59.49
C VAL F 24 -20.22 -10.82 -60.05
N LEU F 25 -20.33 -11.04 -61.36
CA LEU F 25 -19.76 -12.22 -61.99
C LEU F 25 -18.31 -11.94 -62.36
N GLY F 26 -17.40 -12.67 -61.73
CA GLY F 26 -15.98 -12.54 -61.97
C GLY F 26 -15.24 -13.69 -61.34
N GLY F 27 -14.14 -13.41 -60.67
CA GLY F 27 -13.43 -14.42 -59.92
C GLY F 27 -14.04 -14.73 -58.57
N SER F 28 -13.22 -15.13 -57.61
CA SER F 28 -13.72 -15.52 -56.30
C SER F 28 -13.94 -14.32 -55.37
N GLY F 29 -13.05 -13.34 -55.42
CA GLY F 29 -13.15 -12.22 -54.50
C GLY F 29 -13.48 -10.91 -55.17
N ARG F 30 -13.99 -10.96 -56.39
CA ARG F 30 -14.35 -9.74 -57.11
C ARG F 30 -15.62 -9.16 -56.53
N LYS F 31 -15.59 -7.87 -56.22
CA LYS F 31 -16.73 -7.22 -55.59
C LYS F 31 -17.04 -5.85 -56.18
N THR F 32 -16.55 -5.54 -57.38
CA THR F 32 -16.81 -4.25 -58.00
C THR F 32 -16.75 -4.40 -59.50
N ALA F 33 -17.80 -3.97 -60.20
CA ALA F 33 -17.89 -4.07 -61.64
C ALA F 33 -17.89 -2.69 -62.28
N ASN F 34 -17.41 -2.63 -63.51
CA ASN F 34 -17.34 -1.38 -64.26
C ASN F 34 -17.98 -1.63 -65.63
N ILE F 35 -17.75 -0.71 -66.58
CA ILE F 35 -18.34 -0.79 -67.90
C ILE F 35 -17.83 -2.03 -68.63
N GLY F 36 -18.77 -2.86 -69.09
CA GLY F 36 -18.44 -4.06 -69.82
C GLY F 36 -18.47 -5.33 -69.00
N ASP F 37 -19.06 -5.31 -67.81
CA ASP F 37 -19.08 -6.47 -66.94
C ASP F 37 -20.52 -6.92 -66.73
N VAL F 38 -20.69 -8.20 -66.43
CA VAL F 38 -21.99 -8.82 -66.29
C VAL F 38 -22.34 -8.91 -64.81
N ILE F 39 -23.61 -8.69 -64.47
CA ILE F 39 -24.09 -8.80 -63.10
C ILE F 39 -25.40 -9.59 -63.09
N VAL F 40 -25.65 -10.19 -61.93
CA VAL F 40 -26.89 -10.90 -61.63
C VAL F 40 -27.72 -9.97 -60.78
N CYS F 41 -28.96 -9.74 -61.17
CA CYS F 41 -29.76 -8.68 -60.59
C CYS F 41 -31.25 -9.00 -60.68
N THR F 42 -31.99 -8.54 -59.67
CA THR F 42 -33.41 -8.81 -59.54
C THR F 42 -34.20 -7.56 -59.88
N VAL F 43 -35.28 -7.72 -60.65
CA VAL F 43 -36.06 -6.58 -61.12
C VAL F 43 -36.94 -6.08 -59.99
N LYS F 44 -36.83 -4.78 -59.69
CA LYS F 44 -37.61 -4.18 -58.61
C LYS F 44 -38.81 -3.38 -59.09
N GLN F 45 -38.83 -2.95 -60.34
CA GLN F 45 -39.93 -2.12 -60.83
C GLN F 45 -39.97 -2.22 -62.34
N ALA F 46 -41.09 -2.69 -62.88
CA ALA F 46 -41.26 -2.90 -64.31
C ALA F 46 -42.56 -2.28 -64.77
N THR F 47 -42.71 -2.17 -66.09
CA THR F 47 -43.94 -1.71 -66.71
C THR F 47 -44.83 -2.92 -67.00
N PRO F 48 -46.14 -2.84 -66.77
CA PRO F 48 -47.00 -4.04 -66.89
C PRO F 48 -47.16 -4.59 -68.31
N GLY F 49 -46.99 -3.75 -69.32
CA GLY F 49 -47.18 -4.19 -70.69
C GLY F 49 -45.94 -4.68 -71.39
N GLY F 50 -45.05 -5.38 -70.68
CA GLY F 50 -43.77 -5.77 -71.21
C GLY F 50 -43.49 -7.25 -71.09
N VAL F 51 -42.20 -7.59 -71.14
CA VAL F 51 -41.76 -8.97 -71.12
C VAL F 51 -41.18 -9.39 -69.77
N VAL F 52 -40.39 -8.55 -69.12
CA VAL F 52 -39.71 -8.89 -67.88
C VAL F 52 -40.58 -8.46 -66.71
N LYS F 53 -40.73 -9.36 -65.74
CA LYS F 53 -41.62 -9.12 -64.61
C LYS F 53 -40.82 -8.98 -63.32
N LYS F 54 -41.50 -8.47 -62.30
CA LYS F 54 -40.86 -8.21 -61.02
C LYS F 54 -40.52 -9.50 -60.29
N GLY F 55 -39.38 -9.50 -59.60
CA GLY F 55 -38.87 -10.64 -58.89
C GLY F 55 -37.96 -11.52 -59.73
N GLU F 56 -37.95 -11.34 -61.04
CA GLU F 56 -37.18 -12.20 -61.92
C GLU F 56 -35.68 -11.92 -61.80
N VAL F 57 -34.92 -12.96 -61.47
CA VAL F 57 -33.46 -12.87 -61.39
C VAL F 57 -32.89 -13.02 -62.78
N VAL F 58 -32.30 -11.96 -63.34
CA VAL F 58 -31.88 -11.99 -64.74
C VAL F 58 -30.38 -11.62 -64.77
N LYS F 59 -29.79 -11.54 -65.95
CA LYS F 59 -28.41 -11.11 -66.12
C LYS F 59 -28.36 -9.85 -66.96
N ALA F 60 -27.56 -8.87 -66.53
CA ALA F 60 -27.42 -7.61 -67.23
C ALA F 60 -25.95 -7.28 -67.46
N VAL F 61 -25.70 -6.35 -68.37
CA VAL F 61 -24.36 -5.87 -68.68
C VAL F 61 -24.35 -4.36 -68.44
N ILE F 62 -23.27 -3.85 -67.84
CA ILE F 62 -23.16 -2.46 -67.45
C ILE F 62 -22.76 -1.64 -68.67
N VAL F 63 -23.50 -0.58 -68.96
CA VAL F 63 -23.34 0.14 -70.23
C VAL F 63 -22.77 1.55 -70.04
N ARG F 64 -23.16 2.26 -68.98
CA ARG F 64 -22.53 3.52 -68.67
C ARG F 64 -22.53 3.70 -67.16
N THR F 65 -21.45 4.27 -66.63
CA THR F 65 -21.33 4.54 -65.21
C THR F 65 -20.97 6.01 -64.98
N LYS F 66 -21.07 6.41 -63.72
CA LYS F 66 -20.66 7.73 -63.29
C LYS F 66 -19.18 7.79 -62.96
N SER F 67 -18.52 6.64 -62.85
CA SER F 67 -17.10 6.62 -62.50
C SER F 67 -16.25 7.01 -63.70
N GLY F 68 -16.28 6.22 -64.76
CA GLY F 68 -15.49 6.58 -65.91
C GLY F 68 -14.93 5.37 -66.62
N ALA F 69 -14.02 5.62 -67.58
CA ALA F 69 -13.54 4.55 -68.43
C ALA F 69 -12.02 4.45 -68.57
N ARG F 70 -11.32 5.59 -68.61
CA ARG F 70 -9.85 5.63 -68.71
C ARG F 70 -9.33 4.95 -69.98
N ARG F 71 -9.49 5.61 -71.13
CA ARG F 71 -8.89 5.12 -72.36
C ARG F 71 -7.36 5.16 -72.34
N SER F 72 -6.72 4.62 -73.37
CA SER F 72 -5.29 4.33 -73.32
C SER F 72 -4.39 5.48 -73.72
N ASP F 73 -4.89 6.55 -74.33
CA ASP F 73 -4.06 7.69 -74.69
C ASP F 73 -4.23 8.87 -73.75
N GLY F 74 -4.79 8.65 -72.56
CA GLY F 74 -5.02 9.72 -71.62
C GLY F 74 -6.40 10.30 -71.62
N SER F 75 -7.25 9.93 -72.58
CA SER F 75 -8.60 10.45 -72.62
C SER F 75 -9.49 9.71 -71.63
N TYR F 76 -10.53 10.40 -71.18
CA TYR F 76 -11.49 9.84 -70.25
C TYR F 76 -12.90 10.03 -70.80
N ILE F 77 -13.87 9.39 -70.14
CA ILE F 77 -15.27 9.61 -70.45
C ILE F 77 -16.04 9.43 -69.15
N SER F 78 -17.24 10.01 -69.09
CA SER F 78 -18.04 9.96 -67.88
C SER F 78 -19.48 10.26 -68.24
N PHE F 79 -20.39 9.78 -67.41
CA PHE F 79 -21.82 9.97 -67.63
C PHE F 79 -22.48 10.45 -66.34
N ASP F 80 -23.82 10.50 -66.31
CA ASP F 80 -24.54 10.99 -65.14
C ASP F 80 -25.31 9.91 -64.39
N GLU F 81 -25.41 8.70 -64.94
CA GLU F 81 -26.23 7.69 -64.30
C GLU F 81 -25.69 6.31 -64.65
N ASN F 82 -26.03 5.34 -63.81
CA ASN F 82 -25.59 3.96 -64.00
C ASN F 82 -26.70 3.19 -64.72
N ALA F 83 -26.39 2.66 -65.89
CA ALA F 83 -27.38 1.99 -66.71
C ALA F 83 -26.90 0.59 -67.12
N CYS F 84 -27.86 -0.30 -67.34
CA CYS F 84 -27.56 -1.67 -67.69
C CYS F 84 -28.52 -2.16 -68.75
N VAL F 85 -28.11 -3.19 -69.49
CA VAL F 85 -28.94 -3.80 -70.53
C VAL F 85 -29.06 -5.29 -70.23
N ILE F 86 -30.29 -5.80 -70.25
CA ILE F 86 -30.57 -7.22 -70.03
C ILE F 86 -30.03 -8.03 -71.19
N ILE F 87 -29.37 -9.15 -70.91
CA ILE F 87 -28.81 -10.00 -71.95
C ILE F 87 -29.41 -11.41 -71.84
N ARG F 88 -29.61 -12.03 -73.00
CA ARG F 88 -30.27 -13.33 -73.11
C ARG F 88 -29.24 -14.45 -73.19
N ASP F 89 -28.39 -14.54 -72.16
CA ASP F 89 -27.51 -15.67 -71.79
C ASP F 89 -26.33 -15.89 -72.74
N ASP F 90 -26.40 -15.35 -73.96
CA ASP F 90 -25.24 -15.12 -74.79
C ASP F 90 -25.07 -13.61 -74.83
N LYS F 91 -24.27 -13.09 -75.77
CA LYS F 91 -24.05 -11.64 -75.89
C LYS F 91 -25.15 -10.96 -76.71
N SER F 92 -26.38 -11.48 -76.70
CA SER F 92 -27.50 -10.89 -77.40
C SER F 92 -28.36 -10.09 -76.43
N PRO F 93 -28.88 -8.94 -76.84
CA PRO F 93 -29.78 -8.19 -75.95
C PRO F 93 -31.15 -8.84 -75.89
N ARG F 94 -31.81 -8.70 -74.75
CA ARG F 94 -33.17 -9.20 -74.57
C ARG F 94 -34.19 -8.11 -74.87
N GLY F 95 -34.06 -7.48 -76.03
CA GLY F 95 -34.94 -6.40 -76.44
C GLY F 95 -34.74 -6.08 -77.90
N THR F 96 -35.17 -4.89 -78.34
CA THR F 96 -35.05 -4.57 -79.75
C THR F 96 -34.48 -3.18 -79.99
N ARG F 97 -34.48 -2.32 -78.98
CA ARG F 97 -34.04 -0.94 -79.15
C ARG F 97 -33.46 -0.43 -77.84
N ILE F 98 -32.39 0.36 -77.94
CA ILE F 98 -31.62 0.76 -76.77
C ILE F 98 -31.57 2.28 -76.72
N PHE F 99 -31.98 2.85 -75.59
CA PHE F 99 -32.01 4.29 -75.40
C PHE F 99 -30.70 4.76 -74.77
N GLY F 100 -30.37 6.02 -75.01
CA GLY F 100 -29.18 6.62 -74.45
C GLY F 100 -27.92 6.26 -75.23
N PRO F 101 -26.83 6.96 -74.96
CA PRO F 101 -25.56 6.63 -75.60
C PRO F 101 -24.80 5.57 -74.82
N VAL F 102 -23.92 4.87 -75.54
CA VAL F 102 -23.16 3.77 -74.98
C VAL F 102 -21.68 4.12 -75.06
N ALA F 103 -20.88 3.35 -74.33
CA ALA F 103 -19.44 3.57 -74.31
C ALA F 103 -18.76 2.75 -75.41
N ARG F 104 -17.54 3.14 -75.74
CA ARG F 104 -16.75 2.48 -76.76
C ARG F 104 -16.03 1.25 -76.23
N GLU F 105 -16.12 0.99 -74.92
CA GLU F 105 -15.46 -0.14 -74.30
C GLU F 105 -16.30 -1.41 -74.34
N LEU F 106 -17.36 -1.42 -75.15
CA LEU F 106 -18.19 -2.60 -75.32
C LEU F 106 -17.95 -3.32 -76.63
N ARG F 107 -17.65 -2.59 -77.71
CA ARG F 107 -17.28 -3.23 -78.95
C ARG F 107 -15.87 -3.80 -78.90
N GLU F 108 -15.05 -3.37 -77.94
CA GLU F 108 -13.76 -3.99 -77.76
C GLU F 108 -13.84 -5.24 -76.90
N ASN F 109 -14.93 -5.46 -76.18
CA ASN F 109 -14.97 -6.69 -75.41
C ASN F 109 -15.48 -7.86 -76.25
N ASN F 110 -16.80 -8.01 -76.40
CA ASN F 110 -17.35 -8.92 -77.39
C ASN F 110 -18.78 -8.52 -77.80
N PHE F 111 -19.20 -7.29 -77.54
CA PHE F 111 -20.61 -6.93 -77.60
C PHE F 111 -20.86 -6.11 -78.87
N MET F 112 -21.08 -6.81 -79.99
CA MET F 112 -21.38 -6.15 -81.24
C MET F 112 -22.86 -6.17 -81.58
N LYS F 113 -23.67 -6.93 -80.84
CA LYS F 113 -25.12 -6.86 -80.97
C LYS F 113 -25.72 -5.75 -80.13
N ILE F 114 -24.88 -4.96 -79.45
CA ILE F 114 -25.33 -3.79 -78.71
C ILE F 114 -24.79 -2.49 -79.27
N VAL F 115 -23.58 -2.45 -79.84
CA VAL F 115 -23.04 -1.23 -80.42
C VAL F 115 -23.60 -0.94 -81.80
N SER F 116 -24.46 -1.81 -82.31
CA SER F 116 -25.20 -1.56 -83.53
C SER F 116 -26.59 -1.00 -83.30
N LEU F 117 -27.25 -1.42 -82.22
CA LEU F 117 -28.58 -0.94 -81.84
C LEU F 117 -28.52 0.26 -80.91
N ALA F 118 -27.46 1.06 -81.00
CA ALA F 118 -27.30 2.21 -80.14
C ALA F 118 -27.27 3.47 -80.98
N PRO F 119 -27.95 4.54 -80.57
CA PRO F 119 -27.99 5.75 -81.40
C PRO F 119 -26.68 6.50 -81.44
N GLU F 120 -25.93 6.47 -80.34
CA GLU F 120 -24.66 7.18 -80.24
C GLU F 120 -23.69 6.31 -79.46
N VAL F 121 -22.50 6.10 -80.02
CA VAL F 121 -21.44 5.37 -79.34
C VAL F 121 -20.22 6.31 -79.28
N ILE F 122 -19.80 6.64 -78.07
CA ILE F 122 -18.69 7.55 -77.89
C ILE F 122 -17.60 6.85 -77.10
N MET G 1 24.82 -21.68 60.26
CA MET G 1 23.88 -21.16 59.28
C MET G 1 23.90 -19.65 59.27
N LYS G 2 24.68 -19.08 58.36
CA LYS G 2 24.72 -17.64 58.19
C LYS G 2 23.66 -17.22 57.19
N LEU G 3 23.60 -15.93 56.90
CA LEU G 3 22.61 -15.42 55.96
C LEU G 3 23.15 -15.26 54.55
N HIS G 4 24.43 -15.58 54.33
CA HIS G 4 25.00 -15.61 52.99
C HIS G 4 25.34 -17.02 52.55
N GLU G 5 24.99 -18.02 53.35
CA GLU G 5 25.30 -19.41 53.04
C GLU G 5 24.10 -20.29 53.28
N LEU G 6 22.92 -19.82 52.85
CA LEU G 6 21.71 -20.58 53.04
C LEU G 6 21.59 -21.65 51.97
N LYS G 7 21.45 -22.91 52.39
CA LYS G 7 21.30 -24.02 51.46
C LYS G 7 20.02 -24.77 51.82
N PRO G 8 19.14 -25.01 50.86
CA PRO G 8 17.93 -25.78 51.16
C PRO G 8 18.25 -27.25 51.35
N SER G 9 17.29 -27.97 51.92
CA SER G 9 17.43 -29.41 52.06
C SER G 9 17.30 -30.07 50.69
N GLU G 10 17.98 -31.20 50.52
CA GLU G 10 18.07 -31.85 49.22
C GLU G 10 16.74 -32.50 48.86
N GLY G 11 16.19 -32.13 47.71
CA GLY G 11 14.92 -32.65 47.27
C GLY G 11 13.73 -31.85 47.72
N SER G 12 13.95 -30.78 48.48
CA SER G 12 12.85 -29.98 48.98
C SER G 12 12.26 -29.09 47.91
N ARG G 13 13.08 -28.32 47.23
CA ARG G 13 12.61 -27.34 46.26
C ARG G 13 12.83 -27.82 44.83
N LYS G 14 11.93 -27.40 43.95
CA LYS G 14 12.02 -27.66 42.52
C LYS G 14 11.64 -26.39 41.78
N THR G 15 11.94 -26.35 40.49
CA THR G 15 11.64 -25.19 39.68
C THR G 15 10.37 -25.39 38.87
N ARG G 16 9.63 -24.30 38.70
CA ARG G 16 8.38 -24.31 37.95
C ARG G 16 8.64 -24.62 36.48
N ASN G 17 7.69 -25.29 35.86
CA ASN G 17 7.74 -25.58 34.44
C ASN G 17 7.08 -24.44 33.68
N ARG G 18 7.86 -23.75 32.84
CA ARG G 18 7.33 -22.65 32.04
C ARG G 18 7.13 -23.13 30.62
N VAL G 19 5.92 -23.03 30.16
CA VAL G 19 5.48 -23.65 28.93
C VAL G 19 5.30 -22.57 27.87
N GLY G 20 5.62 -22.90 26.63
CA GLY G 20 5.48 -21.97 25.52
C GLY G 20 6.61 -20.96 25.44
N ARG G 21 7.86 -21.42 25.57
CA ARG G 21 9.03 -20.57 25.57
C ARG G 21 10.13 -21.13 24.66
N GLY G 22 9.77 -21.48 23.44
CA GLY G 22 10.81 -21.90 22.52
C GLY G 22 10.85 -23.39 22.34
N ILE G 23 11.32 -23.82 21.17
CA ILE G 23 11.24 -25.24 20.81
C ILE G 23 12.33 -26.09 21.42
N GLY G 24 13.34 -25.49 22.01
CA GLY G 24 14.47 -26.28 22.47
C GLY G 24 14.25 -27.02 23.76
N SER G 25 13.18 -26.72 24.49
CA SER G 25 12.96 -27.32 25.80
C SER G 25 11.87 -28.37 25.82
N GLY G 26 11.24 -28.65 24.70
CA GLY G 26 9.92 -29.23 24.73
C GLY G 26 8.88 -28.21 25.11
N ASN G 27 7.62 -28.55 24.84
CA ASN G 27 6.45 -27.69 25.15
C ASN G 27 6.54 -26.32 24.48
N GLY G 28 7.15 -26.28 23.30
CA GLY G 28 7.41 -25.01 22.69
C GLY G 28 6.23 -24.42 21.95
N LYS G 29 5.86 -24.98 20.82
CA LYS G 29 4.84 -24.32 20.02
C LYS G 29 3.45 -24.57 20.56
N THR G 30 3.01 -25.82 20.52
CA THR G 30 1.66 -26.17 20.94
C THR G 30 1.53 -26.32 22.45
N ALA G 31 2.62 -26.15 23.17
CA ALA G 31 2.65 -25.93 24.61
C ALA G 31 2.15 -27.12 25.41
N GLY G 32 2.48 -28.32 24.93
CA GLY G 32 2.20 -29.51 25.71
C GLY G 32 0.82 -30.11 25.47
N LYS G 33 0.10 -29.63 24.46
CA LYS G 33 -1.29 -30.01 24.27
C LYS G 33 -1.59 -30.70 22.94
N GLY G 34 -0.70 -30.67 21.97
CA GLY G 34 -0.99 -31.29 20.70
C GLY G 34 -1.93 -30.45 19.86
N HIS G 35 -2.27 -30.98 18.69
CA HIS G 35 -3.14 -30.27 17.76
C HIS G 35 -4.58 -30.62 18.08
N LYS G 36 -5.20 -29.79 18.91
CA LYS G 36 -6.57 -29.96 19.43
C LYS G 36 -6.69 -31.29 20.18
N GLY G 37 -5.96 -31.35 21.29
CA GLY G 37 -6.12 -32.45 22.22
C GLY G 37 -6.16 -31.99 23.65
N GLN G 38 -7.31 -32.21 24.31
CA GLN G 38 -7.58 -31.81 25.70
C GLN G 38 -7.23 -30.34 26.02
N MET G 55 -24.33 -42.14 27.66
CA MET G 55 -24.98 -41.73 28.89
C MET G 55 -24.05 -41.94 30.09
N PRO G 56 -24.07 -41.03 31.06
CA PRO G 56 -23.21 -41.18 32.24
C PRO G 56 -23.57 -42.40 33.09
N LEU G 57 -22.60 -42.83 33.89
CA LEU G 57 -22.72 -44.09 34.62
C LEU G 57 -23.71 -44.00 35.77
N PHE G 58 -23.85 -42.84 36.40
CA PHE G 58 -24.75 -42.72 37.54
C PHE G 58 -26.22 -42.65 37.13
N GLN G 59 -26.53 -42.33 35.87
CA GLN G 59 -27.91 -42.27 35.40
C GLN G 59 -28.41 -43.61 34.88
N ARG G 60 -27.70 -44.70 35.22
CA ARG G 60 -28.15 -46.04 34.88
C ARG G 60 -28.30 -46.91 36.13
N LEU G 61 -28.28 -46.33 37.32
CA LEU G 61 -28.26 -47.08 38.56
C LEU G 61 -29.30 -46.48 39.50
N PRO G 62 -29.96 -47.31 40.32
CA PRO G 62 -30.82 -46.75 41.37
C PRO G 62 -30.03 -46.34 42.59
N LYS G 63 -30.73 -45.93 43.67
CA LYS G 63 -30.04 -45.54 44.89
C LYS G 63 -30.95 -45.84 46.08
N ARG G 64 -30.47 -46.63 47.03
CA ARG G 64 -31.24 -46.96 48.21
C ARG G 64 -31.22 -45.81 49.20
N GLY G 65 -32.40 -45.33 49.58
CA GLY G 65 -32.53 -44.11 50.34
C GLY G 65 -32.51 -44.32 51.84
N PHE G 66 -33.40 -43.61 52.53
CA PHE G 66 -33.63 -43.70 53.97
C PHE G 66 -32.39 -43.38 54.79
N THR G 67 -31.97 -42.13 54.80
CA THR G 67 -31.00 -41.62 55.76
C THR G 67 -31.72 -41.45 57.10
N ASN G 68 -31.27 -42.14 58.13
CA ASN G 68 -31.87 -41.96 59.44
C ASN G 68 -31.35 -40.69 60.09
N ILE G 69 -32.24 -39.98 60.78
CA ILE G 69 -31.92 -38.67 61.35
C ILE G 69 -31.38 -38.76 62.77
N ASN G 70 -31.85 -39.70 63.57
CA ASN G 70 -31.45 -39.80 64.97
C ASN G 70 -30.36 -40.83 65.19
N ARG G 71 -29.42 -40.94 64.25
CA ARG G 71 -28.31 -41.86 64.34
C ARG G 71 -27.40 -41.51 65.51
N LYS G 72 -27.13 -42.49 66.36
CA LYS G 72 -26.12 -42.37 67.40
C LYS G 72 -24.85 -43.08 66.96
N GLU G 73 -23.72 -42.54 67.40
CA GLU G 73 -22.41 -43.12 67.11
C GLU G 73 -21.57 -42.98 68.36
N TYR G 74 -20.91 -44.05 68.76
CA TYR G 74 -20.20 -44.07 70.02
C TYR G 74 -18.70 -43.86 69.79
N ALA G 75 -17.99 -43.64 70.89
CA ALA G 75 -16.54 -43.44 70.84
C ALA G 75 -15.83 -44.73 71.24
N VAL G 76 -15.61 -45.57 70.23
CA VAL G 76 -15.08 -46.92 70.35
C VAL G 76 -13.69 -46.96 70.98
N VAL G 77 -13.57 -47.67 72.11
CA VAL G 77 -12.29 -47.89 72.76
C VAL G 77 -12.03 -49.39 72.80
N ASN G 78 -10.88 -49.82 72.32
CA ASN G 78 -10.51 -51.22 72.37
C ASN G 78 -9.73 -51.50 73.65
N LEU G 79 -9.54 -52.80 73.93
CA LEU G 79 -8.93 -53.21 75.19
C LEU G 79 -7.44 -52.95 75.22
N ASP G 80 -6.79 -52.87 74.06
CA ASP G 80 -5.35 -52.63 74.03
C ASP G 80 -5.00 -51.18 74.32
N LYS G 81 -5.98 -50.29 74.39
CA LYS G 81 -5.76 -48.93 74.85
C LYS G 81 -6.04 -48.77 76.33
N LEU G 82 -6.78 -49.71 76.93
CA LEU G 82 -7.15 -49.56 78.35
C LEU G 82 -5.98 -49.88 79.26
N ASN G 83 -5.03 -50.68 78.81
CA ASN G 83 -3.85 -50.91 79.62
C ASN G 83 -2.85 -49.77 79.41
N GLY G 84 -1.74 -49.85 80.13
CA GLY G 84 -0.83 -48.71 80.19
C GLY G 84 -1.43 -47.52 80.89
N PHE G 85 -2.38 -47.76 81.80
CA PHE G 85 -3.18 -46.71 82.41
C PHE G 85 -2.93 -46.61 83.90
N ALA G 86 -3.16 -47.69 84.64
CA ALA G 86 -3.15 -47.69 86.09
C ALA G 86 -2.99 -49.10 86.64
N GLU G 87 -3.32 -49.29 87.91
CA GLU G 87 -3.41 -50.62 88.49
C GLU G 87 -4.69 -50.75 89.31
N GLY G 88 -5.81 -50.26 88.77
CA GLY G 88 -7.08 -50.47 89.45
C GLY G 88 -7.99 -49.26 89.50
N THR G 89 -7.52 -48.10 89.06
CA THR G 89 -8.27 -46.87 89.23
C THR G 89 -9.44 -46.79 88.26
N GLU G 90 -10.31 -45.81 88.51
CA GLU G 90 -11.55 -45.66 87.75
C GLU G 90 -11.28 -45.26 86.30
N VAL G 91 -11.96 -45.92 85.38
CA VAL G 91 -12.07 -45.41 84.02
C VAL G 91 -13.43 -44.76 83.90
N THR G 92 -13.45 -43.45 84.09
CA THR G 92 -14.64 -42.66 83.84
C THR G 92 -14.54 -42.02 82.46
N PRO G 93 -15.67 -41.68 81.83
CA PRO G 93 -15.61 -41.01 80.52
C PRO G 93 -14.91 -39.66 80.51
N GLU G 94 -14.80 -38.98 81.65
CA GLU G 94 -14.09 -37.71 81.64
C GLU G 94 -12.57 -37.90 81.68
N LEU G 95 -12.09 -39.04 82.16
CA LEU G 95 -10.66 -39.30 82.18
C LEU G 95 -10.12 -39.80 80.86
N LEU G 96 -10.93 -40.51 80.09
CA LEU G 96 -10.52 -40.93 78.75
C LEU G 96 -10.42 -39.74 77.80
N LEU G 97 -11.27 -38.74 77.98
CA LEU G 97 -11.21 -37.50 77.22
C LEU G 97 -10.11 -36.57 77.72
N GLU G 98 -9.71 -36.69 78.98
CA GLU G 98 -8.72 -35.79 79.55
C GLU G 98 -7.33 -36.07 79.00
N THR G 99 -6.87 -37.32 79.09
CA THR G 99 -5.52 -37.66 78.67
C THR G 99 -5.41 -37.68 77.16
N GLY G 100 -6.39 -38.24 76.48
CA GLY G 100 -6.35 -38.29 75.03
C GLY G 100 -6.52 -39.68 74.47
N VAL G 101 -7.11 -40.58 75.24
CA VAL G 101 -7.44 -41.90 74.70
C VAL G 101 -8.58 -41.78 73.71
N ILE G 102 -9.49 -40.84 73.92
CA ILE G 102 -10.45 -40.44 72.91
C ILE G 102 -10.31 -38.94 72.69
N SER G 103 -10.78 -38.47 71.54
CA SER G 103 -10.67 -37.06 71.20
C SER G 103 -11.97 -36.31 71.40
N LYS G 104 -13.10 -36.93 71.10
CA LYS G 104 -14.40 -36.35 71.43
C LYS G 104 -15.36 -37.47 71.77
N LEU G 105 -16.16 -37.28 72.80
CA LEU G 105 -17.17 -38.28 73.19
C LEU G 105 -18.56 -37.93 72.69
N ASN G 106 -18.76 -38.01 71.38
CA ASN G 106 -20.10 -37.84 70.85
C ASN G 106 -20.94 -39.06 71.18
N ALA G 107 -22.09 -38.84 71.83
CA ALA G 107 -23.08 -39.85 72.18
C ALA G 107 -22.54 -40.97 73.06
N GLY G 108 -21.48 -40.72 73.82
CA GLY G 108 -21.03 -41.64 74.83
C GLY G 108 -19.83 -42.48 74.44
N VAL G 109 -19.43 -43.35 75.35
CA VAL G 109 -18.29 -44.22 75.19
C VAL G 109 -18.77 -45.65 75.03
N LYS G 110 -18.01 -46.48 74.31
CA LYS G 110 -18.37 -47.88 74.14
C LYS G 110 -17.08 -48.70 74.09
N ILE G 111 -17.00 -49.73 74.93
CA ILE G 111 -15.81 -50.57 74.95
C ILE G 111 -16.02 -51.76 74.03
N LEU G 112 -15.01 -52.06 73.21
CA LEU G 112 -15.00 -53.23 72.35
C LEU G 112 -13.79 -54.07 72.70
N GLY G 113 -13.92 -55.39 72.54
CA GLY G 113 -12.84 -56.27 72.92
C GLY G 113 -11.96 -56.74 71.78
N ASN G 114 -10.82 -56.08 71.57
CA ASN G 114 -9.89 -56.45 70.51
C ASN G 114 -8.47 -56.32 71.01
N GLY G 115 -7.92 -57.43 71.48
CA GLY G 115 -6.68 -57.43 72.22
C GLY G 115 -6.94 -58.16 73.51
N LYS G 116 -6.17 -57.87 74.56
CA LYS G 116 -6.45 -58.44 75.87
C LYS G 116 -5.87 -57.53 76.93
N LEU G 117 -6.48 -57.55 78.12
CA LEU G 117 -6.13 -56.61 79.18
C LEU G 117 -5.05 -57.21 80.06
N GLU G 118 -4.02 -56.41 80.36
CA GLU G 118 -2.89 -56.87 81.16
C GLU G 118 -3.01 -56.43 82.61
N LYS G 119 -4.10 -55.78 82.97
CA LYS G 119 -4.33 -55.33 84.33
C LYS G 119 -5.77 -55.64 84.71
N LYS G 120 -6.15 -55.25 85.93
CA LYS G 120 -7.55 -55.29 86.33
C LYS G 120 -7.85 -53.93 86.92
N LEU G 121 -9.05 -53.43 86.65
CA LEU G 121 -9.44 -52.08 87.03
C LEU G 121 -10.95 -51.98 86.92
N THR G 122 -11.51 -50.86 87.35
CA THR G 122 -12.95 -50.63 87.37
C THR G 122 -13.29 -49.56 86.33
N VAL G 123 -14.02 -49.98 85.30
CA VAL G 123 -14.30 -49.13 84.14
C VAL G 123 -15.79 -48.82 84.10
N LYS G 124 -16.12 -47.64 83.58
CA LYS G 124 -17.49 -47.21 83.38
C LYS G 124 -17.68 -46.75 81.94
N ALA G 125 -18.79 -47.16 81.33
CA ALA G 125 -19.06 -46.85 79.93
C ALA G 125 -20.55 -46.97 79.68
N ASN G 126 -21.01 -46.30 78.63
CA ASN G 126 -22.43 -46.32 78.31
C ASN G 126 -22.87 -47.67 77.78
N LYS G 127 -21.99 -48.34 77.04
CA LYS G 127 -22.31 -49.64 76.46
C LYS G 127 -21.06 -50.50 76.43
N PHE G 128 -21.27 -51.81 76.54
CA PHE G 128 -20.22 -52.79 76.40
C PHE G 128 -20.62 -53.79 75.32
N SER G 129 -19.62 -54.44 74.74
CA SER G 129 -19.92 -55.55 73.87
C SER G 129 -20.03 -56.81 74.70
N ALA G 130 -20.69 -57.83 74.13
CA ALA G 130 -20.89 -59.08 74.86
C ALA G 130 -19.57 -59.84 74.97
N SER G 131 -18.66 -59.63 74.02
CA SER G 131 -17.32 -60.18 74.08
C SER G 131 -16.39 -59.35 74.95
N ALA G 132 -16.80 -58.13 75.30
CA ALA G 132 -15.90 -57.20 75.97
C ALA G 132 -16.17 -57.08 77.45
N LYS G 133 -17.38 -57.42 77.90
CA LYS G 133 -17.61 -57.42 79.34
C LYS G 133 -16.97 -58.63 80.00
N GLU G 134 -17.02 -59.78 79.34
CA GLU G 134 -16.44 -61.01 79.88
C GLU G 134 -14.93 -60.99 79.90
N ALA G 135 -14.29 -60.08 79.15
CA ALA G 135 -12.85 -59.96 79.22
C ALA G 135 -12.41 -59.09 80.39
N VAL G 136 -13.29 -58.19 80.84
CA VAL G 136 -13.06 -57.46 82.08
C VAL G 136 -13.49 -58.26 83.29
N GLU G 137 -14.46 -59.17 83.13
CA GLU G 137 -14.82 -60.12 84.17
C GLU G 137 -13.97 -61.39 84.12
N ALA G 138 -12.90 -61.39 83.32
CA ALA G 138 -11.93 -62.47 83.32
C ALA G 138 -10.75 -62.20 84.22
N ALA G 139 -10.41 -60.93 84.42
CA ALA G 139 -9.51 -60.52 85.49
C ALA G 139 -10.28 -60.17 86.75
N GLY G 140 -11.61 -60.25 86.71
CA GLY G 140 -12.43 -59.94 87.85
C GLY G 140 -12.54 -58.46 88.13
N GLY G 141 -13.00 -57.71 87.14
CA GLY G 141 -13.17 -56.28 87.27
C GLY G 141 -14.63 -55.99 87.44
N THR G 142 -15.04 -54.76 87.11
CA THR G 142 -16.44 -54.39 87.20
C THR G 142 -16.91 -53.97 85.81
N ALA G 143 -18.20 -53.69 85.70
CA ALA G 143 -18.81 -53.22 84.46
C ALA G 143 -20.01 -52.35 84.77
N GLU G 144 -19.82 -51.02 84.72
CA GLU G 144 -20.87 -50.07 85.07
C GLU G 144 -21.48 -49.48 83.80
N VAL G 145 -22.57 -50.11 83.35
CA VAL G 145 -23.32 -49.61 82.20
C VAL G 145 -24.07 -48.35 82.64
N ILE G 146 -23.59 -47.20 82.22
CA ILE G 146 -24.16 -45.93 82.63
C ILE G 146 -25.35 -45.58 81.75
N SER H 2 7.19 24.52 -44.25
CA SER H 2 6.08 24.56 -43.33
C SER H 2 6.13 25.81 -42.47
N TYR H 3 5.34 25.85 -41.41
CA TYR H 3 5.40 26.96 -40.48
C TYR H 3 5.06 26.45 -39.09
N ARG H 4 5.45 27.21 -38.08
CA ARG H 4 5.23 26.81 -36.70
C ARG H 4 3.83 27.17 -36.24
N LYS H 5 3.35 26.46 -35.22
CA LYS H 5 2.04 26.70 -34.67
C LYS H 5 2.07 27.42 -33.34
N LEU H 6 3.19 27.36 -32.62
CA LEU H 6 3.49 28.16 -31.43
C LEU H 6 2.55 27.90 -30.26
N GLY H 7 1.85 26.77 -30.26
CA GLY H 7 0.99 26.42 -29.16
C GLY H 7 -0.37 27.07 -29.17
N ARG H 8 -0.62 28.01 -30.06
CA ARG H 8 -1.87 28.72 -30.16
C ARG H 8 -2.73 28.05 -31.24
N THR H 9 -3.99 28.41 -31.25
CA THR H 9 -4.85 28.02 -32.35
C THR H 9 -4.85 29.11 -33.40
N SER H 10 -5.55 28.86 -34.50
CA SER H 10 -5.39 29.58 -35.76
C SER H 10 -5.64 31.09 -35.70
N ALA H 11 -6.55 31.53 -34.82
CA ALA H 11 -6.87 32.95 -34.75
C ALA H 11 -6.10 33.65 -33.64
N GLN H 12 -5.85 32.99 -32.52
CA GLN H 12 -4.94 33.50 -31.51
C GLN H 12 -3.50 33.59 -31.99
N ARG H 13 -3.13 32.80 -32.99
CA ARG H 13 -1.81 32.89 -33.58
C ARG H 13 -1.68 34.06 -34.52
N LYS H 14 -2.70 34.31 -35.34
CA LYS H 14 -2.72 35.50 -36.18
C LYS H 14 -2.78 36.77 -35.36
N ALA H 15 -3.58 36.80 -34.30
CA ALA H 15 -3.72 37.98 -33.47
C ALA H 15 -2.55 38.22 -32.53
N MET H 16 -1.53 37.37 -32.55
CA MET H 16 -0.31 37.61 -31.82
C MET H 16 0.81 38.10 -32.70
N LEU H 17 0.85 37.68 -33.96
CA LEU H 17 1.82 38.20 -34.91
C LEU H 17 1.57 39.66 -35.27
N ARG H 18 0.32 40.11 -35.31
CA ARG H 18 0.04 41.53 -35.52
C ARG H 18 0.43 42.38 -34.33
N ASP H 19 0.15 41.88 -33.12
CA ASP H 19 0.56 42.56 -31.90
C ASP H 19 2.07 42.66 -31.80
N LEU H 20 2.78 41.60 -32.16
CA LEU H 20 4.24 41.63 -32.10
C LEU H 20 4.87 42.41 -33.25
N THR H 21 4.18 42.50 -34.39
CA THR H 21 4.68 43.30 -35.50
C THR H 21 4.57 44.78 -35.23
N THR H 22 3.45 45.23 -34.66
CA THR H 22 3.29 46.64 -34.36
C THR H 22 4.23 47.15 -33.27
N ASP H 23 4.69 46.29 -32.36
CA ASP H 23 5.62 46.72 -31.34
C ASP H 23 7.04 46.90 -31.86
N LEU H 24 7.46 46.13 -32.86
CA LEU H 24 8.76 46.31 -33.46
C LEU H 24 8.86 47.55 -34.33
N ILE H 25 7.74 48.09 -34.81
CA ILE H 25 7.77 49.36 -35.51
C ILE H 25 7.83 50.53 -34.55
N ILE H 26 7.22 50.42 -33.39
CA ILE H 26 7.20 51.50 -32.42
C ILE H 26 8.53 51.56 -31.67
N ASN H 27 9.02 50.42 -31.19
CA ASN H 27 10.19 50.41 -30.32
C ASN H 27 11.50 50.10 -31.03
N GLU H 28 11.47 49.40 -32.16
CA GLU H 28 12.60 48.98 -33.00
C GLU H 28 13.53 47.98 -32.32
N ARG H 29 13.18 47.48 -31.15
CA ARG H 29 13.96 46.47 -30.45
C ARG H 29 13.08 45.75 -29.46
N ILE H 30 12.68 44.51 -29.75
CA ILE H 30 11.70 43.85 -28.90
C ILE H 30 12.43 42.67 -28.24
N GLU H 31 11.84 42.04 -27.23
CA GLU H 31 12.54 40.98 -26.50
C GLU H 31 11.54 39.88 -26.14
N THR H 32 11.61 38.77 -26.85
CA THR H 32 10.65 37.68 -26.75
C THR H 32 11.39 36.34 -26.73
N THR H 33 10.63 35.24 -26.84
CA THR H 33 11.24 33.92 -26.89
C THR H 33 11.87 33.68 -28.26
N GLU H 34 12.64 32.60 -28.36
CA GLU H 34 13.48 32.41 -29.53
C GLU H 34 12.71 31.89 -30.73
N THR H 35 11.63 31.16 -30.53
CA THR H 35 10.87 30.64 -31.66
C THR H 35 9.75 31.55 -32.09
N ARG H 36 9.39 32.54 -31.27
CA ARG H 36 8.52 33.60 -31.76
C ARG H 36 9.30 34.59 -32.59
N ALA H 37 10.55 34.83 -32.26
CA ALA H 37 11.42 35.71 -33.02
C ALA H 37 11.78 35.16 -34.38
N LYS H 38 11.84 33.84 -34.54
CA LYS H 38 12.12 33.25 -35.83
C LYS H 38 10.91 33.22 -36.73
N GLU H 39 9.71 33.29 -36.17
CA GLU H 39 8.48 33.32 -36.95
C GLU H 39 8.04 34.74 -37.25
N LEU H 40 8.44 35.69 -36.42
CA LEU H 40 8.17 37.10 -36.61
C LEU H 40 9.06 37.74 -37.66
N ARG H 41 10.25 37.21 -37.86
CA ARG H 41 11.22 37.73 -38.81
C ARG H 41 10.74 37.68 -40.25
N SER H 42 9.97 36.66 -40.61
CA SER H 42 9.50 36.49 -41.97
C SER H 42 8.30 37.37 -42.28
N VAL H 43 7.62 37.89 -41.27
CA VAL H 43 6.37 38.60 -41.47
C VAL H 43 6.48 40.08 -41.15
N VAL H 44 7.54 40.51 -40.48
CA VAL H 44 7.83 41.92 -40.29
C VAL H 44 8.65 42.47 -41.45
N GLU H 45 9.21 41.59 -42.28
CA GLU H 45 9.99 42.03 -43.43
C GLU H 45 9.18 42.10 -44.70
N LYS H 46 7.97 41.55 -44.72
CA LYS H 46 7.06 41.74 -45.83
C LYS H 46 6.16 42.95 -45.65
N MET H 47 6.25 43.62 -44.49
CA MET H 47 5.60 44.90 -44.29
C MET H 47 6.51 46.06 -44.64
N ILE H 48 7.82 45.92 -44.46
CA ILE H 48 8.76 46.93 -44.92
C ILE H 48 8.84 46.99 -46.44
N THR H 49 8.65 45.86 -47.12
CA THR H 49 8.51 45.84 -48.56
C THR H 49 7.30 46.62 -49.05
N LEU H 50 6.19 46.56 -48.32
CA LEU H 50 5.03 47.38 -48.64
C LEU H 50 5.28 48.85 -48.40
N GLY H 51 6.08 49.21 -47.40
CA GLY H 51 6.42 50.59 -47.14
C GLY H 51 7.28 51.22 -48.22
N LYS H 52 7.98 50.42 -48.99
CA LYS H 52 8.86 50.92 -50.03
C LYS H 52 8.15 51.24 -51.33
N ARG H 53 6.96 50.67 -51.55
CA ARG H 53 6.23 50.98 -52.77
C ARG H 53 5.48 52.30 -52.66
N GLY H 54 4.87 52.57 -51.51
CA GLY H 54 4.31 53.89 -51.26
C GLY H 54 3.08 54.21 -52.08
N ASP H 55 2.36 53.18 -52.52
CA ASP H 55 1.12 53.37 -53.25
C ASP H 55 -0.01 53.76 -52.31
N LEU H 56 -1.21 53.88 -52.85
CA LEU H 56 -2.37 53.84 -51.98
C LEU H 56 -2.78 52.40 -51.74
N HIS H 57 -2.55 51.55 -52.73
CA HIS H 57 -2.82 50.13 -52.61
C HIS H 57 -1.96 49.49 -51.53
N ALA H 58 -0.70 49.92 -51.41
CA ALA H 58 0.16 49.38 -50.38
C ALA H 58 -0.22 49.89 -49.00
N ARG H 59 -0.68 51.13 -48.88
CA ARG H 59 -1.17 51.61 -47.59
C ARG H 59 -2.42 50.89 -47.16
N ARG H 60 -3.31 50.62 -48.09
CA ARG H 60 -4.54 49.92 -47.75
C ARG H 60 -4.35 48.42 -47.59
N GLN H 61 -3.24 47.87 -48.06
CA GLN H 61 -2.86 46.49 -47.72
C GLN H 61 -2.13 46.38 -46.41
N ALA H 62 -1.37 47.39 -46.01
CA ALA H 62 -0.71 47.36 -44.72
C ALA H 62 -1.62 47.79 -43.58
N ALA H 63 -2.68 48.54 -43.86
CA ALA H 63 -3.64 48.94 -42.85
C ALA H 63 -4.48 47.78 -42.34
N ALA H 64 -4.60 46.70 -43.11
CA ALA H 64 -5.29 45.50 -42.71
C ALA H 64 -4.42 44.58 -41.86
N TYR H 65 -3.23 45.03 -41.48
CA TYR H 65 -2.37 44.24 -40.62
C TYR H 65 -1.90 45.03 -39.39
N ILE H 66 -1.59 46.31 -39.57
CA ILE H 66 -1.03 47.09 -38.47
C ILE H 66 -2.14 47.49 -37.50
N ARG H 67 -1.87 47.34 -36.21
CA ARG H 67 -2.78 47.83 -35.17
C ARG H 67 -2.76 49.35 -35.12
N ASN H 68 -3.79 49.92 -34.48
CA ASN H 68 -3.94 51.37 -34.42
C ASN H 68 -3.43 51.87 -33.08
N GLU H 69 -2.10 51.97 -32.98
CA GLU H 69 -1.43 52.50 -31.80
C GLU H 69 -0.60 53.69 -32.21
N VAL H 70 -0.26 54.54 -31.25
CA VAL H 70 0.51 55.76 -31.52
C VAL H 70 1.99 55.47 -31.29
N ALA H 71 2.82 55.96 -32.21
CA ALA H 71 4.24 55.68 -32.17
C ALA H 71 5.03 56.81 -31.55
N ASN H 72 4.55 58.04 -31.70
CA ASN H 72 5.19 59.21 -31.09
C ASN H 72 4.10 60.07 -30.48
N GLU H 73 4.22 60.34 -29.17
CA GLU H 73 3.20 61.13 -28.49
C GLU H 73 3.32 62.61 -28.78
N GLU H 74 4.56 63.11 -28.89
CA GLU H 74 4.79 64.55 -28.89
C GLU H 74 4.39 65.20 -30.20
N ASN H 75 4.41 64.45 -31.30
CA ASN H 75 3.96 64.99 -32.58
C ASN H 75 2.85 64.18 -33.23
N ASN H 76 2.31 63.19 -32.51
CA ASN H 76 1.05 62.50 -32.82
C ASN H 76 1.01 61.82 -34.18
N GLN H 77 1.83 60.78 -34.36
CA GLN H 77 1.72 59.93 -35.54
C GLN H 77 1.53 58.49 -35.08
N ASP H 78 0.76 57.73 -35.84
CA ASP H 78 0.52 56.35 -35.48
C ASP H 78 1.54 55.44 -36.17
N ALA H 79 1.39 54.14 -35.98
CA ALA H 79 2.41 53.21 -36.45
C ALA H 79 2.29 52.90 -37.93
N LEU H 80 1.20 53.28 -38.58
CA LEU H 80 1.13 53.15 -40.03
C LEU H 80 1.76 54.34 -40.74
N GLN H 81 1.86 55.48 -40.08
CA GLN H 81 2.54 56.64 -40.63
C GLN H 81 4.03 56.63 -40.36
N LYS H 82 4.48 55.92 -39.35
CA LYS H 82 5.91 55.72 -39.14
C LYS H 82 6.50 54.71 -40.09
N LEU H 83 5.71 53.74 -40.55
CA LEU H 83 6.20 52.73 -41.46
C LEU H 83 6.48 53.27 -42.84
N PHE H 84 5.65 54.18 -43.34
CA PHE H 84 5.79 54.69 -44.69
C PHE H 84 6.67 55.92 -44.77
N SER H 85 7.09 56.46 -43.63
CA SER H 85 7.86 57.70 -43.65
C SER H 85 9.25 57.51 -43.05
N ASP H 86 9.32 56.94 -41.85
CA ASP H 86 10.59 56.91 -41.15
C ASP H 86 11.38 55.65 -41.50
N ILE H 87 10.73 54.49 -41.45
CA ILE H 87 11.41 53.22 -41.71
C ILE H 87 11.61 52.98 -43.19
N ALA H 88 10.68 53.41 -44.03
CA ALA H 88 10.75 53.19 -45.46
C ALA H 88 11.86 53.96 -46.16
N THR H 89 12.47 54.94 -45.52
CA THR H 89 13.55 55.70 -46.12
C THR H 89 14.90 55.38 -45.52
N ARG H 90 14.96 54.51 -44.51
CA ARG H 90 16.22 53.97 -44.03
C ARG H 90 16.69 52.79 -44.85
N TYR H 91 15.77 52.04 -45.43
CA TYR H 91 16.09 50.80 -46.12
C TYR H 91 15.71 50.89 -47.58
N GLU H 92 15.85 52.08 -48.17
CA GLU H 92 15.54 52.25 -49.57
C GLU H 92 16.69 51.85 -50.48
N GLU H 93 17.87 51.59 -49.92
CA GLU H 93 19.00 51.09 -50.68
C GLU H 93 19.32 49.63 -50.37
N ARG H 94 18.85 49.11 -49.24
CA ARG H 94 19.03 47.72 -48.87
C ARG H 94 18.02 46.85 -49.59
N GLN H 95 18.41 45.61 -49.87
CA GLN H 95 17.56 44.65 -50.59
C GLN H 95 17.44 43.40 -49.76
N GLY H 96 16.46 43.37 -48.88
CA GLY H 96 16.23 42.22 -48.03
C GLY H 96 17.06 42.26 -46.77
N GLY H 97 16.60 41.52 -45.77
CA GLY H 97 17.34 41.37 -44.54
C GLY H 97 17.38 42.61 -43.70
N TYR H 98 16.23 43.01 -43.17
CA TYR H 98 16.11 44.23 -42.39
C TYR H 98 16.17 44.00 -40.89
N THR H 99 16.25 42.75 -40.43
CA THR H 99 16.18 42.43 -39.02
C THR H 99 17.36 41.56 -38.62
N ARG H 100 17.64 41.52 -37.32
CA ARG H 100 18.61 40.57 -36.81
C ARG H 100 18.17 40.06 -35.45
N ILE H 101 18.48 38.78 -35.18
CA ILE H 101 18.12 38.10 -33.94
C ILE H 101 19.40 37.77 -33.18
N MET H 102 19.39 37.99 -31.88
CA MET H 102 20.52 37.70 -31.03
C MET H 102 20.04 36.89 -29.84
N LYS H 103 20.64 35.72 -29.63
CA LYS H 103 20.18 34.83 -28.58
C LYS H 103 20.67 35.28 -27.22
N LEU H 104 19.87 34.99 -26.20
CA LEU H 104 20.20 35.27 -24.82
C LEU H 104 20.14 33.96 -24.05
N GLY H 105 20.29 33.99 -22.74
CA GLY H 105 20.17 32.78 -21.97
C GLY H 105 18.72 32.37 -21.77
N PRO H 106 18.53 31.34 -20.96
CA PRO H 106 17.18 30.91 -20.63
C PRO H 106 16.56 31.74 -19.52
N ARG H 107 15.23 31.66 -19.43
CA ARG H 107 14.46 32.31 -18.38
C ARG H 107 14.70 31.63 -17.03
N ARG H 108 14.09 32.22 -16.00
CA ARG H 108 14.06 31.59 -14.69
C ARG H 108 12.79 30.79 -14.46
N GLY H 109 11.67 31.25 -14.98
CA GLY H 109 10.40 30.61 -14.75
C GLY H 109 10.25 29.25 -15.39
N ASP H 110 10.25 29.20 -16.72
CA ASP H 110 10.02 27.95 -17.42
C ASP H 110 11.24 27.48 -18.21
N GLY H 111 12.37 28.17 -18.06
CA GLY H 111 13.59 27.72 -18.72
C GLY H 111 13.58 27.89 -20.21
N ALA H 112 12.78 28.76 -20.71
CA ALA H 112 12.59 29.07 -22.11
C ALA H 112 13.73 29.95 -22.61
N PRO H 113 14.25 29.68 -23.82
CA PRO H 113 15.36 30.47 -24.35
C PRO H 113 14.90 31.80 -24.92
N MET H 114 15.54 32.89 -24.50
CA MET H 114 15.18 34.22 -24.90
C MET H 114 15.97 34.68 -26.12
N ALA H 115 15.51 35.75 -26.75
CA ALA H 115 16.21 36.35 -27.87
C ALA H 115 15.84 37.83 -27.95
N ILE H 116 16.60 38.57 -28.75
CA ILE H 116 16.34 39.97 -29.04
C ILE H 116 16.28 40.14 -30.55
N ILE H 117 15.13 40.48 -31.08
CA ILE H 117 15.05 40.80 -32.50
C ILE H 117 14.89 42.30 -32.66
N GLU H 118 15.69 42.87 -33.56
CA GLU H 118 15.72 44.31 -33.76
C GLU H 118 15.89 44.61 -35.23
N LEU H 119 15.63 45.86 -35.58
CA LEU H 119 15.79 46.32 -36.96
C LEU H 119 17.24 46.72 -37.20
N VAL H 120 17.77 46.32 -38.36
CA VAL H 120 19.16 46.56 -38.67
C VAL H 120 19.37 47.98 -39.14
N GLN I 2 13.20 22.08 -62.17
CA GLN I 2 11.96 22.26 -62.93
C GLN I 2 12.27 22.61 -64.38
N LYS I 3 13.27 23.47 -64.56
CA LYS I 3 13.72 23.84 -65.90
C LYS I 3 14.29 22.65 -66.66
N LEU I 4 15.07 21.79 -65.99
CA LEU I 4 15.58 20.56 -66.58
C LEU I 4 14.49 19.61 -67.02
N ILE I 5 13.34 19.60 -66.33
CA ILE I 5 12.25 18.72 -66.71
C ILE I 5 11.33 19.36 -67.72
N GLU I 6 11.34 20.69 -67.86
CA GLU I 6 10.44 21.32 -68.81
C GLU I 6 11.10 21.68 -70.13
N ASP I 7 12.42 21.64 -70.23
CA ASP I 7 13.04 21.85 -71.54
C ASP I 7 13.28 20.54 -72.28
N ILE I 8 13.04 19.40 -71.65
CA ILE I 8 13.04 18.11 -72.32
C ILE I 8 11.71 17.84 -73.00
N THR I 9 10.62 18.36 -72.46
CA THR I 9 9.28 18.12 -72.97
C THR I 9 8.79 19.33 -73.74
N LYS I 10 9.70 19.94 -74.50
CA LYS I 10 9.36 21.09 -75.33
C LYS I 10 9.09 20.73 -76.78
N GLU I 11 9.57 19.59 -77.25
CA GLU I 11 9.34 19.18 -78.62
C GLU I 11 7.98 18.52 -78.82
N GLN I 12 7.29 18.19 -77.74
CA GLN I 12 5.95 17.65 -77.80
C GLN I 12 4.91 18.67 -77.40
N LEU I 13 5.32 19.89 -77.05
CA LEU I 13 4.38 20.98 -76.83
C LEU I 13 3.85 21.46 -78.17
N ARG I 14 2.54 21.49 -78.32
CA ARG I 14 1.94 21.88 -79.58
C ARG I 14 1.81 23.39 -79.70
N THR I 15 1.51 23.82 -80.92
CA THR I 15 1.15 25.18 -81.25
C THR I 15 -0.20 25.12 -81.96
N ASP I 16 -0.59 26.21 -82.61
CA ASP I 16 -1.73 26.33 -83.54
C ASP I 16 -3.06 25.85 -82.93
N LEU I 17 -3.16 25.95 -81.62
CA LEU I 17 -4.42 25.75 -80.92
C LEU I 17 -4.92 27.10 -80.46
N PRO I 18 -6.22 27.38 -80.53
CA PRO I 18 -6.71 28.70 -80.12
C PRO I 18 -6.65 28.86 -78.61
N ALA I 19 -6.53 30.10 -78.16
CA ALA I 19 -6.54 30.37 -76.73
C ALA I 19 -7.97 30.46 -76.25
N PHE I 20 -8.35 29.60 -75.32
CA PHE I 20 -9.70 29.59 -74.79
C PHE I 20 -9.66 29.45 -73.28
N ARG I 21 -10.81 29.65 -72.67
CA ARG I 21 -10.94 29.64 -71.21
C ARG I 21 -12.26 28.96 -70.89
N PRO I 22 -12.44 28.52 -69.64
CA PRO I 22 -13.70 27.87 -69.27
C PRO I 22 -14.93 28.74 -69.47
N GLY I 23 -16.01 28.10 -69.94
CA GLY I 23 -17.23 28.77 -70.32
C GLY I 23 -17.46 28.78 -71.82
N ASP I 24 -16.39 28.72 -72.60
CA ASP I 24 -16.51 28.76 -74.05
C ASP I 24 -17.02 27.44 -74.60
N THR I 25 -17.82 27.52 -75.65
CA THR I 25 -18.26 26.37 -76.42
C THR I 25 -17.30 26.18 -77.57
N LEU I 26 -16.82 24.95 -77.75
CA LEU I 26 -15.92 24.69 -78.86
C LEU I 26 -16.16 23.31 -79.43
N ARG I 27 -15.67 23.12 -80.64
CA ARG I 27 -15.81 21.90 -81.41
C ARG I 27 -14.42 21.29 -81.60
N VAL I 28 -14.27 20.03 -81.20
CA VAL I 28 -13.00 19.33 -81.34
C VAL I 28 -13.16 18.17 -82.33
N HIS I 29 -12.15 17.99 -83.16
CA HIS I 29 -12.08 16.92 -84.15
C HIS I 29 -11.10 15.89 -83.59
N VAL I 30 -11.64 14.79 -83.08
CA VAL I 30 -10.83 13.70 -82.54
C VAL I 30 -10.79 12.58 -83.57
N LYS I 31 -9.58 12.11 -83.87
CA LYS I 31 -9.38 11.04 -84.84
C LYS I 31 -9.47 9.70 -84.13
N VAL I 32 -10.36 8.84 -84.61
CA VAL I 32 -10.56 7.50 -84.07
C VAL I 32 -10.12 6.49 -85.11
N VAL I 33 -9.36 5.49 -84.67
CA VAL I 33 -8.84 4.44 -85.55
C VAL I 33 -9.44 3.13 -85.03
N GLU I 34 -10.52 2.68 -85.67
CA GLU I 34 -11.20 1.46 -85.23
C GLU I 34 -11.18 0.39 -86.34
N GLY I 35 -10.06 -0.32 -86.40
CA GLY I 35 -9.95 -1.41 -87.34
C GLY I 35 -9.86 -1.00 -88.80
N ASN I 36 -8.71 -0.46 -89.19
CA ASN I 36 -8.38 -0.08 -90.57
C ASN I 36 -9.29 1.06 -91.06
N ARG I 37 -9.58 1.99 -90.15
CA ARG I 37 -10.33 3.20 -90.55
C ARG I 37 -9.94 4.34 -89.60
N GLU I 38 -9.01 5.18 -90.06
CA GLU I 38 -8.69 6.43 -89.37
C GLU I 38 -9.69 7.48 -89.85
N ARG I 39 -10.71 7.70 -89.05
CA ARG I 39 -11.71 8.70 -89.39
C ARG I 39 -11.75 9.74 -88.27
N ILE I 40 -12.58 10.77 -88.43
CA ILE I 40 -12.66 11.86 -87.49
C ILE I 40 -14.10 11.94 -86.98
N GLN I 41 -14.28 11.82 -85.67
CA GLN I 41 -15.56 12.12 -85.06
C GLN I 41 -15.55 13.56 -84.55
N ILE I 42 -16.74 14.09 -84.28
CA ILE I 42 -16.90 15.50 -83.94
C ILE I 42 -17.53 15.60 -82.56
N PHE I 43 -16.84 16.29 -81.64
CA PHE I 43 -17.41 16.55 -80.32
C PHE I 43 -17.69 18.04 -80.16
N GLU I 44 -18.80 18.35 -79.50
CA GLU I 44 -19.34 19.71 -79.43
C GLU I 44 -19.86 19.96 -78.02
N GLY I 45 -19.18 20.84 -77.28
CA GLY I 45 -19.62 21.13 -75.93
C GLY I 45 -18.94 22.34 -75.31
N VAL I 46 -19.21 22.59 -74.04
CA VAL I 46 -18.67 23.76 -73.34
C VAL I 46 -17.48 23.31 -72.51
N VAL I 47 -16.48 24.19 -72.40
CA VAL I 47 -15.28 23.89 -71.63
C VAL I 47 -15.58 24.08 -70.16
N ILE I 48 -15.60 23.00 -69.40
CA ILE I 48 -16.04 23.06 -68.01
C ILE I 48 -14.86 23.12 -67.03
N LYS I 49 -13.64 22.93 -67.50
CA LYS I 49 -12.47 22.83 -66.63
C LYS I 49 -11.22 22.99 -67.49
N ARG I 50 -10.20 23.63 -66.92
CA ARG I 50 -8.91 23.72 -67.58
C ARG I 50 -7.75 23.53 -66.62
N ARG I 51 -7.75 22.42 -65.88
CA ARG I 51 -6.66 22.07 -64.99
C ARG I 51 -5.33 22.01 -65.73
N GLY I 52 -4.30 22.61 -65.15
CA GLY I 52 -3.11 22.99 -65.87
C GLY I 52 -1.82 22.37 -65.36
N GLY I 53 -0.71 22.88 -65.91
CA GLY I 53 0.59 22.38 -65.53
C GLY I 53 1.64 22.13 -66.61
N GLY I 54 1.44 22.57 -67.83
CA GLY I 54 2.48 22.48 -68.84
C GLY I 54 2.16 21.41 -69.90
N ILE I 55 3.00 20.38 -69.98
CA ILE I 55 2.71 19.21 -70.80
C ILE I 55 1.60 18.36 -70.16
N SER I 56 1.36 18.52 -68.87
CA SER I 56 0.36 17.77 -68.13
C SER I 56 -0.96 18.51 -68.03
N GLU I 57 -1.23 19.45 -68.93
CA GLU I 57 -2.51 20.14 -68.93
C GLU I 57 -3.62 19.24 -69.46
N THR I 58 -4.83 19.50 -68.97
CA THR I 58 -6.01 18.77 -69.41
C THR I 58 -7.16 19.75 -69.51
N PHE I 59 -8.23 19.33 -70.18
CA PHE I 59 -9.46 20.12 -70.22
C PHE I 59 -10.64 19.19 -70.39
N THR I 60 -11.78 19.59 -69.84
CA THR I 60 -12.99 18.79 -69.87
C THR I 60 -14.08 19.49 -70.68
N VAL I 61 -14.77 18.71 -71.50
CA VAL I 61 -15.82 19.23 -72.36
C VAL I 61 -17.11 18.45 -72.11
N ARG I 62 -18.22 19.15 -71.87
CA ARG I 62 -19.48 18.54 -71.50
C ARG I 62 -20.56 18.82 -72.54
N LYS I 63 -21.36 17.80 -72.84
CA LYS I 63 -22.46 17.95 -73.79
C LYS I 63 -23.65 17.15 -73.30
N ILE I 64 -24.80 17.40 -73.93
CA ILE I 64 -26.01 16.60 -73.71
C ILE I 64 -26.25 15.77 -74.97
N SER I 65 -26.44 14.47 -74.80
CA SER I 65 -26.74 13.56 -75.91
C SER I 65 -27.90 12.67 -75.49
N TYR I 66 -29.04 12.86 -76.15
CA TYR I 66 -30.21 11.99 -76.06
C TYR I 66 -30.77 11.92 -74.63
N GLY I 67 -30.65 13.02 -73.91
CA GLY I 67 -31.12 13.09 -72.55
C GLY I 67 -30.11 12.70 -71.49
N VAL I 68 -28.92 12.26 -71.88
CA VAL I 68 -27.88 11.87 -70.94
C VAL I 68 -26.68 12.79 -71.17
N GLY I 69 -26.12 13.32 -70.09
CA GLY I 69 -24.95 14.17 -70.21
C GLY I 69 -23.66 13.38 -70.31
N VAL I 70 -22.78 13.84 -71.18
CA VAL I 70 -21.50 13.19 -71.44
C VAL I 70 -20.37 14.17 -71.20
N GLU I 71 -19.44 13.82 -70.32
CA GLU I 71 -18.20 14.56 -70.16
C GLU I 71 -17.07 13.86 -70.89
N ARG I 72 -16.03 14.62 -71.21
CA ARG I 72 -14.92 14.07 -71.97
C ARG I 72 -13.67 14.86 -71.62
N THR I 73 -12.69 14.19 -71.02
CA THR I 73 -11.46 14.83 -70.58
C THR I 73 -10.31 14.52 -71.52
N PHE I 74 -9.56 15.55 -71.92
CA PHE I 74 -8.51 15.41 -72.90
C PHE I 74 -7.22 16.01 -72.37
N PRO I 75 -6.07 15.45 -72.74
CA PRO I 75 -4.82 16.22 -72.66
C PRO I 75 -4.80 17.27 -73.76
N VAL I 76 -4.17 18.40 -73.49
CA VAL I 76 -4.23 19.51 -74.44
C VAL I 76 -3.34 19.24 -75.64
N HIS I 77 -2.16 18.67 -75.40
CA HIS I 77 -1.16 18.50 -76.45
C HIS I 77 -1.17 17.10 -77.06
N THR I 78 -2.29 16.39 -77.01
CA THR I 78 -2.31 15.05 -77.58
C THR I 78 -2.34 15.12 -79.11
N PRO I 79 -1.69 14.20 -79.79
CA PRO I 79 -1.82 14.12 -81.26
C PRO I 79 -3.00 13.32 -81.76
N LYS I 80 -3.94 12.96 -80.88
CA LYS I 80 -5.20 12.34 -81.27
C LYS I 80 -6.28 13.38 -81.57
N ILE I 81 -5.88 14.63 -81.78
CA ILE I 81 -6.81 15.72 -82.03
C ILE I 81 -6.32 16.46 -83.26
N ALA I 82 -7.18 16.55 -84.28
CA ALA I 82 -6.78 17.21 -85.52
C ALA I 82 -6.63 18.71 -85.31
N LYS I 83 -7.72 19.38 -84.93
CA LYS I 83 -7.67 20.80 -84.58
C LYS I 83 -8.83 21.14 -83.68
N ILE I 84 -8.73 22.30 -83.05
CA ILE I 84 -9.75 22.86 -82.18
C ILE I 84 -10.18 24.19 -82.80
N GLU I 85 -11.48 24.44 -82.85
CA GLU I 85 -11.99 25.75 -83.28
C GLU I 85 -13.17 26.15 -82.41
N VAL I 86 -13.19 27.42 -82.03
CA VAL I 86 -14.13 27.94 -81.04
C VAL I 86 -15.34 28.50 -81.77
N VAL I 87 -16.54 28.06 -81.36
CA VAL I 87 -17.76 28.47 -82.07
C VAL I 87 -18.36 29.71 -81.43
N ARG I 88 -18.37 29.81 -80.10
CA ARG I 88 -18.90 30.98 -79.42
C ARG I 88 -18.26 31.12 -78.04
N TYR I 89 -18.26 32.34 -77.53
CA TYR I 89 -17.67 32.65 -76.24
C TYR I 89 -18.73 32.67 -75.15
N GLY I 90 -18.33 33.03 -73.94
CA GLY I 90 -19.23 33.01 -72.81
C GLY I 90 -18.78 33.99 -71.75
N LYS I 91 -19.71 34.34 -70.89
CA LYS I 91 -19.48 35.31 -69.81
C LYS I 91 -19.74 34.58 -68.50
N VAL I 92 -18.67 34.12 -67.86
CA VAL I 92 -18.76 33.39 -66.60
C VAL I 92 -17.93 34.12 -65.56
N ARG I 93 -18.11 33.74 -64.30
CA ARG I 93 -17.52 34.46 -63.19
C ARG I 93 -16.60 33.59 -62.34
N ARG I 94 -16.22 32.41 -62.83
CA ARG I 94 -15.32 31.54 -62.09
C ARG I 94 -14.55 30.65 -63.05
N ALA I 95 -13.65 29.85 -62.47
CA ALA I 95 -12.71 29.06 -63.23
C ALA I 95 -13.20 27.65 -63.50
N LYS I 96 -13.92 27.04 -62.57
CA LYS I 96 -14.39 25.67 -62.72
C LYS I 96 -15.89 25.65 -62.52
N LEU I 97 -16.62 25.31 -63.59
CA LEU I 97 -18.07 25.45 -63.62
C LEU I 97 -18.73 24.12 -63.29
N TYR I 98 -18.53 23.66 -62.06
CA TYR I 98 -19.13 22.41 -61.63
C TYR I 98 -20.61 22.51 -61.33
N TYR I 99 -21.18 23.71 -61.32
CA TYR I 99 -22.60 23.84 -61.02
C TYR I 99 -23.49 23.38 -62.17
N LEU I 100 -22.95 23.25 -63.38
CA LEU I 100 -23.72 22.85 -64.54
C LEU I 100 -24.05 21.37 -64.55
N ARG I 101 -23.54 20.60 -63.59
CA ARG I 101 -23.78 19.18 -63.51
C ARG I 101 -24.97 18.85 -62.62
N GLU I 102 -25.75 19.86 -62.23
CA GLU I 102 -26.93 19.64 -61.41
C GLU I 102 -28.16 20.38 -61.92
N LEU I 103 -28.09 21.07 -63.06
CA LEU I 103 -29.21 21.84 -63.57
C LEU I 103 -29.22 21.78 -65.08
N ARG I 104 -30.41 21.57 -65.65
CA ARG I 104 -30.59 21.38 -67.08
C ARG I 104 -31.70 22.28 -67.59
N GLY I 105 -31.69 22.50 -68.90
CA GLY I 105 -32.74 23.28 -69.54
C GLY I 105 -32.37 24.71 -69.83
N LYS I 106 -33.20 25.66 -69.41
CA LYS I 106 -32.93 27.07 -69.62
C LYS I 106 -31.92 27.62 -68.62
N ALA I 107 -31.87 27.05 -67.41
CA ALA I 107 -30.93 27.47 -66.39
C ALA I 107 -29.47 27.20 -66.74
N ALA I 108 -29.21 26.35 -67.71
CA ALA I 108 -27.86 26.00 -68.14
C ALA I 108 -27.39 26.85 -69.31
N ARG I 109 -27.88 28.08 -69.40
CA ARG I 109 -27.56 28.96 -70.52
C ARG I 109 -26.46 29.93 -70.11
N ILE I 110 -25.31 29.83 -70.77
CA ILE I 110 -24.19 30.75 -70.55
C ILE I 110 -24.40 31.93 -71.48
N LYS I 111 -24.45 33.13 -70.91
CA LYS I 111 -24.67 34.34 -71.69
C LYS I 111 -23.45 34.66 -72.55
N GLU I 112 -23.71 35.04 -73.79
CA GLU I 112 -22.64 35.23 -74.76
C GLU I 112 -21.92 36.56 -74.55
N ILE I 113 -20.60 36.54 -74.74
CA ILE I 113 -19.79 37.73 -74.80
C ILE I 113 -19.19 37.76 -76.20
N ARG I 114 -18.68 38.93 -76.61
CA ARG I 114 -18.25 39.09 -78.00
C ARG I 114 -16.77 38.79 -78.17
N ARG I 115 -15.91 39.56 -77.48
CA ARG I 115 -14.45 39.55 -77.64
C ARG I 115 -14.00 39.70 -79.10
N PRO J 2 8.02 -7.67 40.20
CA PRO J 2 8.39 -6.40 39.57
C PRO J 2 8.44 -6.53 38.07
N ARG J 3 8.53 -5.42 37.35
CA ARG J 3 8.48 -5.44 35.90
C ARG J 3 9.87 -5.67 35.34
N VAL J 4 9.97 -6.63 34.43
CA VAL J 4 11.15 -6.85 33.62
C VAL J 4 10.80 -6.38 32.23
N LYS J 5 11.33 -5.22 31.83
CA LYS J 5 10.84 -4.63 30.58
C LYS J 5 11.44 -5.29 29.36
N GLY J 6 12.73 -5.65 29.41
CA GLY J 6 13.33 -6.25 28.25
C GLY J 6 14.17 -5.24 27.50
N GLY J 7 15.47 -5.28 27.72
CA GLY J 7 16.33 -4.24 27.25
C GLY J 7 17.29 -4.66 26.16
N THR J 8 18.51 -4.98 26.59
CA THR J 8 19.66 -5.09 25.69
C THR J 8 20.03 -6.53 25.37
N VAL J 9 19.10 -7.47 25.50
CA VAL J 9 19.43 -8.86 25.20
C VAL J 9 19.05 -9.22 23.76
N THR J 10 17.98 -8.63 23.26
CA THR J 10 17.52 -8.86 21.89
C THR J 10 18.54 -8.34 20.90
N ARG J 11 19.13 -7.19 21.19
CA ARG J 11 20.08 -6.57 20.30
C ARG J 11 21.37 -7.38 20.19
N LYS J 12 21.87 -7.90 21.31
CA LYS J 12 23.08 -8.71 21.27
C LYS J 12 22.85 -10.02 20.53
N ARG J 13 21.72 -10.68 20.82
CA ARG J 13 21.43 -11.94 20.17
C ARG J 13 21.22 -11.77 18.67
N ARG J 14 20.73 -10.62 18.22
CA ARG J 14 20.60 -10.42 16.79
C ARG J 14 21.91 -9.96 16.13
N LYS J 15 22.74 -9.21 16.86
CA LYS J 15 23.99 -8.75 16.28
C LYS J 15 24.97 -9.89 16.07
N LYS J 16 24.90 -10.94 16.88
CA LYS J 16 25.76 -12.11 16.64
C LYS J 16 25.46 -12.76 15.29
N VAL J 17 24.17 -12.95 15.00
CA VAL J 17 23.74 -13.53 13.73
C VAL J 17 24.11 -12.63 12.57
N LEU J 18 24.01 -11.31 12.76
CA LEU J 18 24.40 -10.42 11.67
C LEU J 18 25.90 -10.31 11.50
N LYS J 19 26.70 -10.62 12.51
CA LYS J 19 28.14 -10.67 12.29
C LYS J 19 28.60 -11.98 11.68
N LEU J 20 27.79 -13.03 11.76
CA LEU J 20 28.13 -14.24 11.03
C LEU J 20 27.82 -14.16 9.54
N ALA J 21 27.13 -13.13 9.08
CA ALA J 21 26.65 -13.03 7.71
C ALA J 21 27.40 -11.98 6.90
N LYS J 22 28.65 -11.71 7.23
CA LYS J 22 29.42 -10.73 6.50
C LYS J 22 29.92 -11.31 5.19
N GLY J 23 29.70 -10.59 4.10
CA GLY J 23 30.09 -11.04 2.79
C GLY J 23 28.95 -11.48 1.92
N TYR J 24 27.73 -11.46 2.43
CA TYR J 24 26.60 -11.96 1.67
C TYR J 24 26.03 -10.85 0.81
N PHE J 25 25.29 -11.22 -0.22
CA PHE J 25 24.82 -10.27 -1.21
C PHE J 25 23.58 -9.55 -0.73
N GLY J 26 23.61 -8.23 -0.81
CA GLY J 26 22.39 -7.44 -0.75
C GLY J 26 21.76 -7.36 0.62
N SER J 27 20.51 -7.82 0.73
CA SER J 27 19.81 -7.76 2.00
C SER J 27 20.25 -8.82 2.98
N LYS J 28 21.06 -9.78 2.57
CA LYS J 28 21.39 -10.89 3.43
C LYS J 28 22.54 -10.59 4.37
N HIS J 29 23.07 -9.37 4.38
CA HIS J 29 24.04 -9.01 5.40
C HIS J 29 23.60 -7.86 6.26
N THR J 30 22.39 -7.33 6.07
CA THR J 30 21.89 -6.20 6.85
C THR J 30 20.60 -6.51 7.59
N LEU J 31 19.66 -7.21 6.98
CA LEU J 31 18.38 -7.48 7.60
C LEU J 31 18.46 -8.78 8.37
N TYR J 32 17.77 -8.84 9.50
CA TYR J 32 17.96 -9.96 10.42
C TYR J 32 17.30 -11.22 9.90
N LYS J 33 16.09 -11.15 9.40
CA LYS J 33 15.33 -12.35 9.12
C LYS J 33 15.48 -12.84 7.69
N VAL J 34 16.58 -12.51 7.03
CA VAL J 34 16.99 -13.22 5.81
C VAL J 34 18.41 -13.70 6.04
N ALA J 35 19.13 -12.96 6.89
CA ALA J 35 20.44 -13.41 7.32
C ALA J 35 20.34 -14.64 8.20
N ASN J 36 19.28 -14.74 9.00
CA ASN J 36 19.09 -15.92 9.84
C ASN J 36 18.86 -17.17 9.02
N GLN J 37 18.04 -17.09 7.98
CA GLN J 37 17.80 -18.24 7.12
C GLN J 37 19.04 -18.62 6.33
N GLN J 38 19.84 -17.64 5.93
CA GLN J 38 21.07 -17.98 5.22
C GLN J 38 22.10 -18.62 6.14
N VAL J 39 22.15 -18.23 7.41
CA VAL J 39 23.09 -18.85 8.33
C VAL J 39 22.66 -20.29 8.65
N MET J 40 21.36 -20.55 8.70
CA MET J 40 20.86 -21.92 8.87
C MET J 40 21.21 -22.82 7.69
N LYS J 41 20.95 -22.34 6.46
CA LYS J 41 21.33 -23.11 5.28
C LYS J 41 22.83 -23.32 5.18
N SER J 42 23.62 -22.35 5.64
CA SER J 42 25.07 -22.49 5.63
C SER J 42 25.54 -23.59 6.57
N GLY J 43 24.87 -23.74 7.71
CA GLY J 43 25.22 -24.84 8.61
C GLY J 43 24.94 -26.21 8.01
N ASN J 44 23.77 -26.37 7.41
CA ASN J 44 23.43 -27.63 6.74
C ASN J 44 24.38 -27.96 5.59
N TYR J 45 24.68 -26.95 4.75
CA TYR J 45 25.58 -27.12 3.62
C TYR J 45 26.99 -27.47 4.06
N ALA J 46 27.45 -26.88 5.16
CA ALA J 46 28.81 -27.15 5.62
C ALA J 46 28.95 -28.58 6.13
N PHE J 47 27.93 -29.11 6.80
CA PHE J 47 27.95 -30.52 7.21
C PHE J 47 28.04 -31.46 6.00
N ARG J 48 27.12 -31.27 5.05
CA ARG J 48 27.07 -32.13 3.87
C ARG J 48 28.36 -32.06 3.05
N ASP J 49 28.95 -30.88 2.94
CA ASP J 49 30.17 -30.74 2.17
C ASP J 49 31.41 -31.21 2.91
N ARG J 50 31.41 -31.24 4.24
CA ARG J 50 32.50 -31.89 4.94
C ARG J 50 32.51 -33.40 4.72
N ARG J 51 31.36 -34.00 4.41
CA ARG J 51 31.44 -35.42 3.99
C ARG J 51 31.83 -35.56 2.51
N GLN J 52 31.30 -34.71 1.64
CA GLN J 52 31.63 -34.82 0.22
C GLN J 52 33.07 -34.46 -0.10
N LYS J 53 33.77 -33.75 0.78
CA LYS J 53 35.16 -33.39 0.52
C LYS J 53 36.06 -34.62 0.51
N LYS J 54 35.90 -35.50 1.48
CA LYS J 54 36.63 -36.75 1.44
C LYS J 54 36.06 -37.75 0.46
N ARG J 55 34.83 -37.55 -0.02
CA ARG J 55 34.45 -38.32 -1.22
C ARG J 55 35.22 -37.85 -2.46
N ASP J 56 35.49 -36.55 -2.56
CA ASP J 56 35.97 -35.94 -3.81
C ASP J 56 37.46 -36.03 -4.01
N PHE J 57 38.23 -35.95 -2.92
CA PHE J 57 39.68 -36.05 -3.08
C PHE J 57 40.14 -37.44 -3.50
N ARG J 58 39.37 -38.48 -3.16
CA ARG J 58 39.74 -39.83 -3.58
C ARG J 58 39.55 -40.03 -5.07
N LYS J 59 38.47 -39.51 -5.62
CA LYS J 59 38.29 -39.58 -7.06
C LYS J 59 39.20 -38.61 -7.79
N LEU J 60 39.78 -37.62 -7.12
CA LEU J 60 40.92 -36.91 -7.69
C LEU J 60 42.19 -37.73 -7.75
N TRP J 61 42.49 -38.47 -6.68
CA TRP J 61 43.71 -39.27 -6.64
C TRP J 61 43.71 -40.43 -7.62
N ILE J 62 42.56 -41.10 -7.77
CA ILE J 62 42.43 -42.20 -8.72
C ILE J 62 42.66 -41.74 -10.16
N THR J 63 42.21 -40.55 -10.52
CA THR J 63 42.37 -40.02 -11.87
C THR J 63 43.82 -39.74 -12.24
N ARG J 64 44.66 -39.40 -11.28
CA ARG J 64 46.07 -39.19 -11.56
C ARG J 64 46.89 -40.47 -11.51
N ILE J 65 46.54 -41.41 -10.62
CA ILE J 65 47.21 -42.71 -10.64
C ILE J 65 46.91 -43.45 -11.93
N ASN J 66 45.69 -43.34 -12.44
CA ASN J 66 45.30 -43.96 -13.70
C ASN J 66 46.04 -43.38 -14.88
N ALA J 67 46.48 -42.13 -14.80
CA ALA J 67 47.20 -41.50 -15.89
C ALA J 67 48.68 -41.73 -15.82
N ALA J 68 49.24 -41.83 -14.62
CA ALA J 68 50.65 -42.17 -14.49
C ALA J 68 50.90 -43.66 -14.65
N ALA J 69 49.87 -44.50 -14.52
CA ALA J 69 50.06 -45.92 -14.75
C ALA J 69 49.97 -46.27 -16.22
N ARG J 70 49.13 -45.56 -16.98
CA ARG J 70 48.97 -45.86 -18.39
C ARG J 70 50.14 -45.36 -19.22
N MET J 71 51.03 -44.55 -18.63
CA MET J 71 52.30 -44.26 -19.28
C MET J 71 53.17 -45.50 -19.37
N ASN J 72 53.10 -46.40 -18.39
CA ASN J 72 53.99 -47.54 -18.44
C ASN J 72 53.45 -48.65 -19.35
N GLY J 73 52.47 -49.40 -18.89
CA GLY J 73 51.83 -50.34 -19.78
C GLY J 73 50.43 -50.75 -19.43
N LEU J 74 49.90 -50.27 -18.31
CA LEU J 74 48.75 -50.89 -17.70
C LEU J 74 47.84 -49.87 -17.04
N SER J 75 46.58 -50.25 -16.89
CA SER J 75 45.57 -49.37 -16.35
C SER J 75 45.62 -49.36 -14.82
N TYR J 76 44.68 -48.64 -14.22
CA TYR J 76 44.57 -48.60 -12.76
C TYR J 76 44.09 -49.94 -12.22
N SER J 77 43.18 -50.60 -12.93
CA SER J 77 42.56 -51.82 -12.45
C SER J 77 43.54 -52.99 -12.38
N ARG J 78 44.57 -52.98 -13.22
CA ARG J 78 45.57 -54.02 -13.16
C ARG J 78 46.78 -53.60 -12.35
N LEU J 79 46.95 -52.31 -12.09
CA LEU J 79 48.01 -51.87 -11.21
C LEU J 79 47.66 -52.16 -9.77
N MET J 80 46.42 -51.89 -9.38
CA MET J 80 46.02 -52.09 -7.98
C MET J 80 45.95 -53.57 -7.63
N HIS J 81 45.39 -54.39 -8.51
CA HIS J 81 45.48 -55.84 -8.34
C HIS J 81 46.85 -56.27 -8.80
N GLY J 82 47.78 -56.36 -7.87
CA GLY J 82 49.13 -56.65 -8.24
C GLY J 82 50.05 -55.78 -7.42
N LEU J 83 49.55 -54.61 -7.06
CA LEU J 83 50.27 -53.79 -6.11
C LEU J 83 49.75 -54.04 -4.70
N LYS J 84 48.46 -53.94 -4.49
CA LYS J 84 47.95 -54.01 -3.13
C LYS J 84 47.65 -55.45 -2.76
N LEU J 85 47.40 -56.29 -3.75
CA LEU J 85 47.00 -57.64 -3.41
C LEU J 85 48.16 -58.63 -3.48
N SER J 86 48.75 -58.79 -4.66
CA SER J 86 49.70 -59.87 -4.86
C SER J 86 51.06 -59.51 -4.29
N GLY J 87 51.71 -58.50 -4.86
CA GLY J 87 52.93 -57.98 -4.30
C GLY J 87 52.71 -57.06 -3.13
N ILE J 88 52.48 -57.59 -1.94
CA ILE J 88 51.56 -57.14 -0.89
C ILE J 88 51.78 -55.72 -0.33
N GLU J 89 52.67 -54.93 -0.95
CA GLU J 89 52.91 -53.53 -0.63
C GLU J 89 51.63 -52.70 -0.53
N VAL J 90 51.63 -51.72 0.39
CA VAL J 90 50.41 -51.23 1.02
C VAL J 90 50.32 -49.69 1.01
N ASN J 91 51.06 -49.03 0.14
CA ASN J 91 50.84 -47.60 -0.11
C ASN J 91 49.46 -47.39 -0.71
N ARG J 92 48.87 -46.22 -0.43
CA ARG J 92 47.50 -46.00 -0.84
C ARG J 92 47.40 -44.76 -1.70
N LYS J 93 46.17 -44.52 -2.18
CA LYS J 93 45.82 -43.61 -3.26
C LYS J 93 46.36 -42.20 -3.08
N MET J 94 46.47 -41.72 -1.84
CA MET J 94 46.94 -40.36 -1.63
C MET J 94 48.45 -40.28 -1.80
N LEU J 95 49.20 -41.18 -1.16
CA LEU J 95 50.65 -41.09 -1.22
C LEU J 95 51.25 -41.86 -2.37
N ALA J 96 50.49 -42.73 -3.03
CA ALA J 96 50.91 -43.28 -4.31
C ALA J 96 50.65 -42.31 -5.44
N ASP J 97 50.07 -41.16 -5.14
CA ASP J 97 49.88 -40.07 -6.09
C ASP J 97 50.88 -38.96 -5.88
N LEU J 98 52.11 -39.30 -5.55
CA LEU J 98 53.23 -38.40 -5.72
C LEU J 98 54.04 -38.97 -6.87
N ALA J 99 53.32 -39.45 -7.87
CA ALA J 99 53.75 -39.54 -9.26
C ALA J 99 53.77 -38.19 -9.93
N VAL J 100 53.18 -37.18 -9.32
CA VAL J 100 53.33 -35.81 -9.80
C VAL J 100 54.77 -35.36 -9.60
N ASN J 101 55.27 -35.46 -8.37
CA ASN J 101 56.60 -34.98 -8.07
C ASN J 101 57.67 -35.98 -8.48
N ASP J 102 57.66 -37.17 -7.89
CA ASP J 102 58.73 -38.14 -8.10
C ASP J 102 58.24 -39.27 -9.00
N LEU J 103 58.33 -39.05 -10.31
CA LEU J 103 57.85 -40.03 -11.28
C LEU J 103 58.87 -41.15 -11.52
N THR J 104 60.10 -41.01 -11.05
CA THR J 104 61.06 -42.09 -11.18
C THR J 104 61.06 -43.05 -10.00
N ALA J 105 60.28 -42.75 -8.96
CA ALA J 105 60.03 -43.68 -7.88
C ALA J 105 58.68 -44.35 -7.98
N PHE J 106 57.74 -43.77 -8.73
CA PHE J 106 56.50 -44.43 -9.09
C PHE J 106 56.74 -45.61 -10.01
N ASN J 107 57.75 -45.53 -10.88
CA ASN J 107 57.98 -46.60 -11.84
C ASN J 107 58.58 -47.83 -11.18
N GLN J 108 59.27 -47.66 -10.04
CA GLN J 108 59.68 -48.81 -9.24
C GLN J 108 58.47 -49.60 -8.75
N LEU J 109 57.48 -48.91 -8.19
CA LEU J 109 56.26 -49.55 -7.73
C LEU J 109 55.43 -50.13 -8.87
N ALA J 110 55.46 -49.50 -10.03
CA ALA J 110 54.73 -50.05 -11.17
C ALA J 110 55.47 -51.18 -11.86
N ASP J 111 56.78 -51.29 -11.67
CA ASP J 111 57.52 -52.44 -12.16
C ASP J 111 57.51 -53.59 -11.19
N ALA J 112 57.30 -53.33 -9.90
CA ALA J 112 57.09 -54.38 -8.92
C ALA J 112 55.68 -54.94 -8.94
N ALA J 113 54.81 -54.46 -9.83
CA ALA J 113 53.47 -54.99 -9.99
C ALA J 113 53.24 -55.66 -11.33
N LYS J 114 54.13 -55.47 -12.30
CA LYS J 114 54.07 -56.28 -13.51
C LYS J 114 54.65 -57.66 -13.29
N ALA J 115 55.49 -57.81 -12.25
CA ALA J 115 56.10 -59.09 -11.95
C ALA J 115 55.07 -60.09 -11.45
N GLN J 116 54.03 -59.61 -10.77
CA GLN J 116 53.00 -60.47 -10.25
C GLN J 116 51.94 -60.84 -11.28
N LEU J 117 51.66 -59.95 -12.24
CA LEU J 117 50.75 -60.29 -13.31
C LEU J 117 51.41 -61.11 -14.40
N ASN J 118 52.74 -61.17 -14.40
CA ASN J 118 53.57 -61.92 -15.36
C ASN J 118 53.29 -61.51 -16.81
N TYR K 2 63.62 -38.88 1.94
CA TYR K 2 62.30 -38.85 2.57
C TYR K 2 61.80 -40.25 2.86
N ALA K 3 60.81 -40.36 3.73
CA ALA K 3 60.20 -41.62 4.12
C ALA K 3 58.69 -41.47 4.11
N ILE K 4 58.01 -42.60 4.27
CA ILE K 4 56.55 -42.60 4.39
C ILE K 4 56.18 -43.35 5.67
N ILE K 5 55.60 -42.63 6.63
CA ILE K 5 55.28 -43.28 7.89
C ILE K 5 53.77 -43.46 8.00
N LYS K 6 53.36 -44.32 8.91
CA LYS K 6 51.95 -44.62 9.15
C LYS K 6 51.69 -44.50 10.65
N THR K 7 51.13 -43.36 11.07
CA THR K 7 51.06 -43.08 12.49
C THR K 7 49.60 -42.99 12.95
N GLY K 8 48.78 -42.11 12.39
CA GLY K 8 47.53 -41.82 13.07
C GLY K 8 46.31 -42.37 12.40
N GLY K 9 46.40 -43.61 11.91
CA GLY K 9 45.39 -44.16 11.03
C GLY K 9 45.55 -43.74 9.60
N LYS K 10 46.40 -42.77 9.32
CA LYS K 10 46.69 -42.24 8.00
C LYS K 10 48.19 -42.31 7.80
N GLN K 11 48.63 -42.06 6.57
CA GLN K 11 50.05 -42.08 6.25
C GLN K 11 50.54 -40.71 5.83
N ILE K 12 51.79 -40.43 6.16
CA ILE K 12 52.40 -39.12 5.97
C ILE K 12 53.73 -39.29 5.26
N LYS K 13 53.92 -38.59 4.15
CA LYS K 13 55.23 -38.50 3.51
C LYS K 13 56.02 -37.41 4.21
N VAL K 14 57.09 -37.82 4.86
CA VAL K 14 57.82 -36.92 5.72
C VAL K 14 59.27 -36.86 5.26
N GLU K 15 59.99 -35.81 5.61
CA GLU K 15 61.41 -35.70 5.30
C GLU K 15 62.08 -34.91 6.39
N GLU K 16 63.40 -34.99 6.44
CA GLU K 16 64.16 -34.54 7.59
C GLU K 16 64.19 -33.02 7.70
N GLY K 17 63.80 -32.51 8.86
CA GLY K 17 63.76 -31.08 9.11
C GLY K 17 62.38 -30.46 9.09
N GLN K 18 61.35 -31.21 8.71
CA GLN K 18 60.00 -30.68 8.58
C GLN K 18 59.37 -30.42 9.95
N THR K 19 58.13 -29.96 9.91
CA THR K 19 57.29 -29.79 11.08
C THR K 19 55.88 -30.20 10.69
N VAL K 20 55.39 -31.30 11.28
CA VAL K 20 54.11 -31.85 10.88
C VAL K 20 53.15 -31.82 12.05
N TYR K 21 51.86 -31.86 11.71
CA TYR K 21 50.76 -31.87 12.65
C TYR K 21 50.05 -33.22 12.51
N ILE K 22 50.06 -34.01 13.57
CA ILE K 22 49.44 -35.33 13.51
C ILE K 22 48.38 -35.44 14.59
N GLU K 23 47.68 -36.57 14.62
CA GLU K 23 46.73 -36.85 15.69
C GLU K 23 47.47 -37.02 17.01
N LYS K 24 46.71 -36.94 18.10
CA LYS K 24 47.30 -36.78 19.42
C LYS K 24 48.04 -38.03 19.88
N LEU K 25 49.32 -37.86 20.20
CA LEU K 25 50.13 -38.87 20.82
C LEU K 25 50.11 -38.69 22.33
N ALA K 26 50.53 -39.72 23.05
CA ALA K 26 50.43 -39.75 24.50
C ALA K 26 51.69 -39.23 25.18
N ALA K 27 52.51 -38.44 24.49
CA ALA K 27 53.72 -37.89 25.06
C ALA K 27 53.56 -36.39 25.26
N GLU K 28 54.37 -35.85 26.16
CA GLU K 28 54.34 -34.43 26.48
C GLU K 28 55.37 -33.69 25.65
N ALA K 29 55.47 -32.39 25.87
CA ALA K 29 56.41 -31.58 25.12
C ALA K 29 57.83 -31.81 25.61
N GLY K 30 58.77 -31.79 24.68
CA GLY K 30 60.16 -32.09 24.98
C GLY K 30 60.54 -33.54 24.80
N GLU K 31 59.57 -34.44 24.72
CA GLU K 31 59.83 -35.86 24.55
C GLU K 31 60.30 -36.16 23.14
N THR K 32 60.77 -37.38 22.92
CA THR K 32 61.17 -37.85 21.60
C THR K 32 60.34 -39.08 21.25
N VAL K 33 59.54 -38.97 20.19
CA VAL K 33 58.75 -40.08 19.69
C VAL K 33 59.58 -40.81 18.66
N THR K 34 59.30 -42.10 18.46
CA THR K 34 59.91 -42.83 17.35
C THR K 34 58.81 -43.58 16.63
N PHE K 35 58.84 -43.53 15.29
CA PHE K 35 57.88 -44.24 14.45
C PHE K 35 58.56 -45.46 13.87
N GLU K 36 57.87 -46.60 13.96
CA GLU K 36 58.43 -47.90 13.58
C GLU K 36 57.97 -48.35 12.21
N ASP K 37 56.78 -47.93 11.77
CA ASP K 37 56.21 -48.40 10.51
C ASP K 37 56.57 -47.43 9.40
N VAL K 38 57.67 -47.70 8.71
CA VAL K 38 58.35 -46.76 7.84
C VAL K 38 58.36 -47.35 6.44
N LEU K 39 57.23 -47.93 6.03
CA LEU K 39 57.06 -48.46 4.68
C LEU K 39 57.45 -47.44 3.60
N PHE K 40 58.24 -47.88 2.63
CA PHE K 40 58.80 -47.06 1.55
C PHE K 40 59.65 -45.88 2.00
N VAL K 41 60.87 -46.11 2.47
CA VAL K 41 61.90 -45.07 2.52
C VAL K 41 62.42 -44.88 1.10
N GLY K 42 62.46 -43.63 0.64
CA GLY K 42 62.88 -43.32 -0.71
C GLY K 42 64.08 -42.41 -0.77
N GLY K 43 64.20 -41.71 -1.89
CA GLY K 43 65.34 -40.84 -2.13
C GLY K 43 66.26 -41.36 -3.20
N ASP K 44 67.47 -41.76 -2.81
CA ASP K 44 68.41 -42.42 -3.70
C ASP K 44 68.76 -43.85 -3.30
N ASN K 45 68.17 -44.36 -2.22
CA ASN K 45 68.37 -45.72 -1.74
C ASN K 45 67.01 -46.39 -1.59
N VAL K 46 66.24 -46.37 -2.68
CA VAL K 46 64.84 -46.79 -2.75
C VAL K 46 64.64 -48.21 -2.21
N LYS K 47 63.85 -48.32 -1.15
CA LYS K 47 63.59 -49.56 -0.46
C LYS K 47 62.08 -49.76 -0.41
N VAL K 48 61.56 -50.52 -1.36
CA VAL K 48 60.13 -50.78 -1.39
C VAL K 48 59.83 -51.93 -0.45
N GLY K 49 59.49 -51.60 0.80
CA GLY K 49 59.08 -52.63 1.72
C GLY K 49 57.60 -52.92 1.56
N ASN K 50 57.26 -54.20 1.67
CA ASN K 50 55.91 -54.64 1.40
C ASN K 50 54.95 -54.16 2.51
N PRO K 51 54.92 -54.69 3.73
CA PRO K 51 54.82 -53.74 4.84
C PRO K 51 56.19 -53.49 5.42
N THR K 52 56.47 -52.24 5.80
CA THR K 52 57.45 -51.93 6.84
C THR K 52 58.88 -52.37 6.53
N VAL K 53 59.64 -51.56 5.75
CA VAL K 53 61.06 -51.79 5.52
C VAL K 53 61.77 -52.05 6.85
N GLU K 54 62.67 -53.03 6.84
CA GLU K 54 63.02 -53.69 8.09
C GLU K 54 64.12 -52.97 8.82
N GLY K 55 63.90 -52.72 10.11
CA GLY K 55 64.86 -52.07 10.96
C GLY K 55 64.92 -50.57 10.85
N ALA K 56 64.10 -49.95 10.01
CA ALA K 56 64.12 -48.50 9.87
C ALA K 56 63.12 -47.86 10.81
N THR K 57 63.48 -46.68 11.32
CA THR K 57 62.63 -45.90 12.19
C THR K 57 62.68 -44.46 11.72
N VAL K 58 61.85 -43.62 12.32
CA VAL K 58 61.95 -42.17 12.16
C VAL K 58 61.88 -41.56 13.55
N THR K 59 62.81 -40.66 13.85
CA THR K 59 62.89 -40.03 15.15
C THR K 59 62.31 -38.63 15.05
N ALA K 60 61.61 -38.19 16.09
CA ALA K 60 61.03 -36.86 16.12
C ALA K 60 60.94 -36.40 17.56
N LYS K 61 60.77 -35.09 17.76
CA LYS K 61 60.58 -34.56 19.10
C LYS K 61 59.34 -33.69 19.14
N VAL K 62 58.65 -33.72 20.28
CA VAL K 62 57.35 -33.05 20.40
C VAL K 62 57.56 -31.57 20.63
N GLU K 63 57.00 -30.75 19.74
CA GLU K 63 57.01 -29.31 19.93
C GLU K 63 55.79 -28.81 20.67
N LYS K 64 54.60 -29.30 20.35
CA LYS K 64 53.41 -28.73 20.98
C LYS K 64 52.28 -29.74 21.03
N GLN K 65 51.43 -29.59 22.03
CA GLN K 65 50.14 -30.27 22.10
C GLN K 65 49.07 -29.20 22.07
N GLY K 66 48.05 -29.36 21.25
CA GLY K 66 47.08 -28.30 21.16
C GLY K 66 45.73 -28.75 20.70
N ARG K 67 44.86 -27.76 20.48
CA ARG K 67 43.56 -27.96 19.85
C ARG K 67 43.46 -27.00 18.68
N ALA K 68 42.69 -27.39 17.66
CA ALA K 68 42.61 -26.59 16.46
C ALA K 68 41.59 -25.48 16.61
N LYS K 69 41.30 -24.81 15.51
CA LYS K 69 40.31 -23.74 15.51
C LYS K 69 38.91 -24.33 15.57
N LYS K 70 37.98 -23.60 16.20
CA LYS K 70 36.67 -24.17 16.48
C LYS K 70 35.82 -24.27 15.22
N ILE K 71 35.06 -25.36 15.12
CA ILE K 71 34.01 -25.54 14.11
C ILE K 71 32.68 -25.56 14.85
N THR K 72 31.63 -25.10 14.19
CA THR K 72 30.28 -25.17 14.71
C THR K 72 29.41 -26.00 13.76
N VAL K 73 28.67 -26.94 14.32
CA VAL K 73 27.82 -27.85 13.57
C VAL K 73 26.38 -27.45 13.85
N HIS K 74 25.60 -27.13 12.82
CA HIS K 74 24.26 -26.61 13.11
C HIS K 74 23.08 -27.52 12.81
N ARG K 75 22.96 -28.08 11.60
CA ARG K 75 22.06 -29.22 11.36
C ARG K 75 20.57 -29.06 11.66
N TYR K 76 19.78 -28.33 10.88
CA TYR K 76 18.36 -28.23 11.17
C TYR K 76 17.55 -29.07 10.20
N LYS K 77 16.23 -29.16 10.46
CA LYS K 77 15.26 -29.88 9.63
C LYS K 77 14.12 -28.95 9.27
N PRO K 78 13.83 -28.73 7.99
CA PRO K 78 12.74 -27.82 7.64
C PRO K 78 11.36 -28.39 7.96
N LYS K 79 10.53 -27.53 8.54
CA LYS K 79 9.11 -27.68 8.88
C LYS K 79 8.84 -28.57 10.08
N LYS K 80 9.84 -29.17 10.71
CA LYS K 80 9.59 -30.11 11.79
C LYS K 80 10.12 -29.63 13.15
N ASN K 81 10.67 -28.43 13.22
CA ASN K 81 11.17 -27.80 14.45
C ASN K 81 12.28 -28.62 15.12
N VAL K 82 13.25 -29.05 14.31
CA VAL K 82 14.41 -29.76 14.81
C VAL K 82 15.62 -28.87 14.53
N ALA K 83 16.45 -28.66 15.55
CA ALA K 83 17.67 -27.87 15.43
C ALA K 83 18.67 -28.36 16.46
N LYS K 84 19.97 -28.26 16.14
CA LYS K 84 20.98 -28.78 17.07
C LYS K 84 22.37 -28.17 16.90
N LYS K 85 22.75 -27.23 17.75
CA LYS K 85 24.07 -26.64 17.62
C LYS K 85 25.10 -27.39 18.45
N GLN K 86 26.35 -27.40 17.97
CA GLN K 86 27.44 -28.07 18.65
C GLN K 86 28.76 -27.41 18.27
N GLY K 87 29.76 -27.49 19.14
CA GLY K 87 31.07 -26.93 18.87
C GLY K 87 32.15 -27.98 19.00
N HIS K 88 33.22 -27.83 18.22
CA HIS K 88 34.25 -28.87 18.14
C HIS K 88 35.62 -28.23 17.96
N ARG K 89 36.66 -28.85 18.54
CA ARG K 89 37.99 -28.26 18.42
C ARG K 89 39.11 -29.21 18.01
N GLN K 90 39.01 -30.53 18.25
CA GLN K 90 39.87 -31.56 17.65
C GLN K 90 41.37 -31.46 17.93
N PRO K 91 41.85 -32.00 19.06
CA PRO K 91 43.27 -31.86 19.44
C PRO K 91 44.25 -32.47 18.46
N TYR K 92 45.50 -31.99 18.55
CA TYR K 92 46.58 -32.41 17.67
C TYR K 92 47.88 -32.42 18.46
N THR K 93 48.92 -32.99 17.84
CA THR K 93 50.29 -32.93 18.33
C THR K 93 51.19 -32.47 17.19
N LYS K 94 52.02 -31.47 17.45
CA LYS K 94 52.92 -30.90 16.45
C LYS K 94 54.34 -31.32 16.77
N VAL K 95 54.97 -32.05 15.83
CA VAL K 95 56.32 -32.58 16.00
C VAL K 95 57.20 -32.06 14.88
N THR K 96 58.51 -32.16 15.10
CA THR K 96 59.52 -31.83 14.10
C THR K 96 60.43 -33.03 13.91
N ILE K 97 60.94 -33.19 12.68
CA ILE K 97 61.52 -34.46 12.26
C ILE K 97 63.03 -34.31 12.11
N GLU K 98 63.77 -35.31 12.56
CA GLU K 98 65.21 -35.34 12.43
C GLU K 98 65.69 -36.78 12.40
N LYS K 99 66.72 -37.05 11.60
CA LYS K 99 67.39 -38.35 11.49
C LYS K 99 66.47 -39.49 11.06
N ILE K 100 66.06 -39.49 9.80
CA ILE K 100 65.48 -40.70 9.18
C ILE K 100 66.62 -41.70 9.08
N ASN K 101 66.59 -42.70 9.96
CA ASN K 101 67.63 -43.72 9.93
C ASN K 101 67.14 -45.01 9.29
N ALA K 102 67.25 -45.10 7.98
CA ALA K 102 66.86 -46.30 7.26
C ALA K 102 67.92 -47.39 7.41
N GLN L 2 42.51 23.43 4.83
CA GLN L 2 41.28 23.42 4.07
C GLN L 2 40.17 24.18 4.78
N ALA L 3 39.20 24.67 4.00
CA ALA L 3 38.07 25.41 4.52
C ALA L 3 36.79 24.73 4.07
N LYS L 4 35.68 25.04 4.75
CA LYS L 4 34.45 24.35 4.45
C LYS L 4 33.25 25.26 4.74
N ALA L 5 32.12 24.91 4.14
CA ALA L 5 30.89 25.69 4.33
C ALA L 5 29.70 24.76 4.18
N VAL L 6 28.73 24.92 5.08
CA VAL L 6 27.54 24.07 5.13
C VAL L 6 26.32 24.96 4.89
N ALA L 7 25.21 24.36 4.45
CA ALA L 7 23.97 25.07 4.21
C ALA L 7 22.89 24.76 5.23
N ARG L 8 22.67 23.49 5.59
CA ARG L 8 21.80 23.07 6.69
C ARG L 8 20.33 23.45 6.58
N THR L 9 19.57 22.60 5.88
CA THR L 9 18.11 22.62 5.72
C THR L 9 17.67 23.75 4.78
N VAL L 10 18.21 23.74 3.57
CA VAL L 10 17.64 24.45 2.45
C VAL L 10 16.47 23.63 1.92
N ARG L 11 15.54 24.28 1.23
CA ARG L 11 14.28 23.65 0.86
C ARG L 11 14.38 23.22 -0.61
N ILE L 12 15.01 22.06 -0.82
CA ILE L 12 15.11 21.41 -2.12
C ILE L 12 15.37 19.93 -1.87
N ALA L 13 14.76 19.07 -2.66
CA ALA L 13 14.89 17.63 -2.46
C ALA L 13 16.29 17.17 -2.80
N PRO L 14 16.88 16.23 -2.05
CA PRO L 14 18.31 15.92 -2.25
C PRO L 14 18.62 15.18 -3.53
N ARG L 15 17.68 14.41 -4.07
CA ARG L 15 17.91 13.72 -5.33
C ARG L 15 17.98 14.65 -6.52
N LYS L 16 17.40 15.84 -6.40
CA LYS L 16 17.51 16.86 -7.43
C LYS L 16 18.76 17.72 -7.26
N ALA L 17 19.17 17.98 -6.03
CA ALA L 17 20.38 18.74 -5.78
C ALA L 17 21.65 17.94 -5.99
N ARG L 18 21.58 16.61 -5.98
CA ARG L 18 22.76 15.80 -6.23
C ARG L 18 23.12 15.71 -7.70
N LEU L 19 22.24 16.12 -8.62
CA LEU L 19 22.57 16.10 -10.03
C LEU L 19 23.55 17.19 -10.40
N VAL L 20 23.45 18.35 -9.74
CA VAL L 20 24.33 19.47 -10.01
C VAL L 20 25.67 19.34 -9.29
N MET L 21 25.70 18.67 -8.14
CA MET L 21 26.92 18.44 -7.41
C MET L 21 27.88 17.50 -8.11
N ASP L 22 27.40 16.64 -9.00
CA ASP L 22 28.25 15.75 -9.76
C ASP L 22 29.04 16.46 -10.85
N LEU L 23 28.67 17.70 -11.18
CA LEU L 23 29.37 18.42 -12.24
C LEU L 23 30.61 19.12 -11.75
N ILE L 24 30.61 19.57 -10.49
CA ILE L 24 31.66 20.43 -9.98
C ILE L 24 32.62 19.70 -9.06
N ARG L 25 32.42 18.42 -8.83
CA ARG L 25 33.27 17.68 -7.91
C ARG L 25 34.64 17.45 -8.52
N GLY L 26 35.69 17.92 -7.85
CA GLY L 26 37.04 17.72 -8.29
C GLY L 26 37.64 18.88 -9.06
N LYS L 27 36.82 19.82 -9.52
CA LYS L 27 37.30 20.89 -10.39
C LYS L 27 37.90 22.02 -9.56
N GLN L 28 38.46 23.02 -10.23
CA GLN L 28 39.00 24.20 -9.57
C GLN L 28 37.88 25.21 -9.36
N VAL L 29 38.07 26.09 -8.38
CA VAL L 29 36.98 26.98 -8.00
C VAL L 29 36.82 28.12 -8.99
N GLY L 30 37.76 28.29 -9.90
CA GLY L 30 37.61 29.25 -10.96
C GLY L 30 36.51 28.86 -11.94
N GLU L 31 36.60 27.64 -12.46
CA GLU L 31 35.62 27.20 -13.46
C GLU L 31 34.38 26.57 -12.84
N ALA L 32 34.42 26.20 -11.56
CA ALA L 32 33.23 25.68 -10.93
C ALA L 32 32.19 26.76 -10.71
N VAL L 33 32.61 28.01 -10.50
CA VAL L 33 31.67 29.12 -10.43
C VAL L 33 31.07 29.42 -11.81
N SER L 34 31.86 29.31 -12.88
CA SER L 34 31.37 29.51 -14.22
C SER L 34 30.43 28.43 -14.70
N ILE L 35 30.64 27.18 -14.26
CA ILE L 35 29.72 26.11 -14.60
C ILE L 35 28.36 26.33 -13.95
N LEU L 36 28.34 26.77 -12.70
CA LEU L 36 27.11 26.97 -11.97
C LEU L 36 26.32 28.19 -12.43
N ASN L 37 26.96 29.16 -13.07
CA ASN L 37 26.24 30.32 -13.58
C ASN L 37 25.50 30.05 -14.87
N LEU L 38 25.87 29.01 -15.60
CA LEU L 38 25.31 28.75 -16.92
C LEU L 38 24.46 27.51 -16.97
N THR L 39 24.24 26.85 -15.85
CA THR L 39 23.39 25.66 -15.76
C THR L 39 21.97 26.06 -15.40
N PRO L 40 20.97 25.68 -16.18
CA PRO L 40 19.60 26.10 -15.93
C PRO L 40 18.79 25.18 -15.02
N ARG L 41 19.28 24.96 -13.80
CA ARG L 41 18.57 24.19 -12.81
C ARG L 41 18.30 25.04 -11.58
N ALA L 42 17.39 24.58 -10.74
CA ALA L 42 16.98 25.33 -9.56
C ALA L 42 17.89 25.13 -8.37
N ALA L 43 18.85 24.21 -8.45
CA ALA L 43 19.75 23.95 -7.35
C ALA L 43 21.04 24.74 -7.46
N SER L 44 21.34 25.30 -8.61
CA SER L 44 22.62 25.95 -8.81
C SER L 44 22.78 27.34 -8.19
N PRO L 45 21.76 28.22 -8.08
CA PRO L 45 21.96 29.42 -7.25
C PRO L 45 22.09 29.15 -5.76
N ILE L 46 21.66 27.99 -5.27
CA ILE L 46 21.87 27.64 -3.87
C ILE L 46 23.27 27.06 -3.65
N ILE L 47 23.74 26.21 -4.56
CA ILE L 47 25.09 25.66 -4.46
C ILE L 47 26.15 26.72 -4.68
N GLU L 48 25.89 27.72 -5.52
CA GLU L 48 26.87 28.77 -5.76
C GLU L 48 27.14 29.64 -4.55
N LYS L 49 26.14 29.88 -3.70
CA LYS L 49 26.38 30.68 -2.50
C LYS L 49 27.20 29.91 -1.47
N VAL L 50 26.93 28.61 -1.29
CA VAL L 50 27.74 27.78 -0.42
C VAL L 50 29.17 27.65 -0.94
N LEU L 51 29.36 27.60 -2.25
CA LEU L 51 30.72 27.57 -2.80
C LEU L 51 31.44 28.89 -2.61
N LYS L 52 30.79 30.01 -2.87
CA LYS L 52 31.45 31.30 -2.71
C LYS L 52 31.64 31.68 -1.25
N SER L 53 30.91 31.07 -0.33
CA SER L 53 31.12 31.33 1.08
C SER L 53 32.27 30.55 1.66
N ALA L 54 32.75 29.51 0.98
CA ALA L 54 33.91 28.75 1.44
C ALA L 54 35.22 29.34 0.97
N ILE L 55 35.25 29.91 -0.24
CA ILE L 55 36.39 30.67 -0.70
C ILE L 55 36.67 31.88 0.18
N ALA L 56 35.63 32.57 0.64
CA ALA L 56 35.80 33.69 1.55
C ALA L 56 36.23 33.26 2.93
N ASN L 57 35.89 32.05 3.37
CA ASN L 57 36.44 31.53 4.60
C ASN L 57 37.91 31.20 4.45
N ALA L 58 38.28 30.64 3.30
CA ALA L 58 39.66 30.25 3.04
C ALA L 58 40.58 31.46 2.99
N GLU L 59 40.19 32.49 2.26
CA GLU L 59 41.08 33.63 2.08
C GLU L 59 40.96 34.67 3.18
N HIS L 60 40.20 34.42 4.21
CA HIS L 60 40.16 35.37 5.32
C HIS L 60 40.57 34.74 6.65
N ASN L 61 40.19 33.50 6.90
CA ASN L 61 40.49 32.90 8.19
C ASN L 61 41.81 32.16 8.21
N TYR L 62 42.25 31.60 7.07
CA TYR L 62 43.50 30.86 7.02
C TYR L 62 44.50 31.47 6.05
N GLU L 63 44.13 32.55 5.36
CA GLU L 63 44.99 33.34 4.48
C GLU L 63 45.58 32.50 3.35
N MET L 64 44.68 31.88 2.61
CA MET L 64 45.07 31.20 1.38
C MET L 64 44.91 32.17 0.21
N ASP L 65 44.95 31.67 -1.02
CA ASP L 65 44.78 32.49 -2.20
C ASP L 65 43.72 31.83 -3.05
N ALA L 66 42.87 32.64 -3.70
CA ALA L 66 41.73 32.06 -4.41
C ALA L 66 42.13 31.45 -5.73
N ASN L 67 43.34 31.74 -6.21
CA ASN L 67 43.77 31.21 -7.50
C ASN L 67 44.19 29.76 -7.43
N ASN L 68 44.61 29.29 -6.26
CA ASN L 68 45.18 27.96 -6.12
C ASN L 68 44.31 27.09 -5.22
N LEU L 69 43.00 27.14 -5.41
CA LEU L 69 42.06 26.34 -4.64
C LEU L 69 41.40 25.33 -5.56
N VAL L 70 40.96 24.22 -4.96
CA VAL L 70 40.32 23.13 -5.67
C VAL L 70 39.23 22.59 -4.76
N ILE L 71 38.24 21.93 -5.36
CA ILE L 71 37.08 21.43 -4.61
C ILE L 71 37.43 20.01 -4.14
N SER L 72 37.70 19.86 -2.85
CA SER L 72 38.04 18.56 -2.29
C SER L 72 36.80 17.70 -2.10
N GLN L 73 35.82 18.20 -1.36
CA GLN L 73 34.64 17.42 -1.04
C GLN L 73 33.38 18.18 -1.38
N ALA L 74 32.36 17.44 -1.83
CA ALA L 74 31.10 18.05 -2.19
C ALA L 74 30.03 16.98 -2.09
N PHE L 75 29.16 17.06 -1.10
CA PHE L 75 28.14 16.05 -0.91
C PHE L 75 26.86 16.69 -0.39
N VAL L 76 25.75 15.98 -0.58
CA VAL L 76 24.42 16.43 -0.17
C VAL L 76 23.84 15.39 0.77
N ASP L 77 23.62 15.77 2.01
CA ASP L 77 22.94 14.90 2.96
C ASP L 77 21.47 15.31 3.00
N GLU L 78 20.63 14.59 3.72
CA GLU L 78 19.23 14.93 3.78
C GLU L 78 18.85 15.37 5.19
N GLY L 79 17.93 16.33 5.26
CA GLY L 79 17.49 16.85 6.53
C GLY L 79 16.08 16.41 6.85
N PRO L 80 15.46 17.04 7.85
CA PRO L 80 14.10 16.65 8.23
C PRO L 80 13.08 17.02 7.17
N THR L 81 12.05 16.20 7.03
CA THR L 81 10.99 16.43 6.07
C THR L 81 9.75 16.96 6.78
N LEU L 82 8.89 17.61 6.00
CA LEU L 82 7.62 18.12 6.49
C LEU L 82 6.50 17.42 5.75
N LYS L 83 5.50 16.97 6.48
CA LYS L 83 4.44 16.15 5.91
C LYS L 83 3.14 16.94 5.82
N ARG L 84 2.64 17.10 4.61
CA ARG L 84 1.41 17.82 4.34
C ARG L 84 0.38 16.84 3.78
N PHE L 85 -0.85 17.31 3.60
CA PHE L 85 -1.94 16.46 3.15
C PHE L 85 -2.61 17.08 1.93
N ARG L 86 -2.66 16.31 0.84
CA ARG L 86 -3.27 16.69 -0.42
C ARG L 86 -4.57 15.95 -0.61
N PRO L 87 -5.67 16.64 -0.92
CA PRO L 87 -6.97 15.99 -0.99
C PRO L 87 -7.18 15.30 -2.34
N ARG L 88 -7.73 14.09 -2.29
CA ARG L 88 -7.93 13.26 -3.48
C ARG L 88 -9.39 12.86 -3.59
N ALA L 89 -9.68 11.99 -4.55
CA ALA L 89 -11.04 11.57 -4.84
C ALA L 89 -11.54 10.61 -3.77
N MET L 90 -12.82 10.77 -3.39
CA MET L 90 -13.55 9.92 -2.45
C MET L 90 -12.91 9.90 -1.06
N GLY L 91 -12.21 10.99 -0.72
CA GLY L 91 -11.66 11.14 0.62
C GLY L 91 -10.44 10.29 0.92
N ARG L 92 -9.45 10.25 0.01
CA ARG L 92 -8.30 9.39 0.23
C ARG L 92 -7.25 10.08 1.10
N ALA L 93 -7.11 11.41 0.96
CA ALA L 93 -6.23 12.26 1.76
C ALA L 93 -4.77 11.83 1.69
N SER L 94 -4.13 11.98 0.54
CA SER L 94 -2.77 11.53 0.32
C SER L 94 -1.79 12.42 1.09
N GLN L 95 -0.51 12.03 1.14
CA GLN L 95 0.47 12.73 1.96
C GLN L 95 1.62 13.20 1.09
N ILE L 96 1.97 14.47 1.19
CA ILE L 96 3.04 15.06 0.42
C ILE L 96 4.24 15.28 1.34
N ASN L 97 5.41 14.83 0.90
CA ASN L 97 6.65 15.02 1.63
C ASN L 97 7.39 16.22 1.06
N LYS L 98 7.59 17.23 1.89
CA LYS L 98 8.40 18.39 1.50
C LYS L 98 9.79 18.14 2.06
N ARG L 99 10.68 17.65 1.22
CA ARG L 99 11.99 17.23 1.67
C ARG L 99 12.97 18.38 1.63
N THR L 100 13.95 18.34 2.54
CA THR L 100 15.01 19.33 2.64
C THR L 100 16.35 18.62 2.50
N SER L 101 17.44 19.40 2.52
CA SER L 101 18.77 18.81 2.37
C SER L 101 19.82 19.67 3.07
N HIS L 102 20.98 19.08 3.28
CA HIS L 102 22.16 19.75 3.83
C HIS L 102 23.25 19.71 2.78
N ILE L 103 23.80 20.87 2.44
CA ILE L 103 24.77 20.99 1.37
C ILE L 103 26.11 21.42 1.94
N THR L 104 27.14 20.61 1.72
CA THR L 104 28.46 20.82 2.29
C THR L 104 29.50 20.89 1.19
N ILE L 105 30.41 21.85 1.29
CA ILE L 105 31.48 22.00 0.30
C ILE L 105 32.79 22.27 1.05
N VAL L 106 33.81 21.46 0.75
CA VAL L 106 35.13 21.58 1.35
C VAL L 106 36.14 21.88 0.24
N VAL L 107 36.90 22.95 0.43
CA VAL L 107 37.79 23.54 -0.56
C VAL L 107 39.19 23.57 0.03
N SER L 108 40.17 23.07 -0.71
CA SER L 108 41.53 22.99 -0.17
C SER L 108 42.54 23.42 -1.22
N GLU L 109 43.79 23.52 -0.78
CA GLU L 109 44.89 23.96 -1.63
C GLU L 109 45.24 22.92 -2.67
N LYS L 110 45.74 23.37 -3.81
CA LYS L 110 46.13 22.45 -4.88
C LYS L 110 47.63 22.27 -4.94
N MET M 1 -24.73 55.95 44.45
CA MET M 1 -25.92 56.44 43.76
C MET M 1 -25.70 56.52 42.26
N LYS M 2 -24.72 55.75 41.77
CA LYS M 2 -24.22 55.78 40.39
C LYS M 2 -23.75 57.18 40.03
N ASP M 3 -22.66 57.61 40.65
CA ASP M 3 -22.03 58.88 40.34
C ASP M 3 -21.50 58.88 38.90
N PRO M 4 -21.39 60.06 38.28
CA PRO M 4 -21.02 60.11 36.86
C PRO M 4 -19.58 59.72 36.55
N ARG M 5 -18.70 59.67 37.55
CA ARG M 5 -17.29 59.41 37.26
C ARG M 5 -17.05 57.95 36.89
N ASP M 6 -18.01 57.08 37.14
CA ASP M 6 -17.93 55.68 36.73
C ASP M 6 -18.77 55.39 35.49
N VAL M 7 -18.96 56.39 34.63
CA VAL M 7 -19.58 56.17 33.33
C VAL M 7 -18.52 56.34 32.26
N LEU M 8 -17.76 57.42 32.34
CA LEU M 8 -16.72 57.73 31.35
C LEU M 8 -15.42 57.08 31.80
N LYS M 9 -14.94 56.10 31.03
CA LYS M 9 -13.72 55.42 31.42
C LYS M 9 -12.49 56.20 30.98
N ARG M 10 -12.32 56.37 29.69
CA ARG M 10 -11.11 56.97 29.13
C ARG M 10 -11.44 57.59 27.79
N PRO M 11 -10.65 58.53 27.32
CA PRO M 11 -10.87 59.08 25.99
C PRO M 11 -10.26 58.22 24.90
N VAL M 12 -10.61 58.53 23.66
CA VAL M 12 -10.09 57.85 22.49
C VAL M 12 -9.21 58.85 21.76
N ILE M 13 -7.90 58.59 21.70
CA ILE M 13 -6.98 59.50 21.04
C ILE M 13 -6.40 58.81 19.82
N THR M 14 -7.04 58.98 18.68
CA THR M 14 -6.64 58.39 17.41
C THR M 14 -6.57 59.50 16.37
N GLU M 15 -6.51 59.12 15.11
CA GLU M 15 -6.40 60.10 14.03
C GLU M 15 -7.77 60.48 13.47
N ARG M 16 -8.81 59.70 13.74
CA ARG M 16 -10.17 60.11 13.44
C ARG M 16 -10.77 60.95 14.55
N SER M 17 -10.40 60.69 15.80
CA SER M 17 -10.83 61.53 16.92
C SER M 17 -10.28 62.94 16.84
N ALA M 18 -9.01 63.11 16.48
CA ALA M 18 -8.44 64.44 16.35
C ALA M 18 -9.01 65.16 15.13
N ASP M 19 -9.46 64.43 14.13
CA ASP M 19 -10.16 65.00 13.00
C ASP M 19 -11.58 65.42 13.32
N LEU M 20 -12.28 64.65 14.15
CA LEU M 20 -13.61 64.99 14.63
C LEU M 20 -13.60 66.16 15.60
N MET M 21 -12.53 66.33 16.37
CA MET M 21 -12.46 67.37 17.39
C MET M 21 -12.46 68.79 16.82
N THR M 22 -12.18 68.96 15.52
CA THR M 22 -12.32 70.27 14.90
C THR M 22 -13.78 70.65 14.68
N GLU M 23 -14.70 69.71 14.80
CA GLU M 23 -16.13 69.95 14.72
C GLU M 23 -16.80 70.01 16.09
N LYS M 24 -15.98 70.10 17.16
CA LYS M 24 -16.41 70.01 18.56
C LYS M 24 -17.19 68.72 18.83
N LYS M 25 -16.64 67.60 18.37
CA LYS M 25 -17.17 66.27 18.66
C LYS M 25 -16.09 65.51 19.40
N TYR M 26 -16.43 64.93 20.55
CA TYR M 26 -15.45 64.33 21.44
C TYR M 26 -15.80 62.87 21.66
N THR M 27 -14.81 62.00 21.54
CA THR M 27 -15.04 60.56 21.60
C THR M 27 -14.56 60.01 22.93
N PHE M 28 -15.46 59.35 23.65
CA PHE M 28 -15.13 58.69 24.90
C PHE M 28 -15.42 57.21 24.79
N GLU M 29 -14.79 56.45 25.66
CA GLU M 29 -15.13 55.05 25.88
C GLU M 29 -15.90 54.99 27.19
N VAL M 30 -17.06 54.34 27.16
CA VAL M 30 -17.95 54.39 28.32
C VAL M 30 -18.14 53.00 28.90
N ASP M 31 -18.86 52.92 30.00
CA ASP M 31 -19.24 51.64 30.59
C ASP M 31 -20.19 50.91 29.66
N VAL M 32 -20.17 49.58 29.71
CA VAL M 32 -20.90 48.80 28.72
C VAL M 32 -22.39 48.77 29.04
N ARG M 33 -22.78 49.13 30.25
CA ARG M 33 -24.18 49.13 30.64
C ARG M 33 -24.85 50.49 30.51
N ALA M 34 -24.08 51.56 30.32
CA ALA M 34 -24.64 52.90 30.30
C ALA M 34 -25.40 53.14 29.01
N ASN M 35 -26.53 53.84 29.11
CA ASN M 35 -27.34 54.15 27.95
C ASN M 35 -27.09 55.60 27.52
N LYS M 36 -27.85 56.04 26.53
CA LYS M 36 -27.48 57.24 25.77
C LYS M 36 -27.69 58.51 26.57
N THR M 37 -28.61 58.48 27.53
CA THR M 37 -28.97 59.67 28.28
C THR M 37 -28.39 59.69 29.68
N GLU M 38 -27.50 58.76 29.99
CA GLU M 38 -26.62 58.89 31.14
C GLU M 38 -25.30 59.51 30.78
N VAL M 39 -24.80 59.25 29.58
CA VAL M 39 -23.57 59.86 29.09
C VAL M 39 -23.72 61.36 28.97
N LYS M 40 -24.89 61.83 28.54
CA LYS M 40 -25.12 63.26 28.39
C LYS M 40 -25.10 63.97 29.74
N ASP M 41 -25.77 63.41 30.73
CA ASP M 41 -25.75 63.94 32.08
C ASP M 41 -24.37 63.86 32.72
N ALA M 42 -23.61 62.81 32.45
CA ALA M 42 -22.26 62.68 32.99
C ALA M 42 -21.30 63.71 32.41
N VAL M 43 -21.33 63.93 31.09
CA VAL M 43 -20.52 64.99 30.50
C VAL M 43 -20.96 66.37 30.95
N GLU M 44 -22.25 66.65 31.04
CA GLU M 44 -22.71 67.94 31.52
C GLU M 44 -22.44 68.17 32.99
N SER M 45 -22.26 67.13 33.79
CA SER M 45 -21.95 67.29 35.21
C SER M 45 -20.46 67.34 35.50
N ILE M 46 -19.63 66.59 34.77
CA ILE M 46 -18.21 66.59 35.06
C ILE M 46 -17.54 67.83 34.50
N PHE M 47 -17.74 68.10 33.21
CA PHE M 47 -16.99 69.16 32.55
C PHE M 47 -17.69 70.51 32.56
N GLY M 48 -19.01 70.54 32.72
CA GLY M 48 -19.72 71.79 32.74
C GLY M 48 -19.87 72.43 31.37
N VAL M 49 -20.40 71.67 30.42
CA VAL M 49 -20.61 72.15 29.06
C VAL M 49 -22.06 71.89 28.68
N LYS M 50 -22.42 72.15 27.43
CA LYS M 50 -23.80 71.96 26.98
C LYS M 50 -23.80 70.99 25.81
N VAL M 51 -24.38 69.82 26.01
CA VAL M 51 -24.36 68.75 25.02
C VAL M 51 -25.55 68.88 24.09
N ASP M 52 -25.30 68.74 22.79
CA ASP M 52 -26.36 68.71 21.79
C ASP M 52 -26.74 67.30 21.38
N LYS M 53 -25.78 66.41 21.17
CA LYS M 53 -26.12 65.06 20.73
C LYS M 53 -25.16 64.06 21.34
N VAL M 54 -25.64 62.81 21.45
CA VAL M 54 -24.80 61.66 21.77
C VAL M 54 -25.14 60.55 20.77
N ASN M 55 -24.12 59.93 20.18
CA ASN M 55 -24.28 58.71 19.41
C ASN M 55 -23.41 57.63 20.03
N ILE M 56 -23.83 56.38 19.94
CA ILE M 56 -23.19 55.27 20.62
C ILE M 56 -23.00 54.10 19.66
N MET M 57 -21.97 53.30 19.93
CA MET M 57 -21.70 52.13 19.10
C MET M 57 -21.00 51.06 19.92
N ASN M 58 -21.39 49.81 19.71
CA ASN M 58 -20.80 48.67 20.37
C ASN M 58 -19.73 48.04 19.49
N TYR M 59 -18.65 47.62 20.12
CA TYR M 59 -17.60 46.88 19.46
C TYR M 59 -17.49 45.48 20.04
N LYS M 60 -16.90 44.57 19.28
CA LYS M 60 -16.72 43.20 19.70
C LYS M 60 -15.28 43.00 20.18
N GLY M 61 -14.92 41.76 20.45
CA GLY M 61 -13.57 41.46 20.86
C GLY M 61 -12.75 40.79 19.79
N LYS M 62 -11.57 41.32 19.51
CA LYS M 62 -10.70 40.72 18.51
C LYS M 62 -10.02 39.48 19.05
N SER M 63 -9.93 38.45 18.22
CA SER M 63 -9.23 37.23 18.61
C SER M 63 -7.72 37.42 18.49
N LYS M 64 -6.99 36.94 19.49
CA LYS M 64 -5.55 37.07 19.53
C LYS M 64 -4.92 35.69 19.70
N ARG M 65 -3.64 35.59 19.34
CA ARG M 65 -2.94 34.30 19.34
C ARG M 65 -1.50 34.40 19.82
N VAL M 66 -1.26 35.05 20.96
CA VAL M 66 0.10 35.30 21.42
C VAL M 66 0.74 34.01 21.92
N GLY M 67 1.59 33.42 21.10
CA GLY M 67 2.23 32.17 21.43
C GLY M 67 1.43 30.99 20.92
N ARG M 68 1.22 30.00 21.77
CA ARG M 68 0.41 28.85 21.45
C ARG M 68 -0.98 28.92 22.09
N TYR M 69 -1.28 29.98 22.82
CA TYR M 69 -2.54 30.14 23.51
C TYR M 69 -3.45 31.08 22.74
N THR M 70 -4.75 30.97 23.01
CA THR M 70 -5.76 31.68 22.24
C THR M 70 -6.75 32.34 23.20
N GLY M 71 -7.17 33.55 22.85
CA GLY M 71 -8.23 34.22 23.60
C GLY M 71 -8.73 35.39 22.80
N MET M 72 -9.51 36.25 23.44
CA MET M 72 -9.98 37.44 22.75
C MET M 72 -10.15 38.58 23.73
N THR M 73 -10.18 39.79 23.17
CA THR M 73 -10.17 41.01 23.96
C THR M 73 -11.59 41.37 24.43
N SER M 74 -11.67 42.49 25.13
CA SER M 74 -12.90 42.91 25.77
C SER M 74 -13.79 43.67 24.80
N ARG M 75 -15.10 43.60 25.05
CA ARG M 75 -16.03 44.42 24.29
C ARG M 75 -15.94 45.86 24.76
N ARG M 76 -16.25 46.77 23.84
CA ARG M 76 -16.13 48.19 24.10
C ARG M 76 -17.43 48.89 23.72
N ARG M 77 -17.62 50.09 24.25
CA ARG M 77 -18.77 50.91 23.95
C ARG M 77 -18.28 52.34 23.78
N LYS M 78 -18.56 52.94 22.63
CA LYS M 78 -17.94 54.19 22.23
C LYS M 78 -19.01 55.24 22.04
N ALA M 79 -18.80 56.41 22.63
CA ALA M 79 -19.75 57.51 22.56
C ALA M 79 -19.11 58.72 21.91
N ILE M 80 -19.88 59.39 21.06
CA ILE M 80 -19.43 60.58 20.36
C ILE M 80 -20.30 61.77 20.77
N VAL M 81 -19.84 62.54 21.75
CA VAL M 81 -20.60 63.65 22.28
C VAL M 81 -20.37 64.89 21.45
N LYS M 82 -21.46 65.50 20.97
CA LYS M 82 -21.39 66.73 20.19
C LYS M 82 -21.98 67.86 21.01
N LEU M 83 -21.17 68.89 21.27
CA LEU M 83 -21.58 70.05 22.04
C LEU M 83 -22.24 71.08 21.13
N THR M 84 -22.84 72.09 21.76
CA THR M 84 -23.47 73.17 21.01
C THR M 84 -22.42 74.17 20.53
N ALA M 85 -22.86 75.32 20.06
CA ALA M 85 -21.95 76.35 19.61
C ALA M 85 -21.35 77.17 20.76
N ASP M 86 -21.66 76.81 22.02
CA ASP M 86 -21.22 77.57 23.18
C ASP M 86 -20.68 76.58 24.21
N SER M 87 -19.41 76.20 24.10
CA SER M 87 -18.82 75.23 25.01
C SER M 87 -17.30 75.26 24.97
N LYS M 88 -16.65 74.57 25.91
CA LYS M 88 -15.19 74.69 26.04
C LYS M 88 -14.43 73.38 25.88
N GLU M 89 -14.70 72.40 26.76
CA GLU M 89 -14.06 71.08 26.84
C GLU M 89 -12.54 71.07 26.91
N ILE M 90 -11.98 71.52 28.02
CA ILE M 90 -10.55 71.78 28.15
C ILE M 90 -9.70 70.51 28.30
N GLU M 91 -10.25 69.47 28.93
CA GLU M 91 -9.40 68.49 29.62
C GLU M 91 -8.78 67.47 28.66
N ILE M 92 -9.37 67.30 27.49
CA ILE M 92 -8.86 66.30 26.54
C ILE M 92 -7.63 66.82 25.80
N HIS N 2 20.62 32.03 56.85
CA HIS N 2 21.32 32.25 58.09
C HIS N 2 22.27 33.43 58.00
N VAL N 3 22.35 34.03 56.82
CA VAL N 3 23.11 35.26 56.60
C VAL N 3 22.22 36.21 55.81
N LYS N 4 22.46 37.49 55.93
CA LYS N 4 21.65 38.48 55.23
C LYS N 4 22.54 39.52 54.56
N LYS N 5 21.91 40.56 54.04
CA LYS N 5 22.62 41.58 53.28
C LYS N 5 23.44 42.46 54.21
N GLY N 6 24.73 42.57 53.92
CA GLY N 6 25.62 43.42 54.70
C GLY N 6 26.54 42.69 55.65
N ASP N 7 26.52 41.37 55.69
CA ASP N 7 27.39 40.63 56.59
C ASP N 7 28.74 40.38 55.95
N LYS N 8 29.77 40.27 56.80
CA LYS N 8 31.11 39.91 56.37
C LYS N 8 31.22 38.40 56.50
N VAL N 9 31.49 37.73 55.39
CA VAL N 9 31.24 36.29 55.31
C VAL N 9 32.47 35.63 54.71
N MET N 10 32.57 34.30 54.79
CA MET N 10 33.71 33.59 54.20
C MET N 10 33.20 32.46 53.32
N VAL N 11 33.83 32.29 52.15
CA VAL N 11 33.47 31.21 51.24
C VAL N 11 34.24 29.96 51.61
N ILE N 12 33.55 28.83 51.64
CA ILE N 12 34.15 27.57 52.09
C ILE N 12 34.11 26.49 51.01
N SER N 13 33.60 26.79 49.83
CA SER N 13 33.59 25.82 48.74
C SER N 13 33.56 26.53 47.40
N GLY N 14 34.09 25.86 46.39
CA GLY N 14 34.15 26.39 45.04
C GLY N 14 35.57 26.78 44.66
N LYS N 15 35.68 27.42 43.49
CA LYS N 15 36.97 27.94 43.06
C LYS N 15 37.42 29.09 43.95
N ASP N 16 36.47 29.83 44.52
CA ASP N 16 36.77 30.96 45.38
C ASP N 16 36.78 30.57 46.84
N LYS N 17 37.19 29.36 47.14
CA LYS N 17 37.25 28.90 48.52
C LYS N 17 38.40 29.57 49.24
N GLY N 18 38.11 30.19 50.38
CA GLY N 18 39.09 30.88 51.16
C GLY N 18 39.03 32.39 51.05
N LYS N 19 38.31 32.92 50.07
CA LYS N 19 38.12 34.35 49.99
C LYS N 19 37.06 34.80 50.98
N GLN N 20 37.02 36.10 51.23
CA GLN N 20 36.00 36.62 52.13
C GLN N 20 35.55 37.98 51.63
N GLY N 21 34.25 38.26 51.78
CA GLY N 21 33.70 39.49 51.29
C GLY N 21 32.46 39.93 52.03
N THR N 22 31.72 40.86 51.43
CA THR N 22 30.54 41.43 52.03
C THR N 22 29.35 41.10 51.13
N ILE N 23 28.26 40.61 51.75
CA ILE N 23 27.09 40.23 50.99
C ILE N 23 26.40 41.48 50.45
N LEU N 24 26.19 41.52 49.15
CA LEU N 24 25.54 42.65 48.49
C LEU N 24 24.04 42.44 48.35
N ALA N 25 23.62 41.32 47.78
CA ALA N 25 22.22 41.00 47.60
C ALA N 25 21.91 39.67 48.26
N ALA N 26 20.62 39.35 48.35
CA ALA N 26 20.20 38.05 48.84
C ALA N 26 18.90 37.67 48.15
N PHE N 27 18.82 36.44 47.69
CA PHE N 27 17.65 35.92 46.96
C PHE N 27 17.09 34.74 47.73
N PRO N 28 16.26 34.97 48.75
CA PRO N 28 15.84 33.85 49.60
C PRO N 28 14.81 32.94 48.97
N LYS N 29 14.25 33.29 47.82
CA LYS N 29 13.29 32.41 47.18
C LYS N 29 13.98 31.28 46.42
N LYS N 30 15.25 31.46 46.07
CA LYS N 30 16.01 30.40 45.42
C LYS N 30 17.35 30.14 46.09
N ASP N 31 17.54 30.60 47.32
CA ASP N 31 18.63 30.25 48.23
C ASP N 31 20.00 30.68 47.74
N ARG N 32 20.08 31.65 46.85
CA ARG N 32 21.38 32.13 46.41
C ARG N 32 21.72 33.42 47.16
N VAL N 33 22.95 33.88 46.97
CA VAL N 33 23.44 35.08 47.64
C VAL N 33 24.57 35.61 46.78
N LEU N 34 24.90 36.89 46.92
CA LEU N 34 25.83 37.55 46.03
C LEU N 34 26.96 38.20 46.82
N VAL N 35 28.13 37.58 46.81
CA VAL N 35 29.27 38.08 47.57
C VAL N 35 30.14 38.96 46.68
N GLU N 36 30.84 39.91 47.30
CA GLU N 36 31.62 40.91 46.58
C GLU N 36 33.00 40.37 46.24
N GLY N 37 33.32 40.32 44.96
CA GLY N 37 34.62 39.84 44.52
C GLY N 37 34.70 38.35 44.29
N VAL N 38 33.57 37.65 44.27
CA VAL N 38 33.51 36.20 44.17
C VAL N 38 32.68 35.84 42.96
N ASN N 39 33.16 34.86 42.17
CA ASN N 39 32.42 34.23 41.07
C ASN N 39 32.09 35.25 39.97
N MET N 40 33.14 35.77 39.36
CA MET N 40 33.01 36.77 38.31
C MET N 40 32.75 36.10 36.96
N VAL N 41 31.81 36.68 36.21
CA VAL N 41 31.48 36.19 34.87
C VAL N 41 31.77 37.30 33.87
N LYS N 42 31.77 36.93 32.59
CA LYS N 42 32.08 37.85 31.50
C LYS N 42 30.93 37.81 30.50
N LYS N 43 29.97 38.70 30.67
CA LYS N 43 28.78 38.68 29.84
C LYS N 43 29.04 39.38 28.51
N HIS N 44 28.43 38.84 27.45
CA HIS N 44 28.54 39.37 26.09
C HIS N 44 27.30 40.19 25.78
N SER N 45 27.37 41.48 26.09
CA SER N 45 26.18 42.33 25.94
C SER N 45 26.20 43.07 24.62
N LYS N 46 25.04 43.13 23.98
CA LYS N 46 24.80 43.77 22.69
C LYS N 46 24.51 45.25 22.92
N PRO N 47 24.75 46.12 21.93
CA PRO N 47 24.31 47.52 22.09
C PRO N 47 22.81 47.69 21.98
N THR N 48 22.10 47.51 23.09
CA THR N 48 20.67 47.68 23.19
C THR N 48 20.30 49.16 23.32
N GLN N 49 19.05 49.40 23.70
CA GLN N 49 18.54 50.75 23.89
C GLN N 49 18.50 51.10 25.39
N ALA N 50 19.68 51.09 26.03
CA ALA N 50 19.76 51.81 27.30
C ALA N 50 20.81 52.89 27.27
N ASN N 51 22.09 52.49 27.26
CA ASN N 51 23.26 53.21 26.78
C ASN N 51 24.51 52.33 26.57
N PRO N 52 24.50 51.27 25.75
CA PRO N 52 25.74 50.55 25.51
C PRO N 52 26.40 50.93 24.19
N GLN N 53 27.62 50.43 24.03
CA GLN N 53 28.23 50.24 22.72
C GLN N 53 28.52 48.76 22.49
N GLY N 54 28.10 47.90 23.41
CA GLY N 54 28.43 46.49 23.39
C GLY N 54 29.36 46.16 24.53
N GLY N 55 30.40 45.37 24.24
CA GLY N 55 31.46 45.14 25.20
C GLY N 55 31.22 43.91 26.04
N ILE N 56 32.29 43.48 26.70
CA ILE N 56 32.28 42.35 27.62
C ILE N 56 32.42 42.90 29.04
N SER N 57 31.42 42.65 29.88
CA SER N 57 31.39 43.17 31.23
C SER N 57 32.10 42.19 32.17
N ASN N 58 32.22 42.56 33.44
CA ASN N 58 32.88 41.69 34.41
C ASN N 58 32.13 41.63 35.73
N GLN N 59 30.83 41.37 35.68
CA GLN N 59 29.97 41.41 36.85
C GLN N 59 30.15 40.17 37.72
N GLU N 60 29.34 40.05 38.76
CA GLU N 60 29.37 38.93 39.70
C GLU N 60 28.19 38.00 39.46
N ALA N 61 28.32 36.79 39.97
CA ALA N 61 27.30 35.77 39.86
C ALA N 61 26.87 35.33 41.25
N PRO N 62 25.62 34.90 41.43
CA PRO N 62 25.18 34.44 42.76
C PRO N 62 25.60 33.00 43.04
N ILE N 63 26.05 32.75 44.26
CA ILE N 63 26.44 31.42 44.70
C ILE N 63 25.44 30.94 45.74
N HIS N 64 25.49 29.66 46.09
CA HIS N 64 24.55 29.09 47.05
C HIS N 64 24.88 29.57 48.46
N VAL N 65 23.88 29.50 49.34
CA VAL N 65 24.07 29.97 50.71
C VAL N 65 24.70 28.95 51.63
N SER N 66 24.80 27.69 51.22
CA SER N 66 25.49 26.69 52.01
C SER N 66 26.99 26.82 51.93
N ASN N 67 27.49 27.59 50.97
CA ASN N 67 28.92 27.73 50.72
C ASN N 67 29.54 28.90 51.47
N VAL N 68 28.77 29.63 52.27
CA VAL N 68 29.27 30.78 52.99
C VAL N 68 28.99 30.61 54.47
N MET N 69 29.90 31.11 55.30
CA MET N 69 29.73 31.04 56.74
C MET N 69 30.13 32.37 57.34
N PRO N 70 29.39 32.89 58.32
CA PRO N 70 29.74 34.17 58.92
C PRO N 70 30.96 34.04 59.81
N LEU N 71 31.62 35.18 60.05
CA LEU N 71 32.86 35.18 60.79
C LEU N 71 32.62 35.51 62.26
N ASP N 72 33.33 34.81 63.12
CA ASP N 72 33.31 35.12 64.55
C ASP N 72 33.93 36.49 64.78
N PRO N 73 33.34 37.34 65.64
CA PRO N 73 33.91 38.67 65.84
C PRO N 73 35.24 38.69 66.55
N LYS N 74 35.44 37.88 67.59
CA LYS N 74 36.66 38.02 68.37
C LYS N 74 37.84 37.26 67.77
N THR N 75 37.65 36.00 67.41
CA THR N 75 38.76 35.21 66.88
C THR N 75 39.02 35.55 65.42
N GLY N 76 38.03 35.33 64.56
CA GLY N 76 38.18 35.66 63.16
C GLY N 76 38.12 34.47 62.22
N GLU N 77 37.45 33.41 62.65
CA GLU N 77 37.21 32.27 61.79
C GLU N 77 35.74 31.91 61.83
N VAL N 78 35.34 30.97 60.96
CA VAL N 78 33.94 30.70 60.68
C VAL N 78 33.24 30.07 61.87
N THR N 79 31.92 30.22 61.92
CA THR N 79 31.12 29.76 63.05
C THR N 79 29.78 29.26 62.57
N ARG N 80 29.06 28.60 63.46
CA ARG N 80 27.66 28.30 63.26
C ARG N 80 26.84 29.25 64.13
N VAL N 81 25.65 29.58 63.65
CA VAL N 81 24.85 30.63 64.29
C VAL N 81 23.84 30.01 65.23
N GLY N 82 23.46 30.77 66.24
CA GLY N 82 22.43 30.37 67.16
C GLY N 82 21.60 31.60 67.47
N TYR N 83 20.52 31.46 68.21
CA TYR N 83 19.67 32.62 68.45
C TYR N 83 19.44 32.79 69.94
N LYS N 84 19.30 34.04 70.36
CA LYS N 84 19.15 34.29 71.80
C LYS N 84 18.27 35.52 72.01
N VAL N 85 17.22 35.36 72.81
CA VAL N 85 16.36 36.47 73.18
C VAL N 85 17.10 37.37 74.15
N GLU N 86 17.47 38.56 73.71
CA GLU N 86 18.14 39.54 74.54
C GLU N 86 17.39 40.86 74.38
N ASP N 87 17.11 41.50 75.53
CA ASP N 87 16.38 42.76 75.77
C ASP N 87 15.25 43.03 74.79
N GLY N 88 14.35 42.07 74.64
CA GLY N 88 13.28 42.20 73.66
C GLY N 88 13.37 41.16 72.58
N LYS N 89 13.75 41.59 71.37
CA LYS N 89 13.75 40.76 70.18
C LYS N 89 14.91 39.75 70.22
N LYS N 90 14.93 38.84 69.24
CA LYS N 90 16.01 37.88 69.12
C LYS N 90 17.21 38.52 68.44
N VAL N 91 18.39 37.97 68.72
CA VAL N 91 19.60 38.31 67.98
C VAL N 91 20.31 37.01 67.62
N ARG N 92 21.09 37.07 66.54
CA ARG N 92 21.98 35.98 66.19
C ARG N 92 23.23 36.03 67.06
N VAL N 93 23.62 34.88 67.61
CA VAL N 93 24.83 34.76 68.40
C VAL N 93 25.74 33.77 67.69
N ALA N 94 27.04 33.87 67.97
CA ALA N 94 28.00 32.92 67.44
C ALA N 94 28.15 31.76 68.41
N LYS N 95 28.00 30.53 67.92
CA LYS N 95 28.10 29.37 68.80
C LYS N 95 29.55 29.17 69.25
N LYS N 96 30.49 29.55 68.40
CA LYS N 96 31.90 29.49 68.76
C LYS N 96 32.31 30.78 69.43
N SER N 97 32.66 30.69 70.71
CA SER N 97 33.10 31.83 71.55
C SER N 97 32.03 32.93 71.60
N GLY N 98 30.94 32.58 72.30
CA GLY N 98 29.68 33.30 72.31
C GLY N 98 29.66 34.80 72.40
N GLN N 99 29.13 35.43 71.35
CA GLN N 99 29.13 36.87 71.17
C GLN N 99 27.84 37.23 70.47
N VAL N 100 27.76 38.44 69.90
CA VAL N 100 26.59 38.83 69.10
C VAL N 100 27.09 39.29 67.74
N LEU N 101 26.56 38.69 66.68
CA LEU N 101 26.95 39.07 65.33
C LEU N 101 26.33 40.40 64.95
N GLY O 21 -28.82 -56.25 3.07
CA GLY O 21 -27.59 -56.81 3.60
C GLY O 21 -27.49 -56.73 5.11
N ARG O 22 -28.07 -57.71 5.80
CA ARG O 22 -28.07 -57.77 7.25
C ARG O 22 -27.45 -59.07 7.71
N ASP O 23 -26.82 -59.03 8.87
CA ASP O 23 -26.31 -60.21 9.54
C ASP O 23 -26.19 -59.92 11.03
N SER O 24 -25.80 -60.93 11.80
CA SER O 24 -25.81 -60.88 13.26
C SER O 24 -24.39 -60.87 13.80
N GLU O 25 -24.30 -60.71 15.12
CA GLU O 25 -23.02 -60.72 15.81
C GLU O 25 -22.50 -62.16 15.90
N ALA O 26 -21.22 -62.34 15.57
CA ALA O 26 -20.65 -63.68 15.52
C ALA O 26 -20.41 -64.23 16.93
N LYS O 27 -20.81 -65.48 17.13
CA LYS O 27 -20.59 -66.18 18.37
C LYS O 27 -19.33 -67.04 18.27
N ARG O 28 -18.54 -67.03 19.33
CA ARG O 28 -17.31 -67.79 19.36
C ARG O 28 -17.59 -69.25 19.63
N LEU O 29 -16.81 -70.12 18.99
CA LEU O 29 -16.96 -71.55 19.16
C LEU O 29 -15.58 -72.18 19.23
N GLY O 30 -15.54 -73.49 19.11
CA GLY O 30 -14.26 -74.19 19.03
C GLY O 30 -13.71 -74.53 20.39
N ALA O 31 -12.52 -75.12 20.36
CA ALA O 31 -11.86 -75.54 21.59
C ALA O 31 -11.32 -74.33 22.34
N LYS O 32 -11.38 -74.39 23.67
CA LYS O 32 -10.92 -73.30 24.50
C LYS O 32 -9.63 -73.63 25.24
N ARG O 33 -9.35 -74.90 25.51
CA ARG O 33 -8.08 -75.29 26.10
C ARG O 33 -7.55 -76.51 25.36
N ALA O 34 -6.23 -76.68 25.39
CA ALA O 34 -5.56 -77.60 24.50
C ALA O 34 -5.09 -78.85 25.23
N ASP O 35 -4.50 -79.76 24.45
CA ASP O 35 -3.97 -81.01 24.99
C ASP O 35 -2.78 -80.73 25.90
N GLY O 36 -2.70 -81.49 26.98
CA GLY O 36 -1.59 -81.41 27.90
C GLY O 36 -1.65 -80.28 28.90
N GLN O 37 -2.57 -79.35 28.75
CA GLN O 37 -2.65 -78.21 29.65
C GLN O 37 -3.35 -78.60 30.94
N PHE O 38 -2.78 -78.19 32.07
CA PHE O 38 -3.35 -78.48 33.37
C PHE O 38 -4.53 -77.55 33.58
N VAL O 39 -5.70 -78.14 33.86
CA VAL O 39 -6.94 -77.42 33.94
C VAL O 39 -7.43 -77.48 35.39
N THR O 40 -8.34 -76.58 35.74
CA THR O 40 -8.99 -76.59 37.05
C THR O 40 -10.47 -76.93 36.88
N GLY O 41 -11.12 -77.16 38.02
CA GLY O 41 -12.50 -77.64 38.02
C GLY O 41 -13.52 -76.65 37.50
N GLY O 42 -14.36 -77.10 36.57
CA GLY O 42 -15.44 -76.29 36.05
C GLY O 42 -15.11 -75.50 34.81
N SER O 43 -13.91 -75.66 34.26
CA SER O 43 -13.48 -74.86 33.13
C SER O 43 -14.13 -75.34 31.84
N ILE O 44 -14.48 -74.40 30.98
CA ILE O 44 -15.14 -74.72 29.72
C ILE O 44 -14.09 -75.21 28.73
N LEU O 45 -14.37 -76.34 28.07
CA LEU O 45 -13.39 -76.97 27.19
C LEU O 45 -13.77 -76.95 25.72
N TYR O 46 -15.04 -76.75 25.38
CA TYR O 46 -15.48 -76.74 23.98
C TYR O 46 -16.86 -76.11 23.94
N ARG O 47 -17.18 -75.45 22.83
CA ARG O 47 -18.47 -74.80 22.64
C ARG O 47 -19.08 -75.25 21.32
N GLN O 48 -20.06 -76.15 21.39
CA GLN O 48 -20.66 -76.75 20.21
C GLN O 48 -22.03 -76.16 19.89
N ARG O 49 -22.50 -76.44 18.68
CA ARG O 49 -23.92 -76.36 18.36
C ARG O 49 -24.58 -77.73 18.34
N GLY O 50 -23.86 -78.77 17.92
CA GLY O 50 -24.37 -80.12 18.02
C GLY O 50 -23.59 -80.91 19.04
N THR O 51 -23.05 -82.06 18.64
CA THR O 51 -22.18 -82.82 19.52
C THR O 51 -20.94 -83.30 18.77
N LYS O 52 -20.26 -82.37 18.09
CA LYS O 52 -19.10 -82.66 17.26
C LYS O 52 -17.98 -83.33 18.05
N ILE O 53 -17.86 -83.02 19.33
CA ILE O 53 -17.00 -83.78 20.23
C ILE O 53 -17.88 -84.41 21.29
N TYR O 54 -17.49 -85.60 21.74
CA TYR O 54 -18.34 -86.25 22.73
C TYR O 54 -17.75 -86.08 24.13
N PRO O 55 -18.57 -86.06 25.19
CA PRO O 55 -18.02 -85.95 26.54
C PRO O 55 -17.46 -87.28 27.02
N GLY O 56 -16.17 -87.28 27.34
CA GLY O 56 -15.51 -88.44 27.91
C GLY O 56 -15.62 -88.43 29.42
N GLU O 57 -14.67 -89.09 30.07
CA GLU O 57 -14.72 -89.20 31.52
C GLU O 57 -14.24 -87.91 32.17
N ASN O 58 -14.78 -87.62 33.36
CA ASN O 58 -14.59 -86.38 34.13
C ASN O 58 -15.03 -85.13 33.36
N VAL O 59 -15.89 -85.28 32.37
CA VAL O 59 -16.33 -84.18 31.51
C VAL O 59 -17.84 -84.22 31.43
N GLY O 60 -18.48 -83.12 31.77
CA GLY O 60 -19.93 -83.01 31.73
C GLY O 60 -20.43 -82.62 30.35
N ARG O 61 -21.63 -82.03 30.34
CA ARG O 61 -22.20 -81.49 29.11
C ARG O 61 -23.25 -80.46 29.50
N GLY O 62 -23.11 -79.24 28.98
CA GLY O 62 -24.00 -78.16 29.36
C GLY O 62 -25.39 -78.29 28.76
N GLY O 63 -26.14 -77.20 28.90
CA GLY O 63 -27.48 -77.18 28.33
C GLY O 63 -27.46 -77.09 26.82
N ASP O 64 -26.63 -76.22 26.27
CA ASP O 64 -26.47 -76.06 24.84
C ASP O 64 -25.24 -76.79 24.31
N ASP O 65 -24.95 -77.94 24.93
CA ASP O 65 -23.86 -78.85 24.57
C ASP O 65 -22.50 -78.17 24.64
N THR O 66 -22.18 -77.68 25.83
CA THR O 66 -20.91 -77.02 26.11
C THR O 66 -20.19 -77.88 27.14
N LEU O 67 -19.04 -78.44 26.76
CA LEU O 67 -18.36 -79.38 27.64
C LEU O 67 -17.55 -78.64 28.69
N PHE O 68 -17.50 -79.22 29.90
CA PHE O 68 -16.77 -78.60 30.99
C PHE O 68 -16.08 -79.69 31.78
N ALA O 69 -15.14 -79.28 32.63
CA ALA O 69 -14.41 -80.22 33.45
C ALA O 69 -15.01 -80.30 34.85
N LYS O 70 -14.57 -81.29 35.63
CA LYS O 70 -14.97 -81.39 37.03
C LYS O 70 -13.81 -81.56 37.99
N ILE O 71 -12.66 -82.08 37.57
CA ILE O 71 -11.55 -82.37 38.48
C ILE O 71 -10.42 -81.43 38.05
N ASP O 72 -9.36 -81.33 38.84
CA ASP O 72 -8.17 -80.57 38.48
C ASP O 72 -7.18 -81.52 37.82
N GLY O 73 -7.30 -81.68 36.50
CA GLY O 73 -6.41 -82.57 35.78
C GLY O 73 -5.83 -81.98 34.51
N THR O 74 -5.47 -82.84 33.56
CA THR O 74 -4.90 -82.42 32.28
C THR O 74 -5.81 -82.83 31.14
N VAL O 75 -5.99 -81.94 30.16
CA VAL O 75 -6.86 -82.23 29.03
C VAL O 75 -6.17 -83.16 28.06
N LYS O 76 -6.89 -84.18 27.60
CA LYS O 76 -6.33 -85.14 26.63
C LYS O 76 -7.44 -85.52 25.64
N PHE O 77 -7.34 -84.95 24.43
CA PHE O 77 -8.28 -85.31 23.38
C PHE O 77 -7.97 -86.72 22.86
N GLU O 78 -9.02 -87.49 22.56
CA GLU O 78 -8.82 -88.84 22.06
C GLU O 78 -9.83 -89.18 20.97
N ARG O 79 -9.66 -90.32 20.33
CA ARG O 79 -10.53 -90.76 19.25
C ARG O 79 -11.53 -91.78 19.77
N PHE O 80 -12.81 -91.56 19.46
CA PHE O 80 -13.87 -92.38 20.01
C PHE O 80 -14.13 -93.65 19.21
N GLY O 81 -14.61 -93.52 17.96
CA GLY O 81 -15.05 -94.68 17.22
C GLY O 81 -14.75 -94.70 15.73
N ARG O 82 -13.61 -94.09 15.34
CA ARG O 82 -13.15 -93.91 13.94
C ARG O 82 -14.02 -92.89 13.18
N ASP O 83 -15.00 -92.32 13.87
CA ASP O 83 -15.92 -91.35 13.28
C ASP O 83 -16.03 -90.14 14.19
N ARG O 84 -15.81 -90.35 15.48
CA ARG O 84 -16.03 -89.34 16.50
C ARG O 84 -14.78 -89.24 17.39
N LYS O 85 -14.73 -88.17 18.17
CA LYS O 85 -13.64 -87.90 19.09
C LYS O 85 -14.21 -87.39 20.40
N LYS O 86 -13.42 -87.47 21.47
CA LYS O 86 -13.90 -87.12 22.80
C LYS O 86 -12.83 -86.41 23.61
N VAL O 87 -13.23 -85.35 24.32
CA VAL O 87 -12.36 -84.73 25.31
C VAL O 87 -12.35 -85.59 26.56
N SER O 88 -11.21 -85.66 27.23
CA SER O 88 -11.14 -86.34 28.50
C SER O 88 -10.26 -85.55 29.45
N VAL O 89 -10.54 -85.67 30.74
CA VAL O 89 -9.74 -85.01 31.78
C VAL O 89 -9.26 -86.07 32.74
N TYR O 90 -7.94 -86.20 32.89
CA TYR O 90 -7.36 -87.17 33.77
C TYR O 90 -6.72 -86.45 34.96
N PRO O 91 -6.95 -86.91 36.18
CA PRO O 91 -6.32 -86.27 37.34
C PRO O 91 -4.86 -86.65 37.47
N VAL O 92 -4.20 -86.04 38.45
CA VAL O 92 -2.82 -86.35 38.73
C VAL O 92 -2.74 -87.49 39.74
N ALA P 2 31.87 -78.49 16.05
CA ALA P 2 31.94 -77.96 17.41
C ALA P 2 31.22 -76.63 17.50
N LYS P 3 31.89 -75.58 17.02
CA LYS P 3 31.38 -74.23 17.09
C LYS P 3 31.19 -73.66 15.70
N LEU P 4 30.00 -73.12 15.45
CA LEU P 4 29.71 -72.35 14.26
C LEU P 4 30.04 -70.89 14.51
N GLU P 5 30.45 -70.20 13.45
CA GLU P 5 30.81 -68.79 13.50
C GLU P 5 29.93 -68.06 12.52
N ILE P 6 29.09 -67.16 13.02
CA ILE P 6 27.97 -66.61 12.27
C ILE P 6 28.16 -65.10 12.12
N THR P 7 27.93 -64.59 10.90
CA THR P 7 28.13 -63.18 10.57
C THR P 7 26.94 -62.63 9.81
N LEU P 8 26.47 -61.43 10.19
CA LEU P 8 25.47 -60.72 9.40
C LEU P 8 26.11 -60.20 8.12
N LYS P 9 25.55 -60.59 6.98
CA LYS P 9 25.99 -59.99 5.72
C LYS P 9 25.03 -58.88 5.30
N ARG P 10 23.76 -59.21 5.18
CA ARG P 10 22.75 -58.24 4.77
C ARG P 10 22.22 -57.48 5.97
N SER P 11 21.11 -56.76 5.79
CA SER P 11 20.57 -55.93 6.85
C SER P 11 19.14 -56.33 7.11
N VAL P 12 18.58 -55.77 8.17
CA VAL P 12 17.25 -56.15 8.63
C VAL P 12 16.27 -55.00 8.45
N ILE P 13 16.52 -54.14 7.47
CA ILE P 13 15.61 -53.06 7.12
C ILE P 13 14.82 -53.54 5.92
N GLY P 14 13.52 -53.72 6.09
CA GLY P 14 12.68 -54.24 5.04
C GLY P 14 12.32 -55.70 5.18
N ARG P 15 12.75 -56.34 6.24
CA ARG P 15 12.50 -57.74 6.50
C ARG P 15 11.31 -57.90 7.44
N PRO P 16 10.58 -59.00 7.34
CA PRO P 16 9.50 -59.26 8.30
C PRO P 16 10.03 -59.44 9.71
N GLU P 17 9.17 -59.16 10.69
CA GLU P 17 9.66 -58.99 12.06
C GLU P 17 10.05 -60.31 12.70
N ASP P 18 9.41 -61.42 12.32
CA ASP P 18 9.82 -62.73 12.80
C ASP P 18 11.20 -63.13 12.31
N GLN P 19 11.63 -62.62 11.17
CA GLN P 19 12.99 -62.86 10.71
C GLN P 19 14.00 -62.05 11.49
N ARG P 20 13.64 -60.87 11.97
CA ARG P 20 14.60 -60.01 12.62
C ARG P 20 14.61 -60.16 14.14
N VAL P 21 13.61 -60.81 14.72
CA VAL P 21 13.74 -61.28 16.10
C VAL P 21 14.63 -62.53 16.18
N THR P 22 14.59 -63.39 15.17
CA THR P 22 15.49 -64.53 15.09
C THR P 22 16.95 -64.12 14.99
N VAL P 23 17.23 -63.06 14.22
CA VAL P 23 18.59 -62.55 14.08
C VAL P 23 19.05 -61.91 15.39
N ARG P 24 18.19 -61.16 16.05
CA ARG P 24 18.51 -60.48 17.29
C ARG P 24 18.75 -61.45 18.44
N THR P 25 18.11 -62.62 18.43
CA THR P 25 18.32 -63.61 19.47
C THR P 25 19.70 -64.25 19.38
N LEU P 26 20.26 -64.37 18.18
CA LEU P 26 21.60 -64.91 18.03
C LEU P 26 22.64 -63.98 18.63
N GLY P 27 22.37 -62.69 18.69
CA GLY P 27 23.29 -61.75 19.29
C GLY P 27 23.90 -60.80 18.29
N LEU P 28 23.30 -60.72 17.11
CA LEU P 28 23.81 -59.91 16.01
C LEU P 28 23.08 -58.57 15.99
N LYS P 29 23.80 -57.50 16.34
CA LYS P 29 23.21 -56.17 16.39
C LYS P 29 23.56 -55.33 15.18
N LYS P 30 24.82 -55.32 14.78
CA LYS P 30 25.30 -54.53 13.65
C LYS P 30 25.55 -55.45 12.46
N THR P 31 25.70 -54.84 11.30
CA THR P 31 26.13 -55.55 10.11
C THR P 31 27.62 -55.83 10.22
N ASN P 32 28.04 -56.93 9.59
CA ASN P 32 29.42 -57.45 9.63
C ASN P 32 29.89 -57.70 11.07
N GLN P 33 29.02 -58.32 11.85
CA GLN P 33 29.31 -58.67 13.24
C GLN P 33 29.31 -60.19 13.38
N THR P 34 30.30 -60.71 14.11
CA THR P 34 30.51 -62.14 14.20
C THR P 34 30.24 -62.64 15.62
N VAL P 35 29.64 -63.82 15.72
CA VAL P 35 29.43 -64.50 17.00
C VAL P 35 29.79 -65.97 16.83
N VAL P 36 29.97 -66.67 17.94
CA VAL P 36 30.22 -68.11 17.94
C VAL P 36 29.13 -68.79 18.76
N HIS P 37 28.67 -69.93 18.30
CA HIS P 37 27.71 -70.74 19.03
C HIS P 37 28.02 -72.21 18.88
N GLU P 38 27.76 -72.97 19.94
CA GLU P 38 27.92 -74.41 19.89
C GLU P 38 26.89 -75.03 18.96
N ASP P 39 27.32 -76.04 18.21
CA ASP P 39 26.46 -76.66 17.21
C ASP P 39 25.42 -77.54 17.89
N ASN P 40 24.15 -77.16 17.78
CA ASN P 40 23.05 -77.96 18.26
C ASN P 40 22.08 -78.21 17.12
N ALA P 41 20.91 -78.76 17.42
CA ALA P 41 19.82 -78.78 16.47
C ALA P 41 18.94 -77.55 16.57
N ALA P 42 19.06 -76.79 17.65
CA ALA P 42 18.29 -75.57 17.83
C ALA P 42 18.94 -74.39 17.11
N ILE P 43 20.27 -74.30 17.20
CA ILE P 43 21.00 -73.26 16.48
C ILE P 43 20.90 -73.46 14.99
N ARG P 44 21.06 -74.69 14.52
CA ARG P 44 20.99 -75.04 13.10
C ARG P 44 19.63 -74.77 12.48
N GLY P 45 18.56 -74.72 13.27
CA GLY P 45 17.25 -74.41 12.73
C GLY P 45 16.98 -72.92 12.70
N MET P 46 17.68 -72.16 13.55
CA MET P 46 17.62 -70.70 13.46
C MET P 46 18.32 -70.22 12.20
N ILE P 47 19.49 -70.78 11.92
CA ILE P 47 20.27 -70.42 10.74
C ILE P 47 19.51 -70.78 9.47
N ASN P 48 18.80 -71.90 9.49
CA ASN P 48 18.03 -72.32 8.33
C ASN P 48 16.81 -71.44 8.07
N LYS P 49 16.35 -70.70 9.08
CA LYS P 49 15.22 -69.80 8.88
C LYS P 49 15.65 -68.48 8.24
N VAL P 50 16.74 -67.91 8.72
CA VAL P 50 17.33 -66.74 8.11
C VAL P 50 18.70 -67.10 7.54
N SER P 51 18.70 -67.58 6.30
CA SER P 51 19.93 -68.04 5.67
C SER P 51 20.36 -67.15 4.53
N HIS P 52 19.44 -66.37 3.96
CA HIS P 52 19.82 -65.34 3.00
C HIS P 52 20.55 -64.19 3.68
N LEU P 53 20.17 -63.86 4.91
CA LEU P 53 20.74 -62.72 5.59
C LEU P 53 22.11 -62.99 6.18
N VAL P 54 22.48 -64.24 6.38
CA VAL P 54 23.56 -64.54 7.28
C VAL P 54 24.58 -65.42 6.58
N SER P 55 25.78 -65.50 7.16
CA SER P 55 26.83 -66.36 6.63
C SER P 55 27.44 -67.17 7.78
N VAL P 56 27.48 -68.49 7.62
CA VAL P 56 27.93 -69.40 8.66
C VAL P 56 29.23 -70.09 8.21
N LYS P 57 30.20 -70.16 9.11
CA LYS P 57 31.51 -70.74 8.84
C LYS P 57 31.81 -71.77 9.93
N GLU P 58 32.18 -72.97 9.53
CA GLU P 58 32.52 -74.01 10.50
C GLU P 58 33.90 -73.75 11.09
N GLN P 59 33.96 -73.19 12.29
CA GLN P 59 35.22 -72.89 12.95
C GLN P 59 35.94 -74.15 13.39
N ALA Q 2 -1.46 -1.81 -14.10
CA ALA Q 2 -0.12 -2.38 -14.03
C ALA Q 2 0.45 -2.24 -12.63
N VAL Q 3 0.30 -3.29 -11.82
CA VAL Q 3 0.69 -3.25 -10.42
C VAL Q 3 1.95 -4.09 -10.25
N PRO Q 4 3.00 -3.58 -9.57
CA PRO Q 4 4.26 -4.33 -9.43
C PRO Q 4 4.14 -5.63 -8.66
N PHE Q 5 4.80 -6.67 -9.19
CA PHE Q 5 4.79 -7.97 -8.54
C PHE Q 5 5.54 -7.92 -7.22
N ARG Q 6 6.74 -7.35 -7.22
CA ARG Q 6 7.51 -7.24 -6.00
C ARG Q 6 8.45 -6.05 -6.12
N ARG Q 7 9.04 -5.66 -5.00
CA ARG Q 7 9.73 -4.39 -4.91
C ARG Q 7 11.06 -4.44 -5.66
N THR Q 8 11.53 -3.27 -6.07
CA THR Q 8 12.76 -3.19 -6.84
C THR Q 8 13.95 -3.25 -5.90
N SER Q 9 14.93 -4.07 -6.26
CA SER Q 9 16.17 -4.22 -5.51
C SER Q 9 16.97 -2.92 -5.48
N LYS Q 10 18.01 -2.91 -4.67
CA LYS Q 10 18.80 -1.70 -4.52
C LYS Q 10 19.75 -1.50 -5.69
N MET Q 11 20.35 -2.54 -6.21
CA MET Q 11 21.22 -2.38 -7.37
C MET Q 11 20.48 -2.32 -8.68
N LYS Q 12 19.21 -2.70 -8.71
CA LYS Q 12 18.44 -2.58 -9.93
C LYS Q 12 17.93 -1.17 -10.16
N LYS Q 13 17.88 -0.34 -9.13
CA LYS Q 13 17.58 1.06 -9.29
C LYS Q 13 18.81 1.93 -9.37
N ARG Q 14 19.97 1.41 -8.97
CA ARG Q 14 21.22 2.11 -9.19
C ARG Q 14 21.69 1.98 -10.62
N LEU Q 15 21.31 0.89 -11.30
CA LEU Q 15 21.66 0.70 -12.70
C LEU Q 15 20.79 1.51 -13.62
N ARG Q 16 19.53 1.74 -13.25
CA ARG Q 16 18.60 2.47 -14.11
C ARG Q 16 18.95 3.94 -14.21
N ARG Q 17 19.60 4.51 -13.20
CA ARG Q 17 19.98 5.91 -13.19
C ARG Q 17 21.37 6.14 -13.76
N THR Q 18 21.85 5.23 -14.59
CA THR Q 18 23.13 5.40 -15.26
C THR Q 18 23.06 6.51 -16.29
N HIS Q 19 21.94 6.59 -17.01
CA HIS Q 19 21.76 7.55 -18.09
C HIS Q 19 20.90 8.72 -17.64
N PHE Q 20 20.91 9.02 -16.35
CA PHE Q 20 20.09 10.09 -15.80
C PHE Q 20 20.89 11.35 -15.51
N LYS Q 21 22.19 11.33 -15.70
CA LYS Q 21 23.04 12.47 -15.41
C LYS Q 21 22.78 13.60 -16.41
N LEU Q 22 23.17 14.81 -16.02
CA LEU Q 22 23.12 15.97 -16.91
C LEU Q 22 24.53 16.44 -17.17
N ASN Q 23 24.76 16.97 -18.36
CA ASN Q 23 26.10 17.19 -18.86
C ASN Q 23 26.49 18.66 -18.83
N VAL Q 24 27.80 18.90 -18.88
CA VAL Q 24 28.40 20.24 -18.74
C VAL Q 24 27.98 21.10 -19.92
N PRO Q 25 27.70 22.39 -19.71
CA PRO Q 25 27.26 23.22 -20.83
C PRO Q 25 28.39 23.55 -21.79
N GLY Q 26 28.02 23.92 -23.00
CA GLY Q 26 29.01 24.30 -23.99
C GLY Q 26 29.36 25.76 -23.87
N MET Q 27 30.46 26.06 -23.18
CA MET Q 27 30.83 27.41 -22.84
C MET Q 27 32.24 27.71 -23.30
N THR Q 28 32.46 28.92 -23.79
CA THR Q 28 33.76 29.43 -24.17
C THR Q 28 34.04 30.68 -23.37
N GLU Q 29 35.15 31.34 -23.69
CA GLU Q 29 35.55 32.55 -22.98
C GLU Q 29 35.18 33.78 -23.80
N CYS Q 30 34.69 34.81 -23.12
CA CYS Q 30 34.31 36.04 -23.80
C CYS Q 30 35.57 36.84 -24.17
N PRO Q 31 35.71 37.27 -25.42
CA PRO Q 31 36.93 38.00 -25.80
C PRO Q 31 37.03 39.41 -25.24
N SER Q 32 35.96 39.95 -24.65
CA SER Q 32 36.00 41.31 -24.12
C SER Q 32 36.33 41.34 -22.64
N CYS Q 33 35.49 40.72 -21.80
CA CYS Q 33 35.65 40.86 -20.36
C CYS Q 33 36.51 39.75 -19.78
N GLY Q 34 36.45 38.57 -20.37
CA GLY Q 34 37.22 37.44 -19.89
C GLY Q 34 36.46 36.42 -19.09
N GLU Q 35 35.16 36.60 -18.92
CA GLU Q 35 34.34 35.62 -18.23
C GLU Q 35 33.95 34.51 -19.21
N MET Q 36 33.31 33.47 -18.69
CA MET Q 36 32.78 32.42 -19.54
C MET Q 36 31.37 32.76 -19.99
N LYS Q 37 31.00 32.23 -21.14
CA LYS Q 37 29.69 32.50 -21.72
C LYS Q 37 29.37 31.39 -22.70
N LEU Q 38 28.08 31.17 -22.92
CA LEU Q 38 27.65 30.12 -23.84
C LEU Q 38 27.93 30.53 -25.27
N SER Q 39 28.22 29.54 -26.11
CA SER Q 39 28.55 29.81 -27.50
C SER Q 39 27.33 30.31 -28.26
N HIS Q 40 27.58 31.24 -29.19
CA HIS Q 40 26.57 31.88 -30.03
C HIS Q 40 25.53 32.63 -29.21
N ARG Q 41 25.94 33.19 -28.08
CA ARG Q 41 25.02 33.90 -27.22
C ARG Q 41 25.68 35.14 -26.66
N VAL Q 42 24.85 36.12 -26.31
CA VAL Q 42 25.32 37.40 -25.78
C VAL Q 42 25.88 37.18 -24.37
N CYS Q 43 27.02 37.80 -24.09
CA CYS Q 43 27.59 37.73 -22.75
C CYS Q 43 26.69 38.47 -21.76
N LYS Q 44 26.34 37.81 -20.67
CA LYS Q 44 25.45 38.40 -19.70
C LYS Q 44 26.16 39.31 -18.71
N ALA Q 45 27.47 39.46 -18.83
CA ALA Q 45 28.22 40.35 -17.95
C ALA Q 45 28.46 41.71 -18.59
N CYS Q 46 29.09 41.73 -19.77
CA CYS Q 46 29.35 42.98 -20.46
C CYS Q 46 28.27 43.37 -21.45
N GLY Q 47 27.52 42.41 -21.98
CA GLY Q 47 26.50 42.72 -22.96
C GLY Q 47 27.02 42.85 -24.36
N SER Q 48 28.06 42.12 -24.72
CA SER Q 48 28.71 42.26 -26.01
C SER Q 48 28.66 40.94 -26.77
N TYR Q 49 28.43 41.02 -28.07
CA TYR Q 49 28.42 39.86 -28.93
C TYR Q 49 29.07 40.22 -30.25
N ASN Q 50 30.01 39.41 -30.69
CA ASN Q 50 30.73 39.54 -31.96
C ASN Q 50 31.48 40.87 -32.03
N GLY Q 51 32.13 41.22 -30.93
CA GLY Q 51 32.91 42.44 -30.88
C GLY Q 51 32.13 43.66 -30.44
N LYS Q 52 30.99 43.92 -31.07
CA LYS Q 52 30.20 45.12 -30.80
C LYS Q 52 29.45 44.98 -29.47
N ASP Q 53 28.69 46.01 -29.14
CA ASP Q 53 27.97 46.09 -27.88
C ASP Q 53 26.46 46.14 -28.11
N ILE Q 54 25.73 45.40 -27.27
CA ILE Q 54 24.29 45.21 -27.45
C ILE Q 54 23.58 45.93 -26.32
N ASN Q 55 24.18 47.01 -25.84
CA ASN Q 55 23.56 47.80 -24.77
C ASN Q 55 23.55 49.28 -25.13
N MET R 1 -3.60 53.46 56.98
CA MET R 1 -4.00 54.61 57.78
C MET R 1 -5.45 54.50 58.23
N LYS R 2 -5.84 53.33 58.74
CA LYS R 2 -7.17 53.18 59.29
C LYS R 2 -7.31 53.82 60.66
N ALA R 3 -6.25 53.84 61.47
CA ALA R 3 -6.36 54.26 62.86
C ALA R 3 -6.53 55.76 63.03
N ASN R 4 -6.39 56.56 61.97
CA ASN R 4 -6.62 57.99 62.09
C ASN R 4 -7.77 58.47 61.21
N GLU R 5 -8.40 57.58 60.44
CA GLU R 5 -9.65 57.93 59.79
C GLU R 5 -10.81 57.11 60.32
N ILE R 6 -10.59 56.31 61.36
CA ILE R 6 -11.66 55.74 62.15
C ILE R 6 -12.27 56.80 63.08
N ARG R 7 -11.61 57.94 63.23
CA ARG R 7 -12.01 58.98 64.18
C ARG R 7 -12.83 60.08 63.53
N ASP R 8 -13.37 59.84 62.33
CA ASP R 8 -14.06 60.88 61.59
C ASP R 8 -15.56 60.69 61.68
N LEU R 9 -16.28 61.70 61.22
CA LEU R 9 -17.72 61.59 61.07
C LEU R 9 -18.01 60.84 59.78
N THR R 10 -19.10 60.07 59.78
CA THR R 10 -19.51 59.31 58.62
C THR R 10 -19.82 60.23 57.44
N THR R 11 -20.41 61.39 57.72
CA THR R 11 -20.66 62.35 56.66
C THR R 11 -19.42 63.15 56.28
N ALA R 12 -18.42 63.21 57.15
CA ALA R 12 -17.17 63.90 56.86
C ALA R 12 -16.17 63.00 56.15
N GLU R 13 -16.55 61.78 55.81
CA GLU R 13 -15.71 60.91 55.02
C GLU R 13 -16.42 60.23 53.88
N ILE R 14 -17.75 60.24 53.82
CA ILE R 14 -18.45 59.73 52.64
C ILE R 14 -18.41 60.74 51.51
N GLU R 15 -18.19 62.01 51.82
CA GLU R 15 -18.20 63.03 50.80
C GLU R 15 -16.79 63.60 50.62
N GLN R 16 -16.20 64.05 51.72
CA GLN R 16 -14.96 64.80 51.65
C GLN R 16 -13.75 63.88 51.50
N LYS R 17 -13.95 62.56 51.44
CA LYS R 17 -12.82 61.69 51.16
C LYS R 17 -13.09 60.80 49.96
N VAL R 18 -14.28 60.21 49.89
CA VAL R 18 -14.55 59.24 48.83
C VAL R 18 -14.78 59.93 47.49
N LYS R 19 -15.48 61.05 47.47
CA LYS R 19 -15.62 61.81 46.23
C LYS R 19 -14.34 62.52 45.82
N SER R 20 -13.54 62.98 46.78
CA SER R 20 -12.24 63.56 46.46
C SER R 20 -11.30 62.54 45.86
N LEU R 21 -11.24 61.34 46.42
CA LEU R 21 -10.37 60.31 45.87
C LEU R 21 -10.86 59.81 44.53
N LYS R 22 -12.17 59.77 44.31
CA LYS R 22 -12.69 59.42 43.00
C LYS R 22 -12.42 60.48 41.95
N GLU R 23 -12.49 61.76 42.32
CA GLU R 23 -12.09 62.83 41.42
C GLU R 23 -10.60 62.80 41.12
N GLU R 24 -9.78 62.38 42.07
CA GLU R 24 -8.36 62.18 41.80
C GLU R 24 -8.10 60.99 40.90
N LEU R 25 -8.81 59.89 41.08
CA LEU R 25 -8.64 58.71 40.26
C LEU R 25 -9.14 58.89 38.84
N PHE R 26 -10.16 59.73 38.64
CA PHE R 26 -10.63 60.05 37.30
C PHE R 26 -9.60 60.80 36.46
N ASN R 27 -8.77 61.64 37.08
CA ASN R 27 -7.80 62.40 36.31
C ASN R 27 -6.58 61.58 35.94
N LEU R 28 -6.20 60.63 36.80
CA LEU R 28 -5.04 59.79 36.50
C LEU R 28 -5.33 58.85 35.33
N ARG R 29 -6.55 58.35 35.23
CA ARG R 29 -6.92 57.51 34.09
C ARG R 29 -7.02 58.30 32.80
N PHE R 30 -7.20 59.62 32.87
CA PHE R 30 -7.19 60.44 31.68
C PHE R 30 -5.80 60.90 31.31
N GLN R 31 -4.91 61.05 32.29
CA GLN R 31 -3.53 61.36 31.97
C GLN R 31 -2.78 60.14 31.46
N LEU R 32 -3.13 58.95 31.94
CA LEU R 32 -2.51 57.72 31.49
C LEU R 32 -2.89 57.37 30.05
N ALA R 33 -4.09 57.75 29.62
CA ALA R 33 -4.52 57.45 28.26
C ALA R 33 -3.84 58.35 27.24
N THR R 34 -3.40 59.53 27.65
CA THR R 34 -2.68 60.43 26.76
C THR R 34 -1.18 60.13 26.75
N GLY R 35 -0.63 59.77 27.90
CA GLY R 35 0.77 59.39 27.98
C GLY R 35 1.63 60.41 28.70
N GLN R 36 1.09 61.00 29.75
CA GLN R 36 1.80 62.03 30.49
C GLN R 36 1.59 61.85 31.99
N LEU R 37 1.71 60.62 32.46
CA LEU R 37 1.45 60.36 33.88
C LEU R 37 2.72 60.37 34.71
N GLU R 38 3.71 59.54 34.34
CA GLU R 38 5.08 59.47 34.87
C GLU R 38 5.15 58.89 36.29
N ASN R 39 4.01 58.70 36.95
CA ASN R 39 3.98 58.00 38.23
C ASN R 39 2.75 57.09 38.19
N THR R 40 2.97 55.86 37.72
CA THR R 40 1.90 54.90 37.55
C THR R 40 1.66 54.07 38.79
N ALA R 41 2.48 54.21 39.82
CA ALA R 41 2.26 53.58 41.11
C ALA R 41 1.34 54.41 42.00
N ARG R 42 0.71 55.43 41.44
CA ARG R 42 -0.28 56.25 42.12
C ARG R 42 -1.71 55.79 41.85
N ILE R 43 -1.95 55.12 40.73
CA ILE R 43 -3.29 54.61 40.42
C ILE R 43 -3.68 53.50 41.38
N ARG R 44 -2.76 52.59 41.67
CA ARG R 44 -3.03 51.48 42.57
C ARG R 44 -3.22 51.92 44.01
N GLU R 45 -2.65 53.03 44.44
CA GLU R 45 -2.68 53.38 45.84
C GLU R 45 -3.80 54.35 46.21
N VAL R 46 -4.57 54.84 45.25
CA VAL R 46 -5.82 55.50 45.57
C VAL R 46 -7.00 54.55 45.45
N ARG R 47 -6.89 53.51 44.61
CA ARG R 47 -7.95 52.52 44.50
C ARG R 47 -8.11 51.72 45.79
N LYS R 48 -7.01 51.53 46.52
CA LYS R 48 -7.09 50.85 47.80
C LYS R 48 -7.49 51.79 48.92
N ALA R 49 -7.10 53.07 48.83
CA ALA R 49 -7.54 54.05 49.80
C ALA R 49 -9.03 54.32 49.74
N ILE R 50 -9.65 54.16 48.55
CA ILE R 50 -11.10 54.22 48.47
C ILE R 50 -11.76 53.05 49.19
N ALA R 51 -11.27 51.83 48.99
CA ALA R 51 -11.79 50.64 49.67
C ALA R 51 -11.62 50.70 51.18
N ARG R 52 -10.54 51.29 51.65
CA ARG R 52 -10.32 51.50 53.07
C ARG R 52 -11.36 52.40 53.72
N MET R 53 -11.94 53.35 52.97
CA MET R 53 -13.01 54.17 53.51
C MET R 53 -14.32 53.42 53.56
N LYS R 54 -14.62 52.67 52.50
CA LYS R 54 -15.90 51.97 52.43
C LYS R 54 -15.98 50.84 53.44
N THR R 55 -14.85 50.22 53.78
CA THR R 55 -14.86 49.21 54.83
C THR R 55 -15.24 49.81 56.18
N VAL R 56 -14.69 50.98 56.51
CA VAL R 56 -15.00 51.65 57.75
C VAL R 56 -16.44 52.13 57.78
N ILE R 57 -16.95 52.61 56.64
CA ILE R 57 -18.33 53.06 56.56
C ILE R 57 -19.30 51.89 56.74
N ARG R 58 -19.02 50.76 56.10
CA ARG R 58 -19.86 49.59 56.22
C ARG R 58 -19.82 48.95 57.60
N GLU R 59 -18.68 48.95 58.29
CA GLU R 59 -18.60 48.31 59.59
C GLU R 59 -19.20 49.14 60.72
N ARG R 60 -19.78 50.30 60.40
CA ARG R 60 -20.66 51.01 61.32
C ARG R 60 -22.14 50.76 61.07
N GLU R 61 -22.52 50.35 59.85
CA GLU R 61 -23.90 49.99 59.60
C GLU R 61 -24.27 48.66 60.22
N ILE R 62 -23.30 47.76 60.39
CA ILE R 62 -23.60 46.49 61.04
C ILE R 62 -23.37 46.55 62.55
N ALA R 63 -22.68 47.58 63.04
CA ALA R 63 -22.62 47.81 64.48
C ALA R 63 -23.83 48.56 64.99
N ALA R 64 -24.53 49.28 64.12
CA ALA R 64 -25.77 49.96 64.48
C ALA R 64 -26.97 49.07 64.13
N ASN R 65 -26.93 47.85 64.64
CA ASN R 65 -28.00 46.88 64.42
C ASN R 65 -28.06 45.91 65.60
N MET S 1 -25.01 18.94 -5.44
CA MET S 1 -25.78 18.10 -4.53
C MET S 1 -26.06 18.83 -3.21
N LYS S 2 -27.24 18.59 -2.64
CA LYS S 2 -27.64 19.23 -1.39
C LYS S 2 -27.20 18.35 -0.23
N ARG S 3 -26.31 18.87 0.61
CA ARG S 3 -25.71 18.06 1.65
C ARG S 3 -26.59 18.03 2.90
N THR S 4 -26.25 17.14 3.83
CA THR S 4 -27.13 16.87 4.96
C THR S 4 -27.07 17.94 6.04
N PHE S 5 -26.11 18.86 5.99
CA PHE S 5 -25.98 19.89 7.01
C PHE S 5 -26.12 21.26 6.37
N GLN S 6 -27.21 21.95 6.70
CA GLN S 6 -27.40 23.35 6.35
C GLN S 6 -27.52 24.10 7.67
N PRO S 7 -26.77 25.17 7.88
CA PRO S 7 -26.75 25.80 9.21
C PRO S 7 -27.97 26.67 9.44
N ASN S 8 -28.38 26.70 10.71
CA ASN S 8 -29.46 27.56 11.21
C ASN S 8 -29.33 27.58 12.72
N ASN S 9 -29.16 28.75 13.32
CA ASN S 9 -28.89 28.79 14.75
C ASN S 9 -30.14 28.68 15.58
N ARG S 10 -31.28 29.16 15.06
CA ARG S 10 -32.51 29.16 15.84
C ARG S 10 -33.00 27.74 16.07
N LYS S 11 -33.04 26.91 15.04
CA LYS S 11 -33.46 25.53 15.20
C LYS S 11 -32.32 24.64 15.66
N ARG S 12 -31.15 25.19 15.90
CA ARG S 12 -30.12 24.49 16.65
C ARG S 12 -30.30 24.65 18.15
N SER S 13 -30.52 25.88 18.64
CA SER S 13 -30.76 26.08 20.06
C SER S 13 -32.10 25.57 20.54
N LYS S 14 -33.06 25.35 19.64
CA LYS S 14 -34.38 24.91 20.05
C LYS S 14 -34.45 23.42 20.31
N VAL S 15 -33.46 22.65 19.86
CA VAL S 15 -33.44 21.21 20.08
C VAL S 15 -32.35 20.81 21.06
N HIS S 16 -31.17 21.39 20.93
CA HIS S 16 -30.02 21.01 21.74
C HIS S 16 -29.57 22.13 22.67
N GLY S 17 -30.47 23.00 23.10
CA GLY S 17 -30.08 24.12 23.93
C GLY S 17 -29.97 23.74 25.38
N PHE S 18 -29.68 24.73 26.21
CA PHE S 18 -29.69 24.51 27.65
C PHE S 18 -31.10 24.44 28.18
N ARG S 19 -31.94 25.40 27.79
CA ARG S 19 -33.31 25.46 28.30
C ARG S 19 -34.16 24.33 27.77
N SER S 20 -33.78 23.74 26.65
CA SER S 20 -34.50 22.58 26.14
C SER S 20 -34.09 21.28 26.81
N ARG S 21 -33.00 21.28 27.55
CA ARG S 21 -32.57 20.08 28.25
C ARG S 21 -32.89 20.11 29.72
N MET S 22 -32.97 21.29 30.32
CA MET S 22 -33.36 21.37 31.71
C MET S 22 -34.87 21.35 31.88
N SER S 23 -35.62 21.36 30.79
CA SER S 23 -37.07 21.19 30.83
C SER S 23 -37.47 19.74 30.61
N SER S 24 -36.87 18.81 31.35
CA SER S 24 -37.10 17.39 31.16
C SER S 24 -36.62 16.65 32.39
N LYS S 25 -36.56 15.34 32.29
CA LYS S 25 -35.92 14.50 33.30
C LYS S 25 -34.76 13.72 32.73
N ASN S 26 -34.84 13.30 31.47
CA ASN S 26 -33.73 12.65 30.79
C ASN S 26 -32.75 13.64 30.20
N GLY S 27 -33.19 14.86 29.95
CA GLY S 27 -32.27 15.90 29.54
C GLY S 27 -31.46 16.47 30.68
N ARG S 28 -31.97 16.40 31.90
CA ARG S 28 -31.22 16.84 33.06
C ARG S 28 -30.23 15.80 33.54
N LEU S 29 -30.25 14.59 32.96
CA LEU S 29 -29.25 13.58 33.26
C LEU S 29 -28.07 13.69 32.31
N VAL S 30 -28.31 14.18 31.10
CA VAL S 30 -27.24 14.45 30.15
C VAL S 30 -26.29 15.51 30.69
N LEU S 31 -26.85 16.55 31.31
CA LEU S 31 -26.03 17.61 31.88
C LEU S 31 -25.26 17.13 33.10
N ALA S 32 -25.84 16.21 33.86
CA ALA S 32 -25.14 15.65 35.01
C ALA S 32 -23.99 14.76 34.57
N ARG S 33 -24.18 13.98 33.51
CA ARG S 33 -23.09 13.16 32.97
C ARG S 33 -21.98 14.02 32.37
N ARG S 34 -22.34 15.10 31.69
CA ARG S 34 -21.32 15.96 31.10
C ARG S 34 -20.59 16.79 32.15
N ARG S 35 -21.23 17.09 33.28
CA ARG S 35 -20.50 17.72 34.37
C ARG S 35 -19.61 16.73 35.09
N ARG S 36 -20.04 15.48 35.20
CA ARG S 36 -19.25 14.46 35.89
C ARG S 36 -18.02 14.08 35.09
N LYS S 37 -18.14 14.02 33.76
CA LYS S 37 -16.99 13.72 32.93
C LYS S 37 -16.00 14.87 32.95
N GLY S 38 -16.48 16.10 32.92
CA GLY S 38 -15.61 17.25 33.06
C GLY S 38 -15.59 18.09 31.81
N ARG S 39 -16.65 18.02 31.04
CA ARG S 39 -16.70 18.70 29.75
C ARG S 39 -16.72 20.20 29.92
N LYS S 40 -16.07 20.91 29.00
CA LYS S 40 -16.07 22.36 29.06
C LYS S 40 -17.39 22.92 28.56
N VAL S 41 -17.92 22.36 27.48
CA VAL S 41 -19.17 22.82 26.88
C VAL S 41 -20.26 21.82 27.26
N LEU S 42 -21.31 22.31 27.92
CA LEU S 42 -22.35 21.41 28.40
C LEU S 42 -23.49 21.23 27.42
N SER S 43 -23.72 22.20 26.54
CA SER S 43 -24.86 22.12 25.63
C SER S 43 -24.59 22.99 24.42
N ALA S 44 -25.42 22.82 23.41
CA ALA S 44 -25.28 23.56 22.18
C ALA S 44 -26.02 24.89 22.25
#